data_6J4G
# 
_entry.id   6J4G 
# 
_audit_conform.dict_name       mmcif_pdbx.dic 
_audit_conform.dict_version    5.380 
_audit_conform.dict_location   http://mmcif.pdb.org/dictionaries/ascii/mmcif_pdbx.dic 
# 
loop_
_database_2.database_id 
_database_2.database_code 
_database_2.pdbx_database_accession 
_database_2.pdbx_DOI 
PDB   6J4G         pdb_00006j4g 10.2210/pdb6j4g/pdb 
WWPDB D_1300010447 ?            ?                   
# 
_pdbx_database_status.status_code                     REL 
_pdbx_database_status.status_code_sf                  REL 
_pdbx_database_status.status_code_mr                  ? 
_pdbx_database_status.entry_id                        6J4G 
_pdbx_database_status.recvd_initial_deposition_date   2019-01-08 
_pdbx_database_status.SG_entry                        N 
_pdbx_database_status.deposit_site                    PDBJ 
_pdbx_database_status.process_site                    PDBJ 
_pdbx_database_status.status_code_cs                  ? 
_pdbx_database_status.methods_development_category    ? 
_pdbx_database_status.pdb_format_compatible           Y 
_pdbx_database_status.status_code_nmr_data            ? 
# 
loop_
_audit_author.name 
_audit_author.pdbx_ordinal 
_audit_author.identifier_ORCID 
'Xu, Y.P.' 1 ? 
'Xu, H.'   2 ? 
'Wang, B.' 3 ? 
'Su, X.D.' 4 ? 
# 
_citation.abstract                  ? 
_citation.abstract_id_CAS           ? 
_citation.book_id_ISBN              ? 
_citation.book_publisher            ? 
_citation.book_publisher_city       ? 
_citation.book_title                ? 
_citation.coordinate_linkage        ? 
_citation.country                   ? 
_citation.database_id_Medline       ? 
_citation.details                   ? 
_citation.id                        primary 
_citation.journal_abbrev            'To Be Published' 
_citation.journal_id_ASTM           ? 
_citation.journal_id_CSD            0353 
_citation.journal_id_ISSN           ? 
_citation.journal_full              ? 
_citation.journal_issue             ? 
_citation.journal_volume            ? 
_citation.language                  ? 
_citation.page_first                ? 
_citation.page_last                 ? 
_citation.title                     'Crystal structure of the N-terminal DNA binding domain of AtWRKY33' 
_citation.year                      ? 
_citation.database_id_CSD           ? 
_citation.pdbx_database_id_DOI      ? 
_citation.pdbx_database_id_PubMed   ? 
_citation.unpublished_flag          ? 
# 
loop_
_citation_author.citation_id 
_citation_author.name 
_citation_author.ordinal 
_citation_author.identifier_ORCID 
primary 'Xu, Y.P.' 1 ? 
primary 'Xu, H.'   2 ? 
primary 'Wang, B.' 3 ? 
primary 'Su, X.D.' 4 ? 
# 
_cell.angle_alpha                  90.00 
_cell.angle_alpha_esd              ? 
_cell.angle_beta                   90.00 
_cell.angle_beta_esd               ? 
_cell.angle_gamma                  120.00 
_cell.angle_gamma_esd              ? 
_cell.entry_id                     6J4G 
_cell.details                      ? 
_cell.formula_units_Z              ? 
_cell.length_a                     97.900 
_cell.length_a_esd                 ? 
_cell.length_b                     97.900 
_cell.length_b_esd                 ? 
_cell.length_c                     94.300 
_cell.length_c_esd                 ? 
_cell.volume                       ? 
_cell.volume_esd                   ? 
_cell.Z_PDB                        12 
_cell.reciprocal_angle_alpha       ? 
_cell.reciprocal_angle_beta        ? 
_cell.reciprocal_angle_gamma       ? 
_cell.reciprocal_angle_alpha_esd   ? 
_cell.reciprocal_angle_beta_esd    ? 
_cell.reciprocal_angle_gamma_esd   ? 
_cell.reciprocal_length_a          ? 
_cell.reciprocal_length_b          ? 
_cell.reciprocal_length_c          ? 
_cell.reciprocal_length_a_esd      ? 
_cell.reciprocal_length_b_esd      ? 
_cell.reciprocal_length_c_esd      ? 
_cell.pdbx_unique_axis             ? 
# 
_symmetry.entry_id                         6J4G 
_symmetry.cell_setting                     ? 
_symmetry.Int_Tables_number                179 
_symmetry.space_group_name_Hall            ? 
_symmetry.space_group_name_H-M             'P 65 2 2' 
_symmetry.pdbx_full_space_group_name_H-M   ? 
# 
loop_
_entity.id 
_entity.type 
_entity.src_method 
_entity.pdbx_description 
_entity.formula_weight 
_entity.pdbx_number_of_molecules 
_entity.pdbx_ec 
_entity.pdbx_mutation 
_entity.pdbx_fragment 
_entity.details 
1 polymer     man 'Probable WRKY transcription factor 33'                       8905.031 1 ? ? ? ? 
2 polymer     syn 
;DNA (5'-D(*AP*GP*CP*CP*TP*TP*TP*GP*AP*CP*CP*AP*GP*CP*G)-3')
;
4569.973 1 ? ? ? ? 
3 polymer     syn 
;DNA (5'-D(*TP*CP*GP*CP*TP*GP*GP*TP*CP*AP*AP*AP*GP*GP*C)-3')
;
4609.997 1 ? ? ? ? 
4 non-polymer syn 'ZINC ION'                                                    65.409   1 ? ? ? ? 
# 
_entity_name_com.entity_id   1 
_entity_name_com.name        'WRKY DNA-binding protein 33' 
# 
loop_
_entity_poly.entity_id 
_entity_poly.type 
_entity_poly.nstd_linkage 
_entity_poly.nstd_monomer 
_entity_poly.pdbx_seq_one_letter_code 
_entity_poly.pdbx_seq_one_letter_code_can 
_entity_poly.pdbx_strand_id 
_entity_poly.pdbx_target_identifier 
1 'polypeptide(L)'        no no MREQRKGEDGYNWRKYGQKQVKGSENPRSYYKCTFPNCPTKKKVERSLEGQITEIVYKGSHNHPKPLEHHHHHH 
MREQRKGEDGYNWRKYGQKQVKGSENPRSYYKCTFPNCPTKKKVERSLEGQITEIVYKGSHNHPKPLEHHHHHH B ? 
2 polydeoxyribonucleotide no no '(DA)(DG)(DC)(DC)(DT)(DT)(DT)(DG)(DA)(DC)(DC)(DA)(DG)(DC)(DG)'             AGCCTTTGACCAGCG C ? 
3 polydeoxyribonucleotide no no '(DT)(DC)(DG)(DC)(DT)(DG)(DG)(DT)(DC)(DA)(DA)(DA)(DG)(DG)(DC)'             TCGCTGGTCAAAGGC D ? 
# 
loop_
_entity_poly_seq.entity_id 
_entity_poly_seq.num 
_entity_poly_seq.mon_id 
_entity_poly_seq.hetero 
1 1  MET n 
1 2  ARG n 
1 3  GLU n 
1 4  GLN n 
1 5  ARG n 
1 6  LYS n 
1 7  GLY n 
1 8  GLU n 
1 9  ASP n 
1 10 GLY n 
1 11 TYR n 
1 12 ASN n 
1 13 TRP n 
1 14 ARG n 
1 15 LYS n 
1 16 TYR n 
1 17 GLY n 
1 18 GLN n 
1 19 LYS n 
1 20 GLN n 
1 21 VAL n 
1 22 LYS n 
1 23 GLY n 
1 24 SER n 
1 25 GLU n 
1 26 ASN n 
1 27 PRO n 
1 28 ARG n 
1 29 SER n 
1 30 TYR n 
1 31 TYR n 
1 32 LYS n 
1 33 CYS n 
1 34 THR n 
1 35 PHE n 
1 36 PRO n 
1 37 ASN n 
1 38 CYS n 
1 39 PRO n 
1 40 THR n 
1 41 LYS n 
1 42 LYS n 
1 43 LYS n 
1 44 VAL n 
1 45 GLU n 
1 46 ARG n 
1 47 SER n 
1 48 LEU n 
1 49 GLU n 
1 50 GLY n 
1 51 GLN n 
1 52 ILE n 
1 53 THR n 
1 54 GLU n 
1 55 ILE n 
1 56 VAL n 
1 57 TYR n 
1 58 LYS n 
1 59 GLY n 
1 60 SER n 
1 61 HIS n 
1 62 ASN n 
1 63 HIS n 
1 64 PRO n 
1 65 LYS n 
1 66 PRO n 
1 67 LEU n 
1 68 GLU n 
1 69 HIS n 
1 70 HIS n 
1 71 HIS n 
1 72 HIS n 
1 73 HIS n 
1 74 HIS n 
2 1  DA  n 
2 2  DG  n 
2 3  DC  n 
2 4  DC  n 
2 5  DT  n 
2 6  DT  n 
2 7  DT  n 
2 8  DG  n 
2 9  DA  n 
2 10 DC  n 
2 11 DC  n 
2 12 DA  n 
2 13 DG  n 
2 14 DC  n 
2 15 DG  n 
3 1  DT  n 
3 2  DC  n 
3 3  DG  n 
3 4  DC  n 
3 5  DT  n 
3 6  DG  n 
3 7  DG  n 
3 8  DT  n 
3 9  DC  n 
3 10 DA  n 
3 11 DA  n 
3 12 DA  n 
3 13 DG  n 
3 14 DG  n 
3 15 DC  n 
# 
_entity_src_gen.entity_id                          1 
_entity_src_gen.pdbx_src_id                        1 
_entity_src_gen.pdbx_alt_source_flag               sample 
_entity_src_gen.pdbx_seq_type                      'Biological sequence' 
_entity_src_gen.pdbx_beg_seq_num                   1 
_entity_src_gen.pdbx_end_seq_num                   74 
_entity_src_gen.gene_src_common_name               'Mouse-ear cress' 
_entity_src_gen.gene_src_genus                     ? 
_entity_src_gen.pdbx_gene_src_gene                 'WRKY33, At2g38470, T19C21.4' 
_entity_src_gen.gene_src_species                   ? 
_entity_src_gen.gene_src_strain                    ? 
_entity_src_gen.gene_src_tissue                    ? 
_entity_src_gen.gene_src_tissue_fraction           ? 
_entity_src_gen.gene_src_details                   ? 
_entity_src_gen.pdbx_gene_src_fragment             ? 
_entity_src_gen.pdbx_gene_src_scientific_name      'Arabidopsis thaliana' 
_entity_src_gen.pdbx_gene_src_ncbi_taxonomy_id     3702 
_entity_src_gen.pdbx_gene_src_variant              ? 
_entity_src_gen.pdbx_gene_src_cell_line            ? 
_entity_src_gen.pdbx_gene_src_atcc                 ? 
_entity_src_gen.pdbx_gene_src_organ                ? 
_entity_src_gen.pdbx_gene_src_organelle            ? 
_entity_src_gen.pdbx_gene_src_cell                 ? 
_entity_src_gen.pdbx_gene_src_cellular_location    ? 
_entity_src_gen.host_org_common_name               ? 
_entity_src_gen.pdbx_host_org_scientific_name      'Escherichia coli' 
_entity_src_gen.pdbx_host_org_ncbi_taxonomy_id     562 
_entity_src_gen.host_org_genus                     ? 
_entity_src_gen.pdbx_host_org_gene                 ? 
_entity_src_gen.pdbx_host_org_organ                ? 
_entity_src_gen.host_org_species                   ? 
_entity_src_gen.pdbx_host_org_tissue               ? 
_entity_src_gen.pdbx_host_org_tissue_fraction      ? 
_entity_src_gen.pdbx_host_org_strain               ? 
_entity_src_gen.pdbx_host_org_variant              ? 
_entity_src_gen.pdbx_host_org_cell_line            ? 
_entity_src_gen.pdbx_host_org_atcc                 ? 
_entity_src_gen.pdbx_host_org_culture_collection   ? 
_entity_src_gen.pdbx_host_org_cell                 ? 
_entity_src_gen.pdbx_host_org_organelle            ? 
_entity_src_gen.pdbx_host_org_cellular_location    ? 
_entity_src_gen.pdbx_host_org_vector_type          ? 
_entity_src_gen.pdbx_host_org_vector               ? 
_entity_src_gen.host_org_details                   ? 
_entity_src_gen.expression_system_id               ? 
_entity_src_gen.plasmid_name                       ? 
_entity_src_gen.plasmid_details                    ? 
_entity_src_gen.pdbx_description                   ? 
# 
loop_
_pdbx_entity_src_syn.entity_id 
_pdbx_entity_src_syn.pdbx_src_id 
_pdbx_entity_src_syn.pdbx_alt_source_flag 
_pdbx_entity_src_syn.pdbx_beg_seq_num 
_pdbx_entity_src_syn.pdbx_end_seq_num 
_pdbx_entity_src_syn.organism_scientific 
_pdbx_entity_src_syn.organism_common_name 
_pdbx_entity_src_syn.ncbi_taxonomy_id 
_pdbx_entity_src_syn.details 
2 1 sample 1 15 'Arabidopsis thaliana' ? 3702 ? 
3 1 sample 1 15 'Arabidopsis thaliana' ? 3702 ? 
# 
loop_
_struct_ref.id 
_struct_ref.db_name 
_struct_ref.db_code 
_struct_ref.pdbx_db_accession 
_struct_ref.pdbx_db_isoform 
_struct_ref.entity_id 
_struct_ref.pdbx_seq_one_letter_code 
_struct_ref.pdbx_align_begin 
1 UNP WRK33_ARATH Q8S8P5 ? 1 REQRKGEDGYNWRKYGQKQVKGSENPRSYYKCTFPNCPTKKKVERSLEGQITEIVYKGSHNHPKP 178 
2 PDB 6J4G        6J4G   ? 2 ?                                                                 1   
3 PDB 6J4G        6J4G   ? 3 ?                                                                 1   
# 
loop_
_struct_ref_seq.align_id 
_struct_ref_seq.ref_id 
_struct_ref_seq.pdbx_PDB_id_code 
_struct_ref_seq.pdbx_strand_id 
_struct_ref_seq.seq_align_beg 
_struct_ref_seq.pdbx_seq_align_beg_ins_code 
_struct_ref_seq.seq_align_end 
_struct_ref_seq.pdbx_seq_align_end_ins_code 
_struct_ref_seq.pdbx_db_accession 
_struct_ref_seq.db_align_beg 
_struct_ref_seq.pdbx_db_align_beg_ins_code 
_struct_ref_seq.db_align_end 
_struct_ref_seq.pdbx_db_align_end_ins_code 
_struct_ref_seq.pdbx_auth_seq_align_beg 
_struct_ref_seq.pdbx_auth_seq_align_end 
1 1 6J4G B 2 ? 66 ? Q8S8P5 178 ? 242 ? 178 242 
2 2 6J4G C 1 ? 15 ? 6J4G   1   ? 15  ? 1   15  
3 3 6J4G D 1 ? 15 ? 6J4G   1   ? 15  ? 1   15  
# 
loop_
_struct_ref_seq_dif.align_id 
_struct_ref_seq_dif.pdbx_pdb_id_code 
_struct_ref_seq_dif.mon_id 
_struct_ref_seq_dif.pdbx_pdb_strand_id 
_struct_ref_seq_dif.seq_num 
_struct_ref_seq_dif.pdbx_pdb_ins_code 
_struct_ref_seq_dif.pdbx_seq_db_name 
_struct_ref_seq_dif.pdbx_seq_db_accession_code 
_struct_ref_seq_dif.db_mon_id 
_struct_ref_seq_dif.pdbx_seq_db_seq_num 
_struct_ref_seq_dif.details 
_struct_ref_seq_dif.pdbx_auth_seq_num 
_struct_ref_seq_dif.pdbx_ordinal 
1 6J4G MET B 1  ? UNP Q8S8P5 ? ? 'initiating methionine' 177 1 
1 6J4G LEU B 67 ? UNP Q8S8P5 ? ? 'expression tag'        243 2 
1 6J4G GLU B 68 ? UNP Q8S8P5 ? ? 'expression tag'        244 3 
1 6J4G HIS B 69 ? UNP Q8S8P5 ? ? 'expression tag'        245 4 
1 6J4G HIS B 70 ? UNP Q8S8P5 ? ? 'expression tag'        246 5 
1 6J4G HIS B 71 ? UNP Q8S8P5 ? ? 'expression tag'        247 6 
1 6J4G HIS B 72 ? UNP Q8S8P5 ? ? 'expression tag'        248 7 
1 6J4G HIS B 73 ? UNP Q8S8P5 ? ? 'expression tag'        249 8 
1 6J4G HIS B 74 ? UNP Q8S8P5 ? ? 'expression tag'        250 9 
# 
loop_
_chem_comp.id 
_chem_comp.type 
_chem_comp.mon_nstd_flag 
_chem_comp.name 
_chem_comp.pdbx_synonyms 
_chem_comp.formula 
_chem_comp.formula_weight 
ARG 'L-peptide linking' y ARGININE                             ? 'C6 H15 N4 O2 1'  175.209 
ASN 'L-peptide linking' y ASPARAGINE                           ? 'C4 H8 N2 O3'     132.118 
ASP 'L-peptide linking' y 'ASPARTIC ACID'                      ? 'C4 H7 N O4'      133.103 
CYS 'L-peptide linking' y CYSTEINE                             ? 'C3 H7 N O2 S'    121.158 
DA  'DNA linking'       y "2'-DEOXYADENOSINE-5'-MONOPHOSPHATE" ? 'C10 H14 N5 O6 P' 331.222 
DC  'DNA linking'       y "2'-DEOXYCYTIDINE-5'-MONOPHOSPHATE"  ? 'C9 H14 N3 O7 P'  307.197 
DG  'DNA linking'       y "2'-DEOXYGUANOSINE-5'-MONOPHOSPHATE" ? 'C10 H14 N5 O7 P' 347.221 
DT  'DNA linking'       y "THYMIDINE-5'-MONOPHOSPHATE"         ? 'C10 H15 N2 O8 P' 322.208 
GLN 'L-peptide linking' y GLUTAMINE                            ? 'C5 H10 N2 O3'    146.144 
GLU 'L-peptide linking' y 'GLUTAMIC ACID'                      ? 'C5 H9 N O4'      147.129 
GLY 'peptide linking'   y GLYCINE                              ? 'C2 H5 N O2'      75.067  
HIS 'L-peptide linking' y HISTIDINE                            ? 'C6 H10 N3 O2 1'  156.162 
ILE 'L-peptide linking' y ISOLEUCINE                           ? 'C6 H13 N O2'     131.173 
LEU 'L-peptide linking' y LEUCINE                              ? 'C6 H13 N O2'     131.173 
LYS 'L-peptide linking' y LYSINE                               ? 'C6 H15 N2 O2 1'  147.195 
MET 'L-peptide linking' y METHIONINE                           ? 'C5 H11 N O2 S'   149.211 
PHE 'L-peptide linking' y PHENYLALANINE                        ? 'C9 H11 N O2'     165.189 
PRO 'L-peptide linking' y PROLINE                              ? 'C5 H9 N O2'      115.130 
SER 'L-peptide linking' y SERINE                               ? 'C3 H7 N O3'      105.093 
THR 'L-peptide linking' y THREONINE                            ? 'C4 H9 N O3'      119.119 
TRP 'L-peptide linking' y TRYPTOPHAN                           ? 'C11 H12 N2 O2'   204.225 
TYR 'L-peptide linking' y TYROSINE                             ? 'C9 H11 N O3'     181.189 
VAL 'L-peptide linking' y VALINE                               ? 'C5 H11 N O2'     117.146 
ZN  non-polymer         . 'ZINC ION'                           ? 'Zn 2'            65.409  
# 
_exptl.absorpt_coefficient_mu     ? 
_exptl.absorpt_correction_T_max   ? 
_exptl.absorpt_correction_T_min   ? 
_exptl.absorpt_correction_type    ? 
_exptl.absorpt_process_details    ? 
_exptl.entry_id                   6J4G 
_exptl.crystals_number            1 
_exptl.details                    ? 
_exptl.method                     'X-RAY DIFFRACTION' 
_exptl.method_details             ? 
# 
_exptl_crystal.colour                      ? 
_exptl_crystal.density_diffrn              ? 
_exptl_crystal.density_Matthews            3.61 
_exptl_crystal.density_method              ? 
_exptl_crystal.density_percent_sol         65.90 
_exptl_crystal.description                 ? 
_exptl_crystal.F_000                       ? 
_exptl_crystal.id                          1 
_exptl_crystal.preparation                 ? 
_exptl_crystal.size_max                    ? 
_exptl_crystal.size_mid                    ? 
_exptl_crystal.size_min                    ? 
_exptl_crystal.size_rad                    ? 
_exptl_crystal.colour_lustre               ? 
_exptl_crystal.colour_modifier             ? 
_exptl_crystal.colour_primary              ? 
_exptl_crystal.density_meas                ? 
_exptl_crystal.density_meas_esd            ? 
_exptl_crystal.density_meas_gt             ? 
_exptl_crystal.density_meas_lt             ? 
_exptl_crystal.density_meas_temp           ? 
_exptl_crystal.density_meas_temp_esd       ? 
_exptl_crystal.density_meas_temp_gt        ? 
_exptl_crystal.density_meas_temp_lt        ? 
_exptl_crystal.pdbx_crystal_image_url      ? 
_exptl_crystal.pdbx_crystal_image_format   ? 
_exptl_crystal.pdbx_mosaicity              ? 
_exptl_crystal.pdbx_mosaicity_esd          ? 
# 
_exptl_crystal_grow.apparatus       ? 
_exptl_crystal_grow.atmosphere      ? 
_exptl_crystal_grow.crystal_id      1 
_exptl_crystal_grow.details         ? 
_exptl_crystal_grow.method          'VAPOR DIFFUSION, SITTING DROP' 
_exptl_crystal_grow.method_ref      ? 
_exptl_crystal_grow.pH              ? 
_exptl_crystal_grow.pressure        ? 
_exptl_crystal_grow.pressure_esd    ? 
_exptl_crystal_grow.seeding         ? 
_exptl_crystal_grow.seeding_ref     ? 
_exptl_crystal_grow.temp            291 
_exptl_crystal_grow.temp_details    ? 
_exptl_crystal_grow.temp_esd        ? 
_exptl_crystal_grow.time            ? 
_exptl_crystal_grow.pdbx_details    '8% v/v Ethylene glycol, 0.1M HEPES/Sodium hydroxide pH 7.5, 10% PEG 8000' 
_exptl_crystal_grow.pdbx_pH_range   ? 
# 
_diffrn.ambient_environment              ? 
_diffrn.ambient_temp                     100 
_diffrn.ambient_temp_details             ? 
_diffrn.ambient_temp_esd                 ? 
_diffrn.crystal_id                       1 
_diffrn.crystal_support                  ? 
_diffrn.crystal_treatment                ? 
_diffrn.details                          ? 
_diffrn.id                               1 
_diffrn.ambient_pressure                 ? 
_diffrn.ambient_pressure_esd             ? 
_diffrn.ambient_pressure_gt              ? 
_diffrn.ambient_pressure_lt              ? 
_diffrn.ambient_temp_gt                  ? 
_diffrn.ambient_temp_lt                  ? 
_diffrn.pdbx_serial_crystal_experiment   N 
# 
_diffrn_detector.details                      ? 
_diffrn_detector.detector                     PIXEL 
_diffrn_detector.diffrn_id                    1 
_diffrn_detector.type                         'DECTRIS PILATUS 6M' 
_diffrn_detector.area_resol_mean              ? 
_diffrn_detector.dtime                        ? 
_diffrn_detector.pdbx_frames_total            ? 
_diffrn_detector.pdbx_collection_time_total   ? 
_diffrn_detector.pdbx_collection_date         2017-11-22 
_diffrn_detector.pdbx_frequency               ? 
# 
_diffrn_radiation.collimation                      ? 
_diffrn_radiation.diffrn_id                        1 
_diffrn_radiation.filter_edge                      ? 
_diffrn_radiation.inhomogeneity                    ? 
_diffrn_radiation.monochromator                    ? 
_diffrn_radiation.polarisn_norm                    ? 
_diffrn_radiation.polarisn_ratio                   ? 
_diffrn_radiation.probe                            ? 
_diffrn_radiation.type                             ? 
_diffrn_radiation.xray_symbol                      ? 
_diffrn_radiation.wavelength_id                    1 
_diffrn_radiation.pdbx_monochromatic_or_laue_m_l   M 
_diffrn_radiation.pdbx_wavelength_list             ? 
_diffrn_radiation.pdbx_wavelength                  ? 
_diffrn_radiation.pdbx_diffrn_protocol             'SINGLE WAVELENGTH' 
_diffrn_radiation.pdbx_analyzer                    ? 
_diffrn_radiation.pdbx_scattering_type             x-ray 
# 
_diffrn_radiation_wavelength.id           1 
_diffrn_radiation_wavelength.wavelength   0.978 
_diffrn_radiation_wavelength.wt           1.0 
# 
_diffrn_source.current                     ? 
_diffrn_source.details                     ? 
_diffrn_source.diffrn_id                   1 
_diffrn_source.power                       ? 
_diffrn_source.size                        ? 
_diffrn_source.source                      SYNCHROTRON 
_diffrn_source.target                      ? 
_diffrn_source.type                        'SSRF BEAMLINE BL19U1' 
_diffrn_source.voltage                     ? 
_diffrn_source.take-off_angle              ? 
_diffrn_source.pdbx_wavelength_list        0.978 
_diffrn_source.pdbx_wavelength             ? 
_diffrn_source.pdbx_synchrotron_beamline   BL19U1 
_diffrn_source.pdbx_synchrotron_site       SSRF 
# 
_reflns.B_iso_Wilson_estimate            82.13 
_reflns.entry_id                         6J4G 
_reflns.data_reduction_details           ? 
_reflns.data_reduction_method            ? 
_reflns.d_resolution_high                3.0 
_reflns.d_resolution_low                 29.474 
_reflns.details                          ? 
_reflns.limit_h_max                      ? 
_reflns.limit_h_min                      ? 
_reflns.limit_k_max                      ? 
_reflns.limit_k_min                      ? 
_reflns.limit_l_max                      ? 
_reflns.limit_l_min                      ? 
_reflns.number_all                       ? 
_reflns.number_obs                       5684 
_reflns.observed_criterion               ? 
_reflns.observed_criterion_F_max         ? 
_reflns.observed_criterion_F_min         ? 
_reflns.observed_criterion_I_max         ? 
_reflns.observed_criterion_I_min         ? 
_reflns.observed_criterion_sigma_F       ? 
_reflns.observed_criterion_sigma_I       ? 
_reflns.percent_possible_obs             98.83 
_reflns.R_free_details                   ? 
_reflns.Rmerge_F_all                     ? 
_reflns.Rmerge_F_obs                     ? 
_reflns.Friedel_coverage                 ? 
_reflns.number_gt                        ? 
_reflns.threshold_expression             ? 
_reflns.pdbx_redundancy                  24.4 
_reflns.pdbx_Rmerge_I_obs                0.175 
_reflns.pdbx_Rmerge_I_all                ? 
_reflns.pdbx_Rsym_value                  ? 
_reflns.pdbx_netI_over_av_sigmaI         ? 
_reflns.pdbx_netI_over_sigmaI            13 
_reflns.pdbx_res_netI_over_av_sigmaI_2   ? 
_reflns.pdbx_res_netI_over_sigmaI_2      ? 
_reflns.pdbx_chi_squared                 ? 
_reflns.pdbx_scaling_rejects             ? 
_reflns.pdbx_d_res_high_opt              ? 
_reflns.pdbx_d_res_low_opt               ? 
_reflns.pdbx_d_res_opt_method            ? 
_reflns.phase_calculation_details        ? 
_reflns.pdbx_Rrim_I_all                  0.179 
_reflns.pdbx_Rpim_I_all                  0.035 
_reflns.pdbx_d_opt                       ? 
_reflns.pdbx_number_measured_all         ? 
_reflns.pdbx_diffrn_id                   1 
_reflns.pdbx_ordinal                     1 
_reflns.pdbx_CC_half                     0.999 
_reflns.pdbx_R_split                     ? 
# 
_reflns_shell.d_res_high                  3 
_reflns_shell.d_res_low                   3.11 
_reflns_shell.meanI_over_sigI_all         ? 
_reflns_shell.meanI_over_sigI_obs         ? 
_reflns_shell.number_measured_all         ? 
_reflns_shell.number_measured_obs         ? 
_reflns_shell.number_possible             ? 
_reflns_shell.number_unique_all           ? 
_reflns_shell.number_unique_obs           550 
_reflns_shell.percent_possible_all        100 
_reflns_shell.percent_possible_obs        ? 
_reflns_shell.Rmerge_F_all                ? 
_reflns_shell.Rmerge_F_obs                ? 
_reflns_shell.Rmerge_I_all                ? 
_reflns_shell.Rmerge_I_obs                0.8 
_reflns_shell.meanI_over_sigI_gt          ? 
_reflns_shell.meanI_over_uI_all           ? 
_reflns_shell.meanI_over_uI_gt            ? 
_reflns_shell.number_measured_gt          ? 
_reflns_shell.number_unique_gt            ? 
_reflns_shell.percent_possible_gt         ? 
_reflns_shell.Rmerge_F_gt                 ? 
_reflns_shell.Rmerge_I_gt                 ? 
_reflns_shell.pdbx_redundancy             24.1 
_reflns_shell.pdbx_Rsym_value             ? 
_reflns_shell.pdbx_chi_squared            ? 
_reflns_shell.pdbx_netI_over_sigmaI_all   ? 
_reflns_shell.pdbx_netI_over_sigmaI_obs   ? 
_reflns_shell.pdbx_Rrim_I_all             ? 
_reflns_shell.pdbx_Rpim_I_all             0.47 
_reflns_shell.pdbx_rejects                ? 
_reflns_shell.pdbx_ordinal                1 
_reflns_shell.pdbx_diffrn_id              1 
_reflns_shell.pdbx_CC_half                ? 
_reflns_shell.pdbx_R_split                ? 
# 
_refine.aniso_B[1][1]                            ? 
_refine.aniso_B[1][2]                            ? 
_refine.aniso_B[1][3]                            ? 
_refine.aniso_B[2][2]                            ? 
_refine.aniso_B[2][3]                            ? 
_refine.aniso_B[3][3]                            ? 
_refine.B_iso_max                                ? 
_refine.B_iso_mean                               ? 
_refine.B_iso_min                                ? 
_refine.correlation_coeff_Fo_to_Fc               ? 
_refine.correlation_coeff_Fo_to_Fc_free          ? 
_refine.details                                  ? 
_refine.diff_density_max                         ? 
_refine.diff_density_max_esd                     ? 
_refine.diff_density_min                         ? 
_refine.diff_density_min_esd                     ? 
_refine.diff_density_rms                         ? 
_refine.diff_density_rms_esd                     ? 
_refine.entry_id                                 6J4G 
_refine.pdbx_refine_id                           'X-RAY DIFFRACTION' 
_refine.ls_abs_structure_details                 ? 
_refine.ls_abs_structure_Flack                   ? 
_refine.ls_abs_structure_Flack_esd               ? 
_refine.ls_abs_structure_Rogers                  ? 
_refine.ls_abs_structure_Rogers_esd              ? 
_refine.ls_d_res_high                            3.000 
_refine.ls_d_res_low                             29.473 
_refine.ls_extinction_coef                       ? 
_refine.ls_extinction_coef_esd                   ? 
_refine.ls_extinction_expression                 ? 
_refine.ls_extinction_method                     ? 
_refine.ls_goodness_of_fit_all                   ? 
_refine.ls_goodness_of_fit_all_esd               ? 
_refine.ls_goodness_of_fit_obs                   ? 
_refine.ls_goodness_of_fit_obs_esd               ? 
_refine.ls_hydrogen_treatment                    ? 
_refine.ls_matrix_type                           ? 
_refine.ls_number_constraints                    ? 
_refine.ls_number_parameters                     ? 
_refine.ls_number_reflns_all                     ? 
_refine.ls_number_reflns_obs                     5670 
_refine.ls_number_reflns_R_free                  567 
_refine.ls_number_reflns_R_work                  ? 
_refine.ls_number_restraints                     ? 
_refine.ls_percent_reflns_obs                    99.02 
_refine.ls_percent_reflns_R_free                 10.00 
_refine.ls_R_factor_all                          ? 
_refine.ls_R_factor_obs                          0.2079 
_refine.ls_R_factor_R_free                       0.2461 
_refine.ls_R_factor_R_free_error                 ? 
_refine.ls_R_factor_R_free_error_details         ? 
_refine.ls_R_factor_R_work                       0.2036 
_refine.ls_R_Fsqd_factor_obs                     ? 
_refine.ls_R_I_factor_obs                        ? 
_refine.ls_redundancy_reflns_all                 ? 
_refine.ls_redundancy_reflns_obs                 ? 
_refine.ls_restrained_S_all                      ? 
_refine.ls_restrained_S_obs                      ? 
_refine.ls_shift_over_esd_max                    ? 
_refine.ls_shift_over_esd_mean                   ? 
_refine.ls_structure_factor_coef                 ? 
_refine.ls_weighting_details                     ? 
_refine.ls_weighting_scheme                      ? 
_refine.ls_wR_factor_all                         ? 
_refine.ls_wR_factor_obs                         ? 
_refine.ls_wR_factor_R_free                      ? 
_refine.ls_wR_factor_R_work                      ? 
_refine.occupancy_max                            ? 
_refine.occupancy_min                            ? 
_refine.solvent_model_details                    ? 
_refine.solvent_model_param_bsol                 ? 
_refine.solvent_model_param_ksol                 ? 
_refine.ls_R_factor_gt                           ? 
_refine.ls_goodness_of_fit_gt                    ? 
_refine.ls_goodness_of_fit_ref                   ? 
_refine.ls_shift_over_su_max                     ? 
_refine.ls_shift_over_su_max_lt                  ? 
_refine.ls_shift_over_su_mean                    ? 
_refine.ls_shift_over_su_mean_lt                 ? 
_refine.pdbx_ls_sigma_I                          ? 
_refine.pdbx_ls_sigma_F                          1.37 
_refine.pdbx_ls_sigma_Fsqd                       ? 
_refine.pdbx_data_cutoff_high_absF               ? 
_refine.pdbx_data_cutoff_high_rms_absF           ? 
_refine.pdbx_data_cutoff_low_absF                ? 
_refine.pdbx_isotropic_thermal_model             ? 
_refine.pdbx_ls_cross_valid_method               'FREE R-VALUE' 
_refine.pdbx_method_to_determine_struct          'MOLECULAR REPLACEMENT' 
_refine.pdbx_starting_model                      2ayd 
_refine.pdbx_stereochemistry_target_values       ? 
_refine.pdbx_R_Free_selection_details            ? 
_refine.pdbx_stereochem_target_val_spec_case     ? 
_refine.pdbx_overall_ESU_R                       ? 
_refine.pdbx_overall_ESU_R_Free                  ? 
_refine.pdbx_solvent_vdw_probe_radii             1.11 
_refine.pdbx_solvent_ion_probe_radii             ? 
_refine.pdbx_solvent_shrinkage_radii             0.90 
_refine.pdbx_real_space_R                        ? 
_refine.pdbx_density_correlation                 ? 
_refine.pdbx_pd_number_of_powder_patterns        ? 
_refine.pdbx_pd_number_of_points                 ? 
_refine.pdbx_pd_meas_number_of_points            ? 
_refine.pdbx_pd_proc_ls_prof_R_factor            ? 
_refine.pdbx_pd_proc_ls_prof_wR_factor           ? 
_refine.pdbx_pd_Marquardt_correlation_coeff      ? 
_refine.pdbx_pd_Fsqrd_R_factor                   ? 
_refine.pdbx_pd_ls_matrix_band_width             ? 
_refine.pdbx_overall_phase_error                 26.65 
_refine.pdbx_overall_SU_R_free_Cruickshank_DPI   ? 
_refine.pdbx_overall_SU_R_free_Blow_DPI          ? 
_refine.pdbx_overall_SU_R_Blow_DPI               ? 
_refine.pdbx_TLS_residual_ADP_flag               ? 
_refine.pdbx_diffrn_id                           1 
_refine.overall_SU_B                             ? 
_refine.overall_SU_ML                            0.35 
_refine.overall_SU_R_Cruickshank_DPI             ? 
_refine.overall_SU_R_free                        ? 
_refine.overall_FOM_free_R_set                   ? 
_refine.overall_FOM_work_R_set                   ? 
_refine.pdbx_average_fsc_overall                 ? 
_refine.pdbx_average_fsc_work                    ? 
_refine.pdbx_average_fsc_free                    ? 
# 
_refine_hist.pdbx_refine_id                   'X-RAY DIFFRACTION' 
_refine_hist.cycle_id                         LAST 
_refine_hist.details                          ? 
_refine_hist.d_res_high                       3.000 
_refine_hist.d_res_low                        29.473 
_refine_hist.number_atoms_solvent             0 
_refine_hist.number_atoms_total               1089 
_refine_hist.number_reflns_all                ? 
_refine_hist.number_reflns_obs                ? 
_refine_hist.number_reflns_R_free             ? 
_refine_hist.number_reflns_R_work             ? 
_refine_hist.R_factor_all                     ? 
_refine_hist.R_factor_obs                     ? 
_refine_hist.R_factor_R_free                  ? 
_refine_hist.R_factor_R_work                  ? 
_refine_hist.pdbx_number_residues_total       ? 
_refine_hist.pdbx_B_iso_mean_ligand           ? 
_refine_hist.pdbx_B_iso_mean_solvent          ? 
_refine_hist.pdbx_number_atoms_protein        479 
_refine_hist.pdbx_number_atoms_nucleic_acid   609 
_refine_hist.pdbx_number_atoms_ligand         1 
_refine_hist.pdbx_number_atoms_lipid          ? 
_refine_hist.pdbx_number_atoms_carb           ? 
_refine_hist.pdbx_pseudo_atom_details         ? 
# 
loop_
_refine_ls_restr.pdbx_refine_id 
_refine_ls_restr.criterion 
_refine_ls_restr.dev_ideal 
_refine_ls_restr.dev_ideal_target 
_refine_ls_restr.number 
_refine_ls_restr.rejects 
_refine_ls_restr.type 
_refine_ls_restr.weight 
_refine_ls_restr.pdbx_restraint_function 
'X-RAY DIFFRACTION' ? 0.010  ? 1175 ? f_bond_d           ? ? 
'X-RAY DIFFRACTION' ? 1.168  ? 1711 ? f_angle_d          ? ? 
'X-RAY DIFFRACTION' ? 24.339 ? 593  ? f_dihedral_angle_d ? ? 
'X-RAY DIFFRACTION' ? 0.058  ? 180  ? f_chiral_restr     ? ? 
'X-RAY DIFFRACTION' ? 0.010  ? 116  ? f_plane_restr      ? ? 
# 
loop_
_refine_ls_shell.pdbx_refine_id 
_refine_ls_shell.d_res_high 
_refine_ls_shell.d_res_low 
_refine_ls_shell.number_reflns_all 
_refine_ls_shell.number_reflns_obs 
_refine_ls_shell.number_reflns_R_free 
_refine_ls_shell.number_reflns_R_work 
_refine_ls_shell.percent_reflns_obs 
_refine_ls_shell.percent_reflns_R_free 
_refine_ls_shell.R_factor_all 
_refine_ls_shell.R_factor_obs 
_refine_ls_shell.R_factor_R_free 
_refine_ls_shell.R_factor_R_free_error 
_refine_ls_shell.R_factor_R_work 
_refine_ls_shell.redundancy_reflns_all 
_refine_ls_shell.redundancy_reflns_obs 
_refine_ls_shell.wR_factor_all 
_refine_ls_shell.wR_factor_obs 
_refine_ls_shell.wR_factor_R_free 
_refine_ls_shell.wR_factor_R_work 
_refine_ls_shell.pdbx_total_number_of_bins_used 
_refine_ls_shell.pdbx_phase_error 
_refine_ls_shell.pdbx_fsc_work 
_refine_ls_shell.pdbx_fsc_free 
'X-RAY DIFFRACTION' 3.0002 3.3017  . . 135 1207 97.00  . . . 0.3317 . 0.2638 . . . . . . . . . . 
'X-RAY DIFFRACTION' 3.3017 3.7786  . . 139 1258 100.00 . . . 0.2372 . 0.2160 . . . . . . . . . . 
'X-RAY DIFFRACTION' 3.7786 4.7574  . . 140 1267 100.00 . . . 0.2558 . 0.1978 . . . . . . . . . . 
'X-RAY DIFFRACTION' 4.7574 29.4744 . . 153 1371 100.00 . . . 0.2289 . 0.1911 . . . . . . . . . . 
# 
_struct.entry_id                     6J4G 
_struct.title                        'Crystal structure of the AtWRKY33 domain' 
_struct.pdbx_model_details           ? 
_struct.pdbx_formula_weight          ? 
_struct.pdbx_formula_weight_method   ? 
_struct.pdbx_model_type_details      ? 
_struct.pdbx_CASP_flag               N 
# 
_struct_keywords.entry_id        6J4G 
_struct_keywords.text            'WRKY transcription factors N-terminal WRKY domain, DNA BINDING PROTEIN' 
_struct_keywords.pdbx_keywords   'DNA BINDING PROTEIN' 
# 
loop_
_struct_asym.id 
_struct_asym.pdbx_blank_PDB_chainid_flag 
_struct_asym.pdbx_modified 
_struct_asym.entity_id 
_struct_asym.details 
A N N 1 ? 
B N N 2 ? 
C N N 3 ? 
D N N 4 ? 
# 
loop_
_struct_conn.id 
_struct_conn.conn_type_id 
_struct_conn.pdbx_leaving_atom_flag 
_struct_conn.pdbx_PDB_id 
_struct_conn.ptnr1_label_asym_id 
_struct_conn.ptnr1_label_comp_id 
_struct_conn.ptnr1_label_seq_id 
_struct_conn.ptnr1_label_atom_id 
_struct_conn.pdbx_ptnr1_label_alt_id 
_struct_conn.pdbx_ptnr1_PDB_ins_code 
_struct_conn.pdbx_ptnr1_standard_comp_id 
_struct_conn.ptnr1_symmetry 
_struct_conn.ptnr2_label_asym_id 
_struct_conn.ptnr2_label_comp_id 
_struct_conn.ptnr2_label_seq_id 
_struct_conn.ptnr2_label_atom_id 
_struct_conn.pdbx_ptnr2_label_alt_id 
_struct_conn.pdbx_ptnr2_PDB_ins_code 
_struct_conn.ptnr1_auth_asym_id 
_struct_conn.ptnr1_auth_comp_id 
_struct_conn.ptnr1_auth_seq_id 
_struct_conn.ptnr2_auth_asym_id 
_struct_conn.ptnr2_auth_comp_id 
_struct_conn.ptnr2_auth_seq_id 
_struct_conn.ptnr2_symmetry 
_struct_conn.pdbx_ptnr3_label_atom_id 
_struct_conn.pdbx_ptnr3_label_seq_id 
_struct_conn.pdbx_ptnr3_label_comp_id 
_struct_conn.pdbx_ptnr3_label_asym_id 
_struct_conn.pdbx_ptnr3_label_alt_id 
_struct_conn.pdbx_ptnr3_PDB_ins_code 
_struct_conn.details 
_struct_conn.pdbx_dist_value 
_struct_conn.pdbx_value_order 
_struct_conn.pdbx_role 
metalc1  metalc ? ? A CYS 33 SG  ? ? ? 1_555 D ZN .  ZN ? ? B CYS 209 B ZN 301 1_555 ? ? ? ? ? ? ?            2.235 ? ? 
metalc2  metalc ? ? A CYS 38 SG  ? ? ? 1_555 D ZN .  ZN ? ? B CYS 214 B ZN 301 1_555 ? ? ? ? ? ? ?            2.107 ? ? 
metalc3  metalc ? ? A HIS 61 ND1 ? ? ? 1_555 D ZN .  ZN ? ? B HIS 237 B ZN 301 1_555 ? ? ? ? ? ? ?            2.007 ? ? 
metalc4  metalc ? ? A HIS 63 NE2 ? ? ? 1_555 D ZN .  ZN ? ? B HIS 239 B ZN 301 1_555 ? ? ? ? ? ? ?            1.796 ? ? 
hydrog1  hydrog ? ? B DG  2  N1  ? ? ? 1_555 C DC 15 N3 ? ? C DG  2   D DC 15  1_555 ? ? ? ? ? ? WATSON-CRICK ?     ? ? 
hydrog2  hydrog ? ? B DG  2  N2  ? ? ? 1_555 C DC 15 O2 ? ? C DG  2   D DC 15  1_555 ? ? ? ? ? ? WATSON-CRICK ?     ? ? 
hydrog3  hydrog ? ? B DG  2  O6  ? ? ? 1_555 C DC 15 N4 ? ? C DG  2   D DC 15  1_555 ? ? ? ? ? ? WATSON-CRICK ?     ? ? 
hydrog4  hydrog ? ? B DC  3  N3  ? ? ? 1_555 C DG 14 N1 ? ? C DC  3   D DG 14  1_555 ? ? ? ? ? ? WATSON-CRICK ?     ? ? 
hydrog5  hydrog ? ? B DC  3  N4  ? ? ? 1_555 C DG 14 O6 ? ? C DC  3   D DG 14  1_555 ? ? ? ? ? ? WATSON-CRICK ?     ? ? 
hydrog6  hydrog ? ? B DC  3  O2  ? ? ? 1_555 C DG 14 N2 ? ? C DC  3   D DG 14  1_555 ? ? ? ? ? ? WATSON-CRICK ?     ? ? 
hydrog7  hydrog ? ? B DC  4  N3  ? ? ? 1_555 C DG 13 N1 ? ? C DC  4   D DG 13  1_555 ? ? ? ? ? ? WATSON-CRICK ?     ? ? 
hydrog8  hydrog ? ? B DC  4  N4  ? ? ? 1_555 C DG 13 O6 ? ? C DC  4   D DG 13  1_555 ? ? ? ? ? ? WATSON-CRICK ?     ? ? 
hydrog9  hydrog ? ? B DC  4  O2  ? ? ? 1_555 C DG 13 N2 ? ? C DC  4   D DG 13  1_555 ? ? ? ? ? ? WATSON-CRICK ?     ? ? 
hydrog10 hydrog ? ? B DT  5  N3  ? ? ? 1_555 C DA 12 N1 ? ? C DT  5   D DA 12  1_555 ? ? ? ? ? ? WATSON-CRICK ?     ? ? 
hydrog11 hydrog ? ? B DT  5  O4  ? ? ? 1_555 C DA 12 N6 ? ? C DT  5   D DA 12  1_555 ? ? ? ? ? ? WATSON-CRICK ?     ? ? 
hydrog12 hydrog ? ? B DT  6  N3  ? ? ? 1_555 C DA 11 N1 ? ? C DT  6   D DA 11  1_555 ? ? ? ? ? ? WATSON-CRICK ?     ? ? 
hydrog13 hydrog ? ? B DT  6  O4  ? ? ? 1_555 C DA 11 N6 ? ? C DT  6   D DA 11  1_555 ? ? ? ? ? ? WATSON-CRICK ?     ? ? 
hydrog14 hydrog ? ? B DT  7  N3  ? ? ? 1_555 C DA 10 N1 ? ? C DT  7   D DA 10  1_555 ? ? ? ? ? ? WATSON-CRICK ?     ? ? 
hydrog15 hydrog ? ? B DT  7  O4  ? ? ? 1_555 C DA 10 N6 ? ? C DT  7   D DA 10  1_555 ? ? ? ? ? ? WATSON-CRICK ?     ? ? 
hydrog16 hydrog ? ? B DG  8  N1  ? ? ? 1_555 C DC 9  N3 ? ? C DG  8   D DC 9   1_555 ? ? ? ? ? ? WATSON-CRICK ?     ? ? 
hydrog17 hydrog ? ? B DG  8  N2  ? ? ? 1_555 C DC 9  O2 ? ? C DG  8   D DC 9   1_555 ? ? ? ? ? ? WATSON-CRICK ?     ? ? 
hydrog18 hydrog ? ? B DG  8  O6  ? ? ? 1_555 C DC 9  N4 ? ? C DG  8   D DC 9   1_555 ? ? ? ? ? ? WATSON-CRICK ?     ? ? 
hydrog19 hydrog ? ? B DA  9  N1  ? ? ? 1_555 C DT 8  N3 ? ? C DA  9   D DT 8   1_555 ? ? ? ? ? ? WATSON-CRICK ?     ? ? 
hydrog20 hydrog ? ? B DA  9  N6  ? ? ? 1_555 C DT 8  O4 ? ? C DA  9   D DT 8   1_555 ? ? ? ? ? ? WATSON-CRICK ?     ? ? 
hydrog21 hydrog ? ? B DC  10 N3  ? ? ? 1_555 C DG 7  N1 ? ? C DC  10  D DG 7   1_555 ? ? ? ? ? ? WATSON-CRICK ?     ? ? 
hydrog22 hydrog ? ? B DC  10 N4  ? ? ? 1_555 C DG 7  O6 ? ? C DC  10  D DG 7   1_555 ? ? ? ? ? ? WATSON-CRICK ?     ? ? 
hydrog23 hydrog ? ? B DC  10 O2  ? ? ? 1_555 C DG 7  N2 ? ? C DC  10  D DG 7   1_555 ? ? ? ? ? ? WATSON-CRICK ?     ? ? 
hydrog24 hydrog ? ? B DC  11 N3  ? ? ? 1_555 C DG 6  N1 ? ? C DC  11  D DG 6   1_555 ? ? ? ? ? ? WATSON-CRICK ?     ? ? 
hydrog25 hydrog ? ? B DC  11 N4  ? ? ? 1_555 C DG 6  O6 ? ? C DC  11  D DG 6   1_555 ? ? ? ? ? ? WATSON-CRICK ?     ? ? 
hydrog26 hydrog ? ? B DC  11 O2  ? ? ? 1_555 C DG 6  N2 ? ? C DC  11  D DG 6   1_555 ? ? ? ? ? ? WATSON-CRICK ?     ? ? 
hydrog27 hydrog ? ? B DA  12 N1  ? ? ? 1_555 C DT 5  N3 ? ? C DA  12  D DT 5   1_555 ? ? ? ? ? ? WATSON-CRICK ?     ? ? 
hydrog28 hydrog ? ? B DA  12 N6  ? ? ? 1_555 C DT 5  O4 ? ? C DA  12  D DT 5   1_555 ? ? ? ? ? ? WATSON-CRICK ?     ? ? 
hydrog29 hydrog ? ? B DG  13 N1  ? ? ? 1_555 C DC 4  N3 ? ? C DG  13  D DC 4   1_555 ? ? ? ? ? ? WATSON-CRICK ?     ? ? 
hydrog30 hydrog ? ? B DG  13 N2  ? ? ? 1_555 C DC 4  O2 ? ? C DG  13  D DC 4   1_555 ? ? ? ? ? ? WATSON-CRICK ?     ? ? 
hydrog31 hydrog ? ? B DG  13 O6  ? ? ? 1_555 C DC 4  N4 ? ? C DG  13  D DC 4   1_555 ? ? ? ? ? ? WATSON-CRICK ?     ? ? 
hydrog32 hydrog ? ? B DC  14 N3  ? ? ? 1_555 C DG 3  N1 ? ? C DC  14  D DG 3   1_555 ? ? ? ? ? ? WATSON-CRICK ?     ? ? 
hydrog33 hydrog ? ? B DC  14 N4  ? ? ? 1_555 C DG 3  O6 ? ? C DC  14  D DG 3   1_555 ? ? ? ? ? ? WATSON-CRICK ?     ? ? 
hydrog34 hydrog ? ? B DC  14 O2  ? ? ? 1_555 C DG 3  N2 ? ? C DC  14  D DG 3   1_555 ? ? ? ? ? ? WATSON-CRICK ?     ? ? 
hydrog35 hydrog ? ? B DG  15 N1  ? ? ? 1_555 C DC 2  N3 ? ? C DG  15  D DC 2   1_555 ? ? ? ? ? ? WATSON-CRICK ?     ? ? 
hydrog36 hydrog ? ? B DG  15 N2  ? ? ? 1_555 C DC 2  O2 ? ? C DG  15  D DC 2   1_555 ? ? ? ? ? ? WATSON-CRICK ?     ? ? 
hydrog37 hydrog ? ? B DG  15 O6  ? ? ? 1_555 C DC 2  N4 ? ? C DG  15  D DC 2   1_555 ? ? ? ? ? ? WATSON-CRICK ?     ? ? 
# 
loop_
_struct_conn_type.id 
_struct_conn_type.criteria 
_struct_conn_type.reference 
metalc ? ? 
hydrog ? ? 
# 
_struct_sheet.id               AA1 
_struct_sheet.type             ? 
_struct_sheet.number_strands   4 
_struct_sheet.details          ? 
# 
loop_
_struct_sheet_order.sheet_id 
_struct_sheet_order.range_id_1 
_struct_sheet_order.range_id_2 
_struct_sheet_order.offset 
_struct_sheet_order.sense 
AA1 1 2 ? anti-parallel 
AA1 2 3 ? anti-parallel 
AA1 3 4 ? anti-parallel 
# 
loop_
_struct_sheet_range.sheet_id 
_struct_sheet_range.id 
_struct_sheet_range.beg_label_comp_id 
_struct_sheet_range.beg_label_asym_id 
_struct_sheet_range.beg_label_seq_id 
_struct_sheet_range.pdbx_beg_PDB_ins_code 
_struct_sheet_range.end_label_comp_id 
_struct_sheet_range.end_label_asym_id 
_struct_sheet_range.end_label_seq_id 
_struct_sheet_range.pdbx_end_PDB_ins_code 
_struct_sheet_range.beg_auth_comp_id 
_struct_sheet_range.beg_auth_asym_id 
_struct_sheet_range.beg_auth_seq_id 
_struct_sheet_range.end_auth_comp_id 
_struct_sheet_range.end_auth_asym_id 
_struct_sheet_range.end_auth_seq_id 
AA1 1 TRP A 13 ? LYS A 19 ? TRP B 189 LYS B 195 
AA1 2 ARG A 28 ? CYS A 33 ? ARG B 204 CYS B 209 
AA1 3 LYS A 41 ? ARG A 46 ? LYS B 217 ARG B 222 
AA1 4 ILE A 52 ? LYS A 58 ? ILE B 228 LYS B 234 
# 
loop_
_pdbx_struct_sheet_hbond.sheet_id 
_pdbx_struct_sheet_hbond.range_id_1 
_pdbx_struct_sheet_hbond.range_id_2 
_pdbx_struct_sheet_hbond.range_1_label_atom_id 
_pdbx_struct_sheet_hbond.range_1_label_comp_id 
_pdbx_struct_sheet_hbond.range_1_label_asym_id 
_pdbx_struct_sheet_hbond.range_1_label_seq_id 
_pdbx_struct_sheet_hbond.range_1_PDB_ins_code 
_pdbx_struct_sheet_hbond.range_1_auth_atom_id 
_pdbx_struct_sheet_hbond.range_1_auth_comp_id 
_pdbx_struct_sheet_hbond.range_1_auth_asym_id 
_pdbx_struct_sheet_hbond.range_1_auth_seq_id 
_pdbx_struct_sheet_hbond.range_2_label_atom_id 
_pdbx_struct_sheet_hbond.range_2_label_comp_id 
_pdbx_struct_sheet_hbond.range_2_label_asym_id 
_pdbx_struct_sheet_hbond.range_2_label_seq_id 
_pdbx_struct_sheet_hbond.range_2_PDB_ins_code 
_pdbx_struct_sheet_hbond.range_2_auth_atom_id 
_pdbx_struct_sheet_hbond.range_2_auth_comp_id 
_pdbx_struct_sheet_hbond.range_2_auth_asym_id 
_pdbx_struct_sheet_hbond.range_2_auth_seq_id 
AA1 1 2 N LYS A 19 ? N LYS B 195 O ARG A 28 ? O ARG B 204 
AA1 2 3 N TYR A 31 ? N TYR B 207 O LYS A 42 ? O LYS B 218 
AA1 3 4 N LYS A 41 ? N LYS B 217 O LYS A 58 ? O LYS B 234 
# 
_struct_site.id                   AC1 
_struct_site.pdbx_evidence_code   Software 
_struct_site.pdbx_auth_asym_id    B 
_struct_site.pdbx_auth_comp_id    ZN 
_struct_site.pdbx_auth_seq_id     301 
_struct_site.pdbx_auth_ins_code   ? 
_struct_site.pdbx_num_residues    4 
_struct_site.details              'binding site for residue ZN B 301' 
# 
loop_
_struct_site_gen.id 
_struct_site_gen.site_id 
_struct_site_gen.pdbx_num_res 
_struct_site_gen.label_comp_id 
_struct_site_gen.label_asym_id 
_struct_site_gen.label_seq_id 
_struct_site_gen.pdbx_auth_ins_code 
_struct_site_gen.auth_comp_id 
_struct_site_gen.auth_asym_id 
_struct_site_gen.auth_seq_id 
_struct_site_gen.label_atom_id 
_struct_site_gen.label_alt_id 
_struct_site_gen.symmetry 
_struct_site_gen.details 
1 AC1 4 CYS A 33 ? CYS B 209 . ? 1_555 ? 
2 AC1 4 CYS A 38 ? CYS B 214 . ? 1_555 ? 
3 AC1 4 HIS A 61 ? HIS B 237 . ? 1_555 ? 
4 AC1 4 HIS A 63 ? HIS B 239 . ? 1_555 ? 
# 
_atom_sites.entry_id                    6J4G 
_atom_sites.fract_transf_matrix[1][1]   -0.00320712 
_atom_sites.fract_transf_matrix[1][2]   -0.01130960 
_atom_sites.fract_transf_matrix[1][3]   -0.00096341 
_atom_sites.fract_transf_matrix[2][1]   0.00451579 
_atom_sites.fract_transf_matrix[2][2]   -0.00669857 
_atom_sites.fract_transf_matrix[2][3]   -0.00859412 
_atom_sites.fract_transf_matrix[3][1]   0.00798628 
_atom_sites.fract_transf_matrix[3][2]   -0.00280866 
_atom_sites.fract_transf_matrix[3][3]   0.00638558 
_atom_sites.fract_transf_vector[1]      -0.490258 
_atom_sites.fract_transf_vector[2]      0.170042 
_atom_sites.fract_transf_vector[3]      -0.094964 
# 
loop_
_atom_type.symbol 
C  
N  
O  
P  
S  
ZN 
# 
loop_
_atom_site.group_PDB 
_atom_site.id 
_atom_site.type_symbol 
_atom_site.label_atom_id 
_atom_site.label_alt_id 
_atom_site.label_comp_id 
_atom_site.label_asym_id 
_atom_site.label_entity_id 
_atom_site.label_seq_id 
_atom_site.pdbx_PDB_ins_code 
_atom_site.Cartn_x 
_atom_site.Cartn_y 
_atom_site.Cartn_z 
_atom_site.occupancy 
_atom_site.B_iso_or_equiv 
_atom_site.pdbx_formal_charge 
_atom_site.auth_seq_id 
_atom_site.auth_comp_id 
_atom_site.auth_asym_id 
_atom_site.auth_atom_id 
_atom_site.pdbx_PDB_model_num 
ATOM   1    N  N     . ASP A 1 9  ? 5.125   8.879   1.474   1.00 89.17  ? 185 ASP B N     1 
ATOM   2    C  CA    . ASP A 1 9  ? 5.601   8.910   0.089   1.00 82.66  ? 185 ASP B CA    1 
ATOM   3    C  C     . ASP A 1 9  ? 4.852   9.983   -0.699  1.00 80.71  ? 185 ASP B C     1 
ATOM   4    O  O     . ASP A 1 9  ? 4.832   9.969   -1.929  1.00 77.10  ? 185 ASP B O     1 
ATOM   5    C  CB    . ASP A 1 9  ? 5.431   7.541   -0.598  1.00 82.79  ? 185 ASP B CB    1 
ATOM   6    C  CG    . ASP A 1 9  ? 3.950   7.170   -0.895  1.00 82.42  ? 185 ASP B CG    1 
ATOM   7    O  OD1   . ASP A 1 9  ? 3.001   7.955   -0.661  1.00 81.13  ? 185 ASP B OD1   1 
ATOM   8    O  OD2   . ASP A 1 9  ? 3.737   6.038   -1.368  1.00 78.01  ? 185 ASP B OD2   1 
ATOM   9    N  N     . GLY A 1 10 ? 4.176   10.871  0.026   1.00 84.53  ? 186 GLY B N     1 
ATOM   10   C  CA    . GLY A 1 10 ? 3.573   12.045  -0.568  1.00 83.78  ? 186 GLY B CA    1 
ATOM   11   C  C     . GLY A 1 10 ? 2.139   11.907  -1.030  1.00 84.62  ? 186 GLY B C     1 
ATOM   12   O  O     . GLY A 1 10 ? 1.578   12.888  -1.542  1.00 85.67  ? 186 GLY B O     1 
ATOM   13   N  N     . TYR A 1 11 ? 1.524   10.733  -0.882  1.00 85.04  ? 187 TYR B N     1 
ATOM   14   C  CA    . TYR A 1 11 ? 0.134   10.535  -1.263  1.00 78.76  ? 187 TYR B CA    1 
ATOM   15   C  C     . TYR A 1 11 ? -0.700  10.185  -0.039  1.00 79.26  ? 187 TYR B C     1 
ATOM   16   O  O     . TYR A 1 11 ? -0.170  9.829   1.018   1.00 78.04  ? 187 TYR B O     1 
ATOM   17   C  CB    . TYR A 1 11 ? -0.016  9.438   -2.319  1.00 74.37  ? 187 TYR B CB    1 
ATOM   18   C  CG    . TYR A 1 11 ? 0.463   9.822   -3.703  1.00 79.21  ? 187 TYR B CG    1 
ATOM   19   C  CD1   . TYR A 1 11 ? -0.384  10.471  -4.594  1.00 80.86  ? 187 TYR B CD1   1 
ATOM   20   C  CD2   . TYR A 1 11 ? 1.748   9.501   -4.139  1.00 81.37  ? 187 TYR B CD2   1 
ATOM   21   C  CE1   . TYR A 1 11 ? 0.039   10.813  -5.879  1.00 82.94  ? 187 TYR B CE1   1 
ATOM   22   C  CE2   . TYR A 1 11 ? 2.180   9.839   -5.427  1.00 80.62  ? 187 TYR B CE2   1 
ATOM   23   C  CZ    . TYR A 1 11 ? 1.322   10.496  -6.289  1.00 79.45  ? 187 TYR B CZ    1 
ATOM   24   O  OH    . TYR A 1 11 ? 1.730   10.842  -7.559  1.00 70.95  ? 187 TYR B OH    1 
ATOM   25   N  N     . ASN A 1 12 ? -2.019  10.299  -0.201  1.00 79.03  ? 188 ASN B N     1 
ATOM   26   C  CA    . ASN A 1 12 ? -2.982  9.987   0.849   1.00 77.10  ? 188 ASN B CA    1 
ATOM   27   C  C     . ASN A 1 12 ? -3.617  8.625   0.608   1.00 73.88  ? 188 ASN B C     1 
ATOM   28   O  O     . ASN A 1 12 ? -4.061  8.325   -0.504  1.00 71.61  ? 188 ASN B O     1 
ATOM   29   C  CB    . ASN A 1 12 ? -4.063  11.059  0.934   1.00 78.74  ? 188 ASN B CB    1 
ATOM   30   C  CG    . ASN A 1 12 ? -3.546  12.343  1.517   1.00 84.62  ? 188 ASN B CG    1 
ATOM   31   O  OD1   . ASN A 1 12 ? -3.417  13.343  0.819   1.00 86.56  ? 188 ASN B OD1   1 
ATOM   32   N  ND2   . ASN A 1 12 ? -3.232  12.322  2.808   1.00 88.81  ? 188 ASN B ND2   1 
ATOM   33   N  N     . TRP A 1 13 ? -3.674  7.813   1.660   1.00 72.66  ? 189 TRP B N     1 
ATOM   34   C  CA    . TRP A 1 13 ? -4.094  6.429   1.557   1.00 67.79  ? 189 TRP B CA    1 
ATOM   35   C  C     . TRP A 1 13 ? -5.029  6.071   2.707   1.00 66.15  ? 189 TRP B C     1 
ATOM   36   O  O     . TRP A 1 13 ? -4.959  6.647   3.791   1.00 69.04  ? 189 TRP B O     1 
ATOM   37   C  CB    . TRP A 1 13 ? -2.890  5.476   1.558   1.00 67.74  ? 189 TRP B CB    1 
ATOM   38   C  CG    . TRP A 1 13 ? -1.770  5.815   0.617   1.00 70.41  ? 189 TRP B CG    1 
ATOM   39   C  CD1   . TRP A 1 13 ? -0.637  6.511   0.905   1.00 74.72  ? 189 TRP B CD1   1 
ATOM   40   C  CD2   . TRP A 1 13 ? -1.649  5.409   -0.755  1.00 72.34  ? 189 TRP B CD2   1 
ATOM   41   N  NE1   . TRP A 1 13 ? 0.169   6.597   -0.213  1.00 74.12  ? 189 TRP B NE1   1 
ATOM   42   C  CE2   . TRP A 1 13 ? -0.434  5.923   -1.240  1.00 71.52  ? 189 TRP B CE2   1 
ATOM   43   C  CE3   . TRP A 1 13 ? -2.463  4.677   -1.625  1.00 70.05  ? 189 TRP B CE3   1 
ATOM   44   C  CZ2   . TRP A 1 13 ? -0.015  5.723   -2.543  1.00 72.40  ? 189 TRP B CZ2   1 
ATOM   45   C  CZ3   . TRP A 1 13 ? -2.037  4.483   -2.924  1.00 66.12  ? 189 TRP B CZ3   1 
ATOM   46   C  CH2   . TRP A 1 13 ? -0.829  4.999   -3.366  1.00 66.15  ? 189 TRP B CH2   1 
ATOM   47   N  N     . ARG A 1 14 ? -5.894  5.092   2.453   1.00 63.73  ? 190 ARG B N     1 
ATOM   48   C  CA    . ARG A 1 14 ? -6.833  4.555   3.422   1.00 59.20  ? 190 ARG B CA    1 
ATOM   49   C  C     . ARG A 1 14 ? -6.646  3.050   3.452   1.00 60.92  ? 190 ARG B C     1 
ATOM   50   O  O     . ARG A 1 14 ? -6.767  2.395   2.415   1.00 65.09  ? 190 ARG B O     1 
ATOM   51   C  CB    . ARG A 1 14 ? -8.273  4.917   3.041   1.00 62.85  ? 190 ARG B CB    1 
ATOM   52   C  CG    . ARG A 1 14 ? -9.288  4.628   4.125   1.00 68.80  ? 190 ARG B CG    1 
ATOM   53   C  CD    . ARG A 1 14 ? -10.714 4.558   3.602   1.00 75.65  ? 190 ARG B CD    1 
ATOM   54   N  NE    . ARG A 1 14 ? -10.874 3.467   2.639   1.00 90.61  ? 190 ARG B NE    1 
ATOM   55   C  CZ    . ARG A 1 14 ? -11.039 3.639   1.328   1.00 93.16  ? 190 ARG B CZ    1 
ATOM   56   N  NH1   . ARG A 1 14 ? -11.116 4.874   0.826   1.00 83.67  ? 190 ARG B NH1   1 
ATOM   57   N  NH2   . ARG A 1 14 ? -11.159 2.576   0.523   1.00 88.16  ? 190 ARG B NH2   1 
ATOM   58   N  N     . LYS A 1 15 ? -6.331  2.501   4.616   1.00 57.62  ? 191 LYS B N     1 
ATOM   59   C  CA    . LYS A 1 15 ? -6.122  1.063   4.722   1.00 58.85  ? 191 LYS B CA    1 
ATOM   60   C  C     . LYS A 1 15 ? -7.427  0.307   4.533   1.00 59.72  ? 191 LYS B C     1 
ATOM   61   O  O     . LYS A 1 15 ? -8.459  0.689   5.081   1.00 65.15  ? 191 LYS B O     1 
ATOM   62   C  CB    . LYS A 1 15 ? -5.527  0.727   6.081   1.00 59.86  ? 191 LYS B CB    1 
ATOM   63   C  CG    . LYS A 1 15 ? -5.059  -0.706  6.247   1.00 57.82  ? 191 LYS B CG    1 
ATOM   64   C  CD    . LYS A 1 15 ? -3.981  -0.742  7.317   1.00 59.59  ? 191 LYS B CD    1 
ATOM   65   C  CE    . LYS A 1 15 ? -3.598  -2.142  7.733   1.00 63.54  ? 191 LYS B CE    1 
ATOM   66   N  NZ    . LYS A 1 15 ? -2.408  -2.084  8.630   1.00 68.29  ? 191 LYS B NZ    1 
ATOM   67   N  N     . TYR A 1 16 ? -7.393  -0.783  3.763   1.00 57.63  ? 192 TYR B N     1 
ATOM   68   C  CA    . TYR A 1 16 ? -8.602  -1.589  3.625   1.00 56.79  ? 192 TYR B CA    1 
ATOM   69   C  C     . TYR A 1 16 ? -8.402  -3.088  3.875   1.00 56.41  ? 192 TYR B C     1 
ATOM   70   O  O     . TYR A 1 16 ? -9.309  -3.882  3.601   1.00 53.11  ? 192 TYR B O     1 
ATOM   71   C  CB    . TYR A 1 16 ? -9.268  -1.376  2.271   1.00 53.60  ? 192 TYR B CB    1 
ATOM   72   C  CG    . TYR A 1 16 ? -8.517  -1.824  1.048   1.00 55.40  ? 192 TYR B CG    1 
ATOM   73   C  CD1   . TYR A 1 16 ? -7.468  -1.080  0.529   1.00 61.43  ? 192 TYR B CD1   1 
ATOM   74   C  CD2   . TYR A 1 16 ? -8.829  -3.014  0.431   1.00 55.24  ? 192 TYR B CD2   1 
ATOM   75   C  CE1   . TYR A 1 16 ? -6.798  -1.483  -0.623  1.00 59.04  ? 192 TYR B CE1   1 
ATOM   76   C  CE2   . TYR A 1 16 ? -8.153  -3.438  -0.702  1.00 57.77  ? 192 TYR B CE2   1 
ATOM   77   C  CZ    . TYR A 1 16 ? -7.146  -2.671  -1.224  1.00 58.69  ? 192 TYR B CZ    1 
ATOM   78   O  OH    . TYR A 1 16 ? -6.490  -3.105  -2.347  1.00 59.59  ? 192 TYR B OH    1 
ATOM   79   N  N     . GLY A 1 17 ? -7.277  -3.500  4.436   1.00 56.67  ? 193 GLY B N     1 
ATOM   80   C  CA    . GLY A 1 17 ? -7.191  -4.866  4.902   1.00 51.75  ? 193 GLY B CA    1 
ATOM   81   C  C     . GLY A 1 17 ? -5.782  -5.237  5.283   1.00 53.88  ? 193 GLY B C     1 
ATOM   82   O  O     . GLY A 1 17 ? -4.838  -4.522  4.947   1.00 55.78  ? 193 GLY B O     1 
ATOM   83   N  N     . GLN A 1 18 ? -5.625  -6.355  5.977   1.00 57.32  ? 194 GLN B N     1 
ATOM   84   C  CA    . GLN A 1 18 ? -4.298  -6.881  6.261   1.00 60.28  ? 194 GLN B CA    1 
ATOM   85   C  C     . GLN A 1 18 ? -4.346  -8.395  6.319   1.00 59.77  ? 194 GLN B C     1 
ATOM   86   O  O     . GLN A 1 18 ? -5.150  -8.950  7.068   1.00 62.85  ? 194 GLN B O     1 
ATOM   87   C  CB    . GLN A 1 18 ? -3.760  -6.325  7.571   1.00 61.65  ? 194 GLN B CB    1 
ATOM   88   C  CG    . GLN A 1 18 ? -2.614  -7.126  8.111   1.00 65.86  ? 194 GLN B CG    1 
ATOM   89   C  CD    . GLN A 1 18 ? -1.847  -6.387  9.187   1.00 73.10  ? 194 GLN B CD    1 
ATOM   90   O  OE1   . GLN A 1 18 ? -1.925  -5.158  9.306   1.00 75.88  ? 194 GLN B OE1   1 
ATOM   91   N  NE2   . GLN A 1 18 ? -1.074  -7.129  9.958   1.00 79.00  ? 194 GLN B NE2   1 
ATOM   92   N  N     . LYS A 1 19 ? -3.494  -9.057  5.541   1.00 57.54  ? 195 LYS B N     1 
ATOM   93   C  CA    . LYS A 1 19 ? -3.444  -10.511 5.536   1.00 58.11  ? 195 LYS B CA    1 
ATOM   94   C  C     . LYS A 1 19 ? -2.027  -10.975 5.821   1.00 64.30  ? 195 LYS B C     1 
ATOM   95   O  O     . LYS A 1 19 ? -1.062  -10.222 5.685   1.00 65.85  ? 195 LYS B O     1 
ATOM   96   C  CB    . LYS A 1 19 ? -3.881  -11.088 4.196   1.00 56.49  ? 195 LYS B CB    1 
ATOM   97   C  CG    . LYS A 1 19 ? -5.301  -10.813 3.808   1.00 56.60  ? 195 LYS B CG    1 
ATOM   98   C  CD    . LYS A 1 19 ? -6.101  -12.057 3.433   1.00 54.70  ? 195 LYS B CD    1 
ATOM   99   C  CE    . LYS A 1 19 ? -6.721  -12.768 4.597   1.00 58.24  ? 195 LYS B CE    1 
ATOM   100  N  NZ    . LYS A 1 19 ? -7.708  -13.717 4.036   1.00 62.28  ? 195 LYS B NZ    1 
ATOM   101  N  N     . GLN A 1 20 ? -1.907  -12.241 6.185   1.00 68.92  ? 196 GLN B N     1 
ATOM   102  C  CA    . GLN A 1 20 ? -0.620  -12.844 6.499   1.00 79.53  ? 196 GLN B CA    1 
ATOM   103  C  C     . GLN A 1 20 ? -0.314  -13.843 5.392   1.00 82.72  ? 196 GLN B C     1 
ATOM   104  O  O     . GLN A 1 20 ? -1.016  -14.846 5.253   1.00 84.15  ? 196 GLN B O     1 
ATOM   105  C  CB    . GLN A 1 20 ? -0.683  -13.511 7.866   1.00 84.34  ? 196 GLN B CB    1 
ATOM   106  C  CG    . GLN A 1 20 ? 0.539   -14.292 8.268   1.00 96.49  ? 196 GLN B CG    1 
ATOM   107  C  CD    . GLN A 1 20 ? 0.392   -14.828 9.682   1.00 108.43 ? 196 GLN B CD    1 
ATOM   108  O  OE1   . GLN A 1 20 ? -0.070  -14.113 10.577  1.00 111.40 ? 196 GLN B OE1   1 
ATOM   109  N  NE2   . GLN A 1 20 ? 0.803   -16.078 9.898   1.00 112.84 ? 196 GLN B NE2   1 
ATOM   110  N  N     . VAL A 1 21 ? 0.715   -13.570 4.589   1.00 87.09  ? 197 VAL B N     1 
ATOM   111  C  CA    . VAL A 1 21 ? 0.957   -14.394 3.406   1.00 87.82  ? 197 VAL B CA    1 
ATOM   112  C  C     . VAL A 1 21 ? 1.819   -15.606 3.728   1.00 96.65  ? 197 VAL B C     1 
ATOM   113  O  O     . VAL A 1 21 ? 2.268   -15.795 4.865   1.00 99.77  ? 197 VAL B O     1 
ATOM   114  C  CB    . VAL A 1 21 ? 1.594   -13.580 2.269   1.00 86.36  ? 197 VAL B CB    1 
ATOM   115  C  CG1   . VAL A 1 21 ? 0.558   -12.717 1.597   1.00 80.12  ? 197 VAL B CG1   1 
ATOM   116  C  CG2   . VAL A 1 21 ? 2.730   -12.732 2.810   1.00 97.18  ? 197 VAL B CG2   1 
ATOM   117  N  N     . LYS A 1 22 ? 2.049   -16.434 2.713   1.00 98.14  ? 198 LYS B N     1 
ATOM   118  C  CA    . LYS A 1 22 ? 2.771   -17.685 2.860   1.00 101.02 ? 198 LYS B CA    1 
ATOM   119  C  C     . LYS A 1 22 ? 4.263   -17.458 2.659   1.00 106.06 ? 198 LYS B C     1 
ATOM   120  O  O     . LYS A 1 22 ? 4.673   -16.628 1.839   1.00 102.09 ? 198 LYS B O     1 
ATOM   121  C  CB    . LYS A 1 22 ? 2.250   -18.710 1.852   1.00 95.78  ? 198 LYS B CB    1 
ATOM   122  C  CG    . LYS A 1 22 ? 1.970   -20.080 2.427   1.00 98.00  ? 198 LYS B CG    1 
ATOM   123  C  CD    . LYS A 1 22 ? 1.203   -20.921 1.412   1.00 100.29 ? 198 LYS B CD    1 
ATOM   124  C  CE    . LYS A 1 22 ? 2.019   -22.108 0.888   1.00 98.70  ? 198 LYS B CE    1 
ATOM   125  N  NZ    . LYS A 1 22 ? 1.123   -23.090 0.216   1.00 89.34  ? 198 LYS B NZ    1 
ATOM   126  N  N     . GLY A 1 23 ? 5.072   -18.199 3.420   1.00 108.08 ? 199 GLY B N     1 
ATOM   127  C  CA    . GLY A 1 23 ? 6.517   -18.090 3.323   1.00 114.56 ? 199 GLY B CA    1 
ATOM   128  C  C     . GLY A 1 23 ? 7.094   -16.853 3.992   1.00 119.39 ? 199 GLY B C     1 
ATOM   129  O  O     . GLY A 1 23 ? 7.847   -16.965 4.969   1.00 119.68 ? 199 GLY B O     1 
ATOM   130  N  N     . SER A 1 24 ? 6.761   -15.671 3.467   1.00 115.47 ? 200 SER B N     1 
ATOM   131  C  CA    . SER A 1 24 ? 7.209   -14.417 4.066   1.00 115.30 ? 200 SER B CA    1 
ATOM   132  C  C     . SER A 1 24 ? 6.413   -14.144 5.337   1.00 110.22 ? 200 SER B C     1 
ATOM   133  O  O     . SER A 1 24 ? 5.181   -14.075 5.298   1.00 108.66 ? 200 SER B O     1 
ATOM   134  C  CB    . SER A 1 24 ? 7.052   -13.267 3.070   1.00 110.72 ? 200 SER B CB    1 
ATOM   135  O  OG    . SER A 1 24 ? 7.680   -13.565 1.830   1.00 111.62 ? 200 SER B OG    1 
ATOM   136  N  N     . GLU A 1 25 ? 7.111   -14.013 6.466   1.00 111.72 ? 201 GLU B N     1 
ATOM   137  C  CA    . GLU A 1 25 ? 6.442   -13.747 7.734   1.00 111.92 ? 201 GLU B CA    1 
ATOM   138  C  C     . GLU A 1 25 ? 5.564   -12.510 7.697   1.00 109.05 ? 201 GLU B C     1 
ATOM   139  O  O     . GLU A 1 25 ? 4.330   -12.613 7.752   1.00 109.71 ? 201 GLU B O     1 
ATOM   140  C  CB    . GLU A 1 25 ? 7.435   -13.558 8.878   1.00 114.86 ? 201 GLU B CB    1 
ATOM   141  C  CG    . GLU A 1 25 ? 6.840   -13.992 10.213  1.00 120.63 ? 201 GLU B CG    1 
ATOM   142  C  CD    . GLU A 1 25 ? 5.932   -12.902 10.820  1.00 122.69 ? 201 GLU B CD    1 
ATOM   143  O  OE1   . GLU A 1 25 ? 6.423   -11.785 11.116  1.00 120.77 ? 201 GLU B OE1   1 
ATOM   144  O  OE2   . GLU A 1 25 ? 4.718   -13.167 10.981  1.00 124.68 ? 201 GLU B OE2   1 
ATOM   145  N  N     . ASN A 1 26 ? 6.213   -11.348 7.657   1.00 100.02 ? 202 ASN B N     1 
ATOM   146  C  CA    . ASN A 1 26 ? 5.599   -10.037 7.786   1.00 95.42  ? 202 ASN B CA    1 
ATOM   147  C  C     . ASN A 1 26 ? 4.228   -9.987  7.141   1.00 91.11  ? 202 ASN B C     1 
ATOM   148  O  O     . ASN A 1 26 ? 4.054   -10.421 5.996   1.00 95.73  ? 202 ASN B O     1 
ATOM   149  C  CB    . ASN A 1 26 ? 6.502   -8.987  7.171   1.00 88.35  ? 202 ASN B CB    1 
ATOM   150  C  CG    . ASN A 1 26 ? 7.912   -9.137  7.625   1.00 94.34  ? 202 ASN B CG    1 
ATOM   151  O  OD1   . ASN A 1 26 ? 8.164   -9.651  8.718   1.00 97.70  ? 202 ASN B OD1   1 
ATOM   152  N  ND2   . ASN A 1 26 ? 8.853   -8.730  6.786   1.00 91.42  ? 202 ASN B ND2   1 
ATOM   153  N  N     . PRO A 1 27 ? 3.230   -9.506  7.857   1.00 79.45  ? 203 PRO B N     1 
ATOM   154  C  CA    . PRO A 1 27 ? 1.894   -9.395  7.276   1.00 76.85  ? 203 PRO B CA    1 
ATOM   155  C  C     . PRO A 1 27 ? 1.861   -8.290  6.235   1.00 71.85  ? 203 PRO B C     1 
ATOM   156  O  O     . PRO A 1 27 ? 2.748   -7.443  6.162   1.00 75.89  ? 203 PRO B O     1 
ATOM   157  C  CB    . PRO A 1 27 ? 1.024   -9.070  8.484   1.00 78.98  ? 203 PRO B CB    1 
ATOM   158  C  CG    . PRO A 1 27 ? 1.947   -8.298  9.378   1.00 82.42  ? 203 PRO B CG    1 
ATOM   159  C  CD    . PRO A 1 27 ? 3.325   -8.869  9.177   1.00 85.98  ? 203 PRO B CD    1 
ATOM   160  N  N     . ARG A 1 28 ? 0.813   -8.315  5.420   1.00 68.96  ? 204 ARG B N     1 
ATOM   161  C  CA    . ARG A 1 28 ? 0.679   -7.452  4.254   1.00 64.05  ? 204 ARG B CA    1 
ATOM   162  C  C     . ARG A 1 28 ? -0.574  -6.605  4.391   1.00 61.59  ? 204 ARG B C     1 
ATOM   163  O  O     . ARG A 1 28 ? -1.654  -7.137  4.675   1.00 59.16  ? 204 ARG B O     1 
ATOM   164  C  CB    . ARG A 1 28 ? 0.606   -8.286  2.979   1.00 68.59  ? 204 ARG B CB    1 
ATOM   165  C  CG    . ARG A 1 28 ? 0.195   -7.519  1.732   1.00 67.05  ? 204 ARG B CG    1 
ATOM   166  C  CD    . ARG A 1 28 ? 0.156   -8.459  0.529   1.00 74.95  ? 204 ARG B CD    1 
ATOM   167  N  NE    . ARG A 1 28 ? 1.498   -8.979  0.247   1.00 88.65  ? 204 ARG B NE    1 
ATOM   168  C  CZ    . ARG A 1 28 ? 1.767   -10.091 -0.432  1.00 87.21  ? 204 ARG B CZ    1 
ATOM   169  N  NH1   . ARG A 1 28 ? 0.786   -10.836 -0.928  1.00 80.46  ? 204 ARG B NH1   1 
ATOM   170  N  NH2   . ARG A 1 28 ? 3.028   -10.458 -0.606  1.00 93.72  ? 204 ARG B NH2   1 
ATOM   171  N  N     . SER A 1 29 ? -0.427  -5.301  4.162   1.00 60.48  ? 205 SER B N     1 
ATOM   172  C  CA    . SER A 1 29 ? -1.484  -4.318  4.358   1.00 58.15  ? 205 SER B CA    1 
ATOM   173  C  C     . SER A 1 29 ? -1.850  -3.670  3.036   1.00 56.83  ? 205 SER B C     1 
ATOM   174  O  O     . SER A 1 29 ? -0.972  -3.239  2.281   1.00 58.08  ? 205 SER B O     1 
ATOM   175  C  CB    . SER A 1 29 ? -1.054  -3.226  5.334   1.00 59.01  ? 205 SER B CB    1 
ATOM   176  O  OG    . SER A 1 29 ? -0.242  -3.739  6.367   1.00 63.11  ? 205 SER B OG    1 
ATOM   177  N  N     . TYR A 1 30 ? -3.147  -3.556  2.784   1.00 54.43  ? 206 TYR B N     1 
ATOM   178  C  CA    . TYR A 1 30 ? -3.661  -3.070  1.514   1.00 54.93  ? 206 TYR B CA    1 
ATOM   179  C  C     . TYR A 1 30 ? -4.198  -1.662  1.714   1.00 58.06  ? 206 TYR B C     1 
ATOM   180  O  O     . TYR A 1 30 ? -4.955  -1.426  2.661   1.00 60.39  ? 206 TYR B O     1 
ATOM   181  C  CB    . TYR A 1 30 ? -4.770  -3.990  1.001   1.00 59.48  ? 206 TYR B CB    1 
ATOM   182  C  CG    . TYR A 1 30 ? -4.368  -5.461  0.844   1.00 59.62  ? 206 TYR B CG    1 
ATOM   183  C  CD1   . TYR A 1 30 ? -4.203  -6.296  1.949   1.00 58.66  ? 206 TYR B CD1   1 
ATOM   184  C  CD2   . TYR A 1 30 ? -4.139  -5.999  -0.405  1.00 60.75  ? 206 TYR B CD2   1 
ATOM   185  C  CE1   . TYR A 1 30 ? -3.836  -7.617  1.805   1.00 58.88  ? 206 TYR B CE1   1 
ATOM   186  C  CE2   . TYR A 1 30 ? -3.763  -7.326  -0.563  1.00 63.48  ? 206 TYR B CE2   1 
ATOM   187  C  CZ    . TYR A 1 30 ? -3.614  -8.127  0.540   1.00 63.74  ? 206 TYR B CZ    1 
ATOM   188  O  OH    . TYR A 1 30 ? -3.242  -9.439  0.351   1.00 65.16  ? 206 TYR B OH    1 
ATOM   189  N  N     . TYR A 1 31 ? -3.813  -0.728  0.836   1.00 54.43  ? 207 TYR B N     1 
ATOM   190  C  CA    . TYR A 1 31 ? -4.262  0.656   0.925   1.00 55.48  ? 207 TYR B CA    1 
ATOM   191  C  C     . TYR A 1 31 ? -4.795  1.130   -0.418  1.00 59.21  ? 207 TYR B C     1 
ATOM   192  O  O     . TYR A 1 31 ? -4.426  0.608   -1.466  1.00 60.82  ? 207 TYR B O     1 
ATOM   193  C  CB    . TYR A 1 31 ? -3.149  1.602   1.348   1.00 56.85  ? 207 TYR B CB    1 
ATOM   194  C  CG    . TYR A 1 31 ? -2.485  1.271   2.648   1.00 57.37  ? 207 TYR B CG    1 
ATOM   195  C  CD1   . TYR A 1 31 ? -1.525  0.275   2.720   1.00 60.13  ? 207 TYR B CD1   1 
ATOM   196  C  CD2   . TYR A 1 31 ? -2.777  1.983   3.796   1.00 57.17  ? 207 TYR B CD2   1 
ATOM   197  C  CE1   . TYR A 1 31 ? -0.898  -0.025  3.913   1.00 62.65  ? 207 TYR B CE1   1 
ATOM   198  C  CE2   . TYR A 1 31 ? -2.154  1.697   4.993   1.00 59.07  ? 207 TYR B CE2   1 
ATOM   199  C  CZ    . TYR A 1 31 ? -1.212  0.690   5.052   1.00 63.52  ? 207 TYR B CZ    1 
ATOM   200  O  OH    . TYR A 1 31 ? -0.576  0.385   6.248   1.00 66.85  ? 207 TYR B OH    1 
ATOM   201  N  N     . LYS A 1 32 ? -5.634  2.168   -0.380  1.00 60.58  ? 208 LYS B N     1 
ATOM   202  C  CA    . LYS A 1 32 ? -6.304  2.690   -1.565  1.00 61.23  ? 208 LYS B CA    1 
ATOM   203  C  C     . LYS A 1 32 ? -6.139  4.202   -1.579  1.00 64.96  ? 208 LYS B C     1 
ATOM   204  O  O     . LYS A 1 32 ? -6.359  4.846   -0.556  1.00 67.03  ? 208 LYS B O     1 
ATOM   205  C  CB    . LYS A 1 32 ? -7.791  2.305   -1.561  1.00 62.44  ? 208 LYS B CB    1 
ATOM   206  C  CG    . LYS A 1 32 ? -8.480  2.313   -2.938  1.00 73.03  ? 208 LYS B CG    1 
ATOM   207  C  CD    . LYS A 1 32 ? -9.035  3.681   -3.336  1.00 79.36  ? 208 LYS B CD    1 
ATOM   208  C  CE    . LYS A 1 32 ? -9.773  3.650   -4.687  1.00 76.44  ? 208 LYS B CE    1 
ATOM   209  N  NZ    . LYS A 1 32 ? -10.293 5.018   -5.059  1.00 77.64  ? 208 LYS B NZ    1 
ATOM   210  N  N     . CYS A 1 33 ? -5.723  4.765   -2.719  1.00 66.16  ? 209 CYS B N     1 
ATOM   211  C  CA    . CYS A 1 33 ? -5.573  6.211   -2.827  1.00 63.21  ? 209 CYS B CA    1 
ATOM   212  C  C     . CYS A 1 33 ? -6.926  6.875   -2.651  1.00 67.62  ? 209 CYS B C     1 
ATOM   213  O  O     . CYS A 1 33 ? -7.915  6.470   -3.269  1.00 67.24  ? 209 CYS B O     1 
ATOM   214  C  CB    . CYS A 1 33 ? -4.963  6.602   -4.173  1.00 68.02  ? 209 CYS B CB    1 
ATOM   215  S  SG    . CYS A 1 33 ? -4.846  8.401   -4.479  1.00 61.77  ? 209 CYS B SG    1 
ATOM   216  N  N     . THR A 1 34 ? -6.964  7.894   -1.794  1.00 68.42  ? 210 THR B N     1 
ATOM   217  C  CA    . THR A 1 34 ? -8.202  8.505   -1.332  1.00 65.27  ? 210 THR B CA    1 
ATOM   218  C  C     . THR A 1 34 ? -8.658  9.647   -2.212  1.00 66.11  ? 210 THR B C     1 
ATOM   219  O  O     . THR A 1 34 ? -9.699  10.247  -1.941  1.00 71.61  ? 210 THR B O     1 
ATOM   220  C  CB    . THR A 1 34 ? -8.025  9.019   0.081   1.00 65.38  ? 210 THR B CB    1 
ATOM   221  O  OG1   . THR A 1 34 ? -7.045  10.058  0.055   1.00 74.02  ? 210 THR B OG1   1 
ATOM   222  C  CG2   . THR A 1 34 ? -7.520  7.903   0.962   1.00 64.15  ? 210 THR B CG2   1 
ATOM   223  N  N     . PHE A 1 35 ? -7.902  9.969   -3.238  1.00 66.24  ? 211 PHE B N     1 
ATOM   224  C  CA    . PHE A 1 35 ? -8.367  10.930  -4.208  1.00 66.20  ? 211 PHE B CA    1 
ATOM   225  C  C     . PHE A 1 35 ? -9.692  10.461  -4.808  1.00 71.54  ? 211 PHE B C     1 
ATOM   226  O  O     . PHE A 1 35 ? -9.919  9.252   -4.957  1.00 75.96  ? 211 PHE B O     1 
ATOM   227  C  CB    . PHE A 1 35 ? -7.309  11.096  -5.290  1.00 72.37  ? 211 PHE B CB    1 
ATOM   228  C  CG    . PHE A 1 35 ? -7.495  12.312  -6.117  1.00 78.93  ? 211 PHE B CG    1 
ATOM   229  C  CD1   . PHE A 1 35 ? -6.937  13.512  -5.724  1.00 79.97  ? 211 PHE B CD1   1 
ATOM   230  C  CD2   . PHE A 1 35 ? -8.222  12.261  -7.293  1.00 80.23  ? 211 PHE B CD2   1 
ATOM   231  C  CE1   . PHE A 1 35 ? -7.112  14.638  -6.476  1.00 79.19  ? 211 PHE B CE1   1 
ATOM   232  C  CE2   . PHE A 1 35 ? -8.397  13.380  -8.056  1.00 78.16  ? 211 PHE B CE2   1 
ATOM   233  C  CZ    . PHE A 1 35 ? -7.844  14.574  -7.644  1.00 83.77  ? 211 PHE B CZ    1 
ATOM   234  N  N     . PRO A 1 36 ? -10.606 11.378  -5.116  1.00 72.40  ? 212 PRO B N     1 
ATOM   235  C  CA    . PRO A 1 36 ? -11.849 10.997  -5.802  1.00 69.78  ? 212 PRO B CA    1 
ATOM   236  C  C     . PRO A 1 36 ? -11.567 10.249  -7.087  1.00 68.36  ? 212 PRO B C     1 
ATOM   237  O  O     . PRO A 1 36 ? -10.799 10.709  -7.929  1.00 70.52  ? 212 PRO B O     1 
ATOM   238  C  CB    . PRO A 1 36 ? -12.517 12.341  -6.095  1.00 71.57  ? 212 PRO B CB    1 
ATOM   239  C  CG    . PRO A 1 36 ? -11.974 13.241  -5.061  1.00 70.75  ? 212 PRO B CG    1 
ATOM   240  C  CD    . PRO A 1 36 ? -10.568 12.809  -4.800  1.00 70.43  ? 212 PRO B CD    1 
ATOM   241  N  N     . ASN A 1 37 ? -12.191 9.087   -7.227  1.00 67.79  ? 213 ASN B N     1 
ATOM   242  C  CA    . ASN A 1 37 ? -12.134 8.301   -8.458  1.00 70.33  ? 213 ASN B CA    1 
ATOM   243  C  C     . ASN A 1 37 ? -10.748 7.720   -8.744  1.00 70.74  ? 213 ASN B C     1 
ATOM   244  O  O     . ASN A 1 37 ? -10.617 6.872   -9.630  1.00 68.61  ? 213 ASN B O     1 
ATOM   245  C  CB    . ASN A 1 37 ? -12.570 9.122   -9.683  1.00 69.01  ? 213 ASN B CB    1 
ATOM   246  C  CG    . ASN A 1 37 ? -13.884 9.861   -9.472  1.00 76.36  ? 213 ASN B CG    1 
ATOM   247  O  OD1   . ASN A 1 37 ? -13.916 10.940  -8.862  1.00 83.40  ? 213 ASN B OD1   1 
ATOM   248  N  ND2   . ASN A 1 37 ? -14.981 9.274   -9.943  1.00 69.45  ? 213 ASN B ND2   1 
ATOM   249  N  N     . CYS A 1 38 ? -9.709  8.155   -8.031  1.00 70.33  ? 214 CYS B N     1 
ATOM   250  C  CA    . CYS A 1 38 ? -8.380  7.611   -8.291  1.00 68.89  ? 214 CYS B CA    1 
ATOM   251  C  C     . CYS A 1 38 ? -8.369  6.130   -7.951  1.00 67.36  ? 214 CYS B C     1 
ATOM   252  O  O     . CYS A 1 38 ? -8.776  5.754   -6.847  1.00 71.30  ? 214 CYS B O     1 
ATOM   253  C  CB    . CYS A 1 38 ? -7.295  8.317   -7.490  1.00 70.97  ? 214 CYS B CB    1 
ATOM   254  S  SG    . CYS A 1 38 ? -5.652  7.648   -7.821  1.00 65.17  ? 214 CYS B SG    1 
ATOM   255  N  N     . PRO A 1 39 ? -7.908  5.270   -8.855  1.00 70.56  ? 215 PRO B N     1 
ATOM   256  C  CA    . PRO A 1 39 ? -7.986  3.814   -8.657  1.00 64.83  ? 215 PRO B CA    1 
ATOM   257  C  C     . PRO A 1 39 ? -6.715  3.164   -8.128  1.00 64.87  ? 215 PRO B C     1 
ATOM   258  O  O     . PRO A 1 39 ? -6.725  1.953   -7.902  1.00 63.99  ? 215 PRO B O     1 
ATOM   259  C  CB    . PRO A 1 39 ? -8.259  3.320   -10.078 1.00 62.40  ? 215 PRO B CB    1 
ATOM   260  C  CG    . PRO A 1 39 ? -7.634  4.376   -10.980 1.00 68.41  ? 215 PRO B CG    1 
ATOM   261  C  CD    . PRO A 1 39 ? -7.346  5.607   -10.171 1.00 69.65  ? 215 PRO B CD    1 
ATOM   262  N  N     . THR A 1 40 ? -5.631  3.912   -7.951  1.00 66.82  ? 216 THR B N     1 
ATOM   263  C  CA    . THR A 1 40 ? -4.399  3.312   -7.468  1.00 67.64  ? 216 THR B CA    1 
ATOM   264  C  C     . THR A 1 40 ? -4.618  2.667   -6.104  1.00 66.75  ? 216 THR B C     1 
ATOM   265  O  O     . THR A 1 40 ? -5.337  3.191   -5.252  1.00 67.13  ? 216 THR B O     1 
ATOM   266  C  CB    . THR A 1 40 ? -3.297  4.361   -7.379  1.00 70.23  ? 216 THR B CB    1 
ATOM   267  O  OG1   . THR A 1 40 ? -3.077  4.928   -8.680  1.00 76.96  ? 216 THR B OG1   1 
ATOM   268  C  CG2   . THR A 1 40 ? -2.017  3.725   -6.886  1.00 67.16  ? 216 THR B CG2   1 
ATOM   269  N  N     . LYS A 1 41 ? -4.034  1.494   -5.923  1.00 63.54  ? 217 LYS B N     1 
ATOM   270  C  CA    . LYS A 1 41 ? -3.984  0.853   -4.630  1.00 60.47  ? 217 LYS B CA    1 
ATOM   271  C  C     . LYS A 1 41 ? -2.603  0.255   -4.463  1.00 61.14  ? 217 LYS B C     1 
ATOM   272  O  O     . LYS A 1 41 ? -1.890  0.030   -5.442  1.00 58.71  ? 217 LYS B O     1 
ATOM   273  C  CB    . LYS A 1 41 ? -5.073  -0.212  -4.489  1.00 61.78  ? 217 LYS B CB    1 
ATOM   274  C  CG    . LYS A 1 41 ? -5.638  -0.705  -5.793  1.00 62.38  ? 217 LYS B CG    1 
ATOM   275  C  CD    . LYS A 1 41 ? -6.723  -1.751  -5.555  1.00 63.98  ? 217 LYS B CD    1 
ATOM   276  C  CE    . LYS A 1 41 ? -8.037  -1.140  -5.071  1.00 62.70  ? 217 LYS B CE    1 
ATOM   277  N  NZ    . LYS A 1 41 ? -9.113  -2.180  -4.848  1.00 68.06  ? 217 LYS B NZ    1 
ATOM   278  N  N     . LYS A 1 42 ? -2.214  0.013   -3.215  1.00 57.10  ? 218 LYS B N     1 
ATOM   279  C  CA    . LYS A 1 42 ? -0.900  -0.549  -2.975  1.00 59.59  ? 218 LYS B CA    1 
ATOM   280  C  C     . LYS A 1 42 ? -0.958  -1.544  -1.834  1.00 59.30  ? 218 LYS B C     1 
ATOM   281  O  O     . LYS A 1 42 ? -1.866  -1.527  -1.007  1.00 60.59  ? 218 LYS B O     1 
ATOM   282  C  CB    . LYS A 1 42 ? 0.136   0.537   -2.693  1.00 61.27  ? 218 LYS B CB    1 
ATOM   283  C  CG    . LYS A 1 42 ? 0.021   1.183   -1.355  1.00 59.69  ? 218 LYS B CG    1 
ATOM   284  C  CD    . LYS A 1 42 ? 1.054   2.299   -1.214  1.00 63.66  ? 218 LYS B CD    1 
ATOM   285  C  CE    . LYS A 1 42 ? 1.185   2.763   0.222   1.00 65.00  ? 218 LYS B CE    1 
ATOM   286  N  NZ    . LYS A 1 42 ? 2.045   3.957   0.355   1.00 70.00  ? 218 LYS B NZ    1 
ATOM   287  N  N     . LYS A 1 43 ? 0.018   -2.441  -1.838  1.00 60.99  ? 219 LYS B N     1 
ATOM   288  C  CA    . LYS A 1 43 ? 0.184   -3.479  -0.835  1.00 60.33  ? 219 LYS B CA    1 
ATOM   289  C  C     . LYS A 1 43 ? 1.577   -3.340  -0.248  1.00 63.51  ? 219 LYS B C     1 
ATOM   290  O  O     . LYS A 1 43 ? 2.505   -2.923  -0.946  1.00 63.21  ? 219 LYS B O     1 
ATOM   291  C  CB    . LYS A 1 43 ? -0.027  -4.870  -1.445  1.00 60.51  ? 219 LYS B CB    1 
ATOM   292  C  CG    . LYS A 1 43 ? -1.284  -4.947  -2.325  1.00 67.54  ? 219 LYS B CG    1 
ATOM   293  C  CD    . LYS A 1 43 ? -1.244  -5.991  -3.462  1.00 72.29  ? 219 LYS B CD    1 
ATOM   294  C  CE    . LYS A 1 43 ? -1.645  -5.371  -4.818  1.00 74.99  ? 219 LYS B CE    1 
ATOM   295  N  NZ    . LYS A 1 43 ? -3.124  -5.181  -4.926  1.00 71.52  ? 219 LYS B NZ    1 
ATOM   296  N  N     . VAL A 1 44 ? 1.719   -3.634  1.046   1.00 60.51  ? 220 VAL B N     1 
ATOM   297  C  CA    . VAL A 1 44 ? 2.947   -3.288  1.758   1.00 60.24  ? 220 VAL B CA    1 
ATOM   298  C  C     . VAL A 1 44 ? 3.310   -4.368  2.761   1.00 61.39  ? 220 VAL B C     1 
ATOM   299  O  O     . VAL A 1 44 ? 2.476   -4.779  3.573   1.00 65.31  ? 220 VAL B O     1 
ATOM   300  C  CB    . VAL A 1 44 ? 2.829   -1.932  2.471   1.00 59.01  ? 220 VAL B CB    1 
ATOM   301  C  CG1   . VAL A 1 44 ? 3.850   -1.842  3.586   1.00 64.66  ? 220 VAL B CG1   1 
ATOM   302  C  CG2   . VAL A 1 44 ? 3.021   -0.807  1.480   1.00 59.18  ? 220 VAL B CG2   1 
ATOM   303  N  N     . GLU A 1 45 ? 4.563   -4.814  2.707   1.00 63.39  ? 221 GLU B N     1 
ATOM   304  C  CA    . GLU A 1 45 ? 5.157   -5.722  3.678   1.00 68.38  ? 221 GLU B CA    1 
ATOM   305  C  C     . GLU A 1 45 ? 6.311   -4.995  4.352   1.00 72.50  ? 221 GLU B C     1 
ATOM   306  O  O     . GLU A 1 45 ? 7.228   -4.527  3.676   1.00 73.35  ? 221 GLU B O     1 
ATOM   307  C  CB    . GLU A 1 45 ? 5.663   -6.990  2.995   1.00 72.43  ? 221 GLU B CB    1 
ATOM   308  C  CG    . GLU A 1 45 ? 5.529   -8.261  3.796   1.00 81.05  ? 221 GLU B CG    1 
ATOM   309  C  CD    . GLU A 1 45 ? 5.786   -9.516  2.956   1.00 98.56  ? 221 GLU B CD    1 
ATOM   310  O  OE1   . GLU A 1 45 ? 4.950   -9.860  2.082   1.00 99.70  ? 221 GLU B OE1   1 
ATOM   311  O  OE2   . GLU A 1 45 ? 6.840   -10.159 3.177   1.00 106.78 ? 221 GLU B OE2   1 
ATOM   312  N  N     . ARG A 1 46 ? 6.262   -4.884  5.673   1.00 77.27  ? 222 ARG B N     1 
ATOM   313  C  CA    . ARG A 1 46 ? 7.319   -4.254  6.443   1.00 77.17  ? 222 ARG B CA    1 
ATOM   314  C  C     . ARG A 1 46 ? 7.975   -5.279  7.346   1.00 81.71  ? 222 ARG B C     1 
ATOM   315  O  O     . ARG A 1 46 ? 7.304   -6.163  7.885   1.00 84.80  ? 222 ARG B O     1 
ATOM   316  C  CB    . ARG A 1 46 ? 6.789   -3.092  7.281   1.00 79.70  ? 222 ARG B CB    1 
ATOM   317  C  CG    . ARG A 1 46 ? 6.275   -1.925  6.479   1.00 80.07  ? 222 ARG B CG    1 
ATOM   318  C  CD    . ARG A 1 46 ? 6.311   -0.649  7.308   1.00 86.32  ? 222 ARG B CD    1 
ATOM   319  N  NE    . ARG A 1 46 ? 5.423   0.378   6.773   1.00 90.96  ? 222 ARG B NE    1 
ATOM   320  C  CZ    . ARG A 1 46 ? 5.851   1.417   6.059   1.00 91.95  ? 222 ARG B CZ    1 
ATOM   321  N  NH1   . ARG A 1 46 ? 7.154   1.571   5.828   1.00 95.63  ? 222 ARG B NH1   1 
ATOM   322  N  NH2   . ARG A 1 46 ? 4.984   2.308   5.585   1.00 89.52  ? 222 ARG B NH2   1 
ATOM   323  N  N     . SER A 1 47 ? 9.283   -5.146  7.519   1.00 79.60  ? 223 SER B N     1 
ATOM   324  C  CA    . SER A 1 47 ? 10.008  -6.029  8.412   1.00 82.94  ? 223 SER B CA    1 
ATOM   325  C  C     . SER A 1 47 ? 9.619   -5.773  9.865   1.00 90.95  ? 223 SER B C     1 
ATOM   326  O  O     . SER A 1 47 ? 8.981   -4.768  10.210  1.00 91.68  ? 223 SER B O     1 
ATOM   327  C  CB    . SER A 1 47 ? 11.509  -5.832  8.250   1.00 84.42  ? 223 SER B CB    1 
ATOM   328  O  OG    . SER A 1 47 ? 11.897  -4.560  8.743   1.00 81.49  ? 223 SER B OG    1 
ATOM   329  N  N     . LEU A 1 48 ? 10.053  -6.687  10.736  1.00 91.23  ? 224 LEU B N     1 
ATOM   330  C  CA    . LEU A 1 48 ? 9.820   -6.549  12.196  1.00 84.75  ? 224 LEU B CA    1 
ATOM   331  C  C     . LEU A 1 48 ? 10.521  -5.277  12.660  1.00 87.98  ? 224 LEU B C     1 
ATOM   332  O  O     . LEU A 1 48 ? 10.158  -4.754  13.701  1.00 91.54  ? 224 LEU B O     1 
ATOM   333  C  CB    . LEU A 1 48 ? 10.434  -7.742  12.927  1.00 87.49  ? 224 LEU B CB    1 
ATOM   334  C  CG    . LEU A 1 48 ? 9.876   -9.111  12.564  1.00 97.28  ? 224 LEU B CG    1 
ATOM   335  C  CD1   . LEU A 1 48 ? 11.000  -10.124 12.444  1.00 88.81  ? 224 LEU B CD1   1 
ATOM   336  C  CD2   . LEU A 1 48 ? 8.868   -9.563  13.600  1.00 101.78 ? 224 LEU B CD2   1 
ATOM   337  N  N     . GLU A 1 49 ? 11.485  -4.799  11.876  1.00 90.66  ? 225 GLU B N     1 
ATOM   338  C  CA    . GLU A 1 49 ? 12.250  -3.570  12.190  1.00 89.04  ? 225 GLU B CA    1 
ATOM   339  C  C     . GLU A 1 49 ? 11.462  -2.369  11.662  1.00 89.86  ? 225 GLU B C     1 
ATOM   340  O  O     . GLU A 1 49 ? 11.856  -1.240  11.972  1.00 91.54  ? 225 GLU B O     1 
ATOM   341  C  CB    . GLU A 1 49 ? 13.624  -3.610  11.513  1.00 89.10  ? 225 GLU B CB    1 
ATOM   342  C  CG    . GLU A 1 49 ? 14.666  -4.500  12.176  1.00 83.08  ? 225 GLU B CG    1 
ATOM   343  C  CD    . GLU A 1 49 ? 16.097  -4.228  11.735  1.00 89.67  ? 225 GLU B CD    1 
ATOM   344  O  OE1   . GLU A 1 49 ? 16.922  -5.151  11.741  1.00 83.77  ? 225 GLU B OE1   1 
ATOM   345  O  OE2   . GLU A 1 49 ? 16.383  -3.090  11.376  1.00 92.74  ? 225 GLU B OE2   1 
ATOM   346  N  N     . GLY A 1 50 ? 10.414  -2.608  10.867  1.00 85.78  ? 226 GLY B N     1 
ATOM   347  C  CA    . GLY A 1 50 ? 9.587   -1.524  10.311  1.00 86.88  ? 226 GLY B CA    1 
ATOM   348  C  C     . GLY A 1 50 ? 10.186  -1.030  9.017   1.00 88.67  ? 226 GLY B C     1 
ATOM   349  O  O     . GLY A 1 50 ? 9.955   0.117   8.642   1.00 85.50  ? 226 GLY B O     1 
ATOM   350  N  N     . GLN A 1 51 ? 10.954  -1.887  8.362   1.00 93.27  ? 227 GLN B N     1 
ATOM   351  C  CA    . GLN A 1 51 ? 11.586  -1.486  7.089   1.00 90.91  ? 227 GLN B CA    1 
ATOM   352  C  C     . GLN A 1 51 ? 10.762  -2.057  5.941   1.00 88.06  ? 227 GLN B C     1 
ATOM   353  O  O     . GLN A 1 51 ? 10.321  -3.205  6.035   1.00 81.95  ? 227 GLN B O     1 
ATOM   354  C  CB    . GLN A 1 51 ? 13.020  -2.006  7.033   1.00 93.92  ? 227 GLN B CB    1 
ATOM   355  C  CG    . GLN A 1 51 ? 14.065  -0.905  7.066   1.00 102.28 ? 227 GLN B CG    1 
ATOM   356  C  CD    . GLN A 1 51 ? 15.388  -1.377  6.520   1.00 109.06 ? 227 GLN B CD    1 
ATOM   357  O  OE1   . GLN A 1 51 ? 16.161  -2.037  7.208   1.00 106.89 ? 227 GLN B OE1   1 
ATOM   358  N  NE2   . GLN A 1 51 ? 15.658  -1.039  5.271   1.00 107.09 ? 227 GLN B NE2   1 
ATOM   359  N  N     . ILE A 1 52 ? 10.529  -1.241  4.924   1.00 87.49  ? 228 ILE B N     1 
ATOM   360  C  CA    . ILE A 1 52 ? 9.811   -1.694  3.739   1.00 81.02  ? 228 ILE B CA    1 
ATOM   361  C  C     . ILE A 1 52 ? 10.568  -2.832  3.066   1.00 76.86  ? 228 ILE B C     1 
ATOM   362  O  O     . ILE A 1 52 ? 11.662  -2.629  2.534   1.00 84.06  ? 228 ILE B O     1 
ATOM   363  C  CB    . ILE A 1 52 ? 9.601   -0.523  2.768   1.00 78.56  ? 228 ILE B CB    1 
ATOM   364  C  CG1   . ILE A 1 52 ? 8.385   0.284   3.200   1.00 83.55  ? 228 ILE B CG1   1 
ATOM   365  C  CG2   . ILE A 1 52 ? 9.439   -1.013  1.356   1.00 75.99  ? 228 ILE B CG2   1 
ATOM   366  C  CD1   . ILE A 1 52 ? 8.067   1.405   2.265   1.00 90.21  ? 228 ILE B CD1   1 
ATOM   367  N  N     . THR A 1 53 ? 10.009  -4.040  3.088   1.00 72.61  ? 229 THR B N     1 
ATOM   368  C  CA    . THR A 1 53 ? 10.629  -5.132  2.355   1.00 69.59  ? 229 THR B CA    1 
ATOM   369  C  C     . THR A 1 53 ? 9.987   -5.367  0.998   1.00 70.82  ? 229 THR B C     1 
ATOM   370  O  O     . THR A 1 53 ? 10.612  -5.998  0.145   1.00 74.30  ? 229 THR B O     1 
ATOM   371  C  CB    . THR A 1 53 ? 10.581  -6.451  3.146   1.00 71.32  ? 229 THR B CB    1 
ATOM   372  O  OG1   . THR A 1 53 ? 9.355   -7.140  2.889   1.00 77.38  ? 229 THR B OG1   1 
ATOM   373  C  CG2   . THR A 1 53 ? 10.669  -6.202  4.619   1.00 76.82  ? 229 THR B CG2   1 
ATOM   374  N  N     . GLU A 1 54 ? 8.768   -4.880  0.771   1.00 71.85  ? 230 GLU B N     1 
ATOM   375  C  CA    . GLU A 1 54 ? 8.098   -5.108  -0.503  1.00 67.32  ? 230 GLU B CA    1 
ATOM   376  C  C     . GLU A 1 54 ? 6.937   -4.130  -0.610  1.00 67.76  ? 230 GLU B C     1 
ATOM   377  O  O     . GLU A 1 54 ? 6.196   -3.958  0.358   1.00 69.41  ? 230 GLU B O     1 
ATOM   378  C  CB    . GLU A 1 54 ? 7.627   -6.562  -0.604  1.00 66.91  ? 230 GLU B CB    1 
ATOM   379  C  CG    . GLU A 1 54 ? 7.365   -7.080  -2.023  1.00 75.09  ? 230 GLU B CG    1 
ATOM   380  C  CD    . GLU A 1 54 ? 7.276   -8.621  -2.105  1.00 92.82  ? 230 GLU B CD    1 
ATOM   381  O  OE1   . GLU A 1 54 ? 8.034   -9.328  -1.395  1.00 99.26  ? 230 GLU B OE1   1 
ATOM   382  O  OE2   . GLU A 1 54 ? 6.441   -9.134  -2.883  1.00 94.65  ? 230 GLU B OE2   1 
ATOM   383  N  N     . ILE A 1 55 ? 6.825   -3.446  -1.753  1.00 66.88  ? 231 ILE B N     1 
ATOM   384  C  CA    . ILE A 1 55 ? 5.684   -2.598  -2.092  1.00 64.58  ? 231 ILE B CA    1 
ATOM   385  C  C     . ILE A 1 55 ? 5.242   -2.952  -3.496  1.00 63.04  ? 231 ILE B C     1 
ATOM   386  O  O     . ILE A 1 55 ? 6.058   -2.922  -4.418  1.00 67.63  ? 231 ILE B O     1 
ATOM   387  C  CB    . ILE A 1 55 ? 6.005   -1.094  -2.064  1.00 65.36  ? 231 ILE B CB    1 
ATOM   388  C  CG1   . ILE A 1 55 ? 7.057   -0.752  -1.033  1.00 75.64  ? 231 ILE B CG1   1 
ATOM   389  C  CG2   . ILE A 1 55 ? 4.751   -0.285  -1.788  1.00 64.71  ? 231 ILE B CG2   1 
ATOM   390  C  CD1   . ILE A 1 55 ? 7.468   0.720   -1.120  1.00 83.19  ? 231 ILE B CD1   1 
ATOM   391  N  N     . VAL A 1 56 ? 3.952   -3.229  -3.668  1.00 63.28  ? 232 VAL B N     1 
ATOM   392  C  CA    . VAL A 1 56 ? 3.316   -3.378  -4.973  1.00 58.89  ? 232 VAL B CA    1 
ATOM   393  C  C     . VAL A 1 56 ? 2.404   -2.178  -5.199  1.00 65.01  ? 232 VAL B C     1 
ATOM   394  O  O     . VAL A 1 56 ? 1.488   -1.934  -4.403  1.00 70.45  ? 232 VAL B O     1 
ATOM   395  C  CB    . VAL A 1 56 ? 2.506   -4.676  -5.061  1.00 55.68  ? 232 VAL B CB    1 
ATOM   396  C  CG1   . VAL A 1 56 ? 1.841   -4.768  -6.394  1.00 66.36  ? 232 VAL B CG1   1 
ATOM   397  C  CG2   . VAL A 1 56 ? 3.380   -5.863  -4.835  1.00 61.87  ? 232 VAL B CG2   1 
ATOM   398  N  N     . TYR A 1 57 ? 2.634   -1.432  -6.277  1.00 62.56  ? 233 TYR B N     1 
ATOM   399  C  CA    . TYR A 1 57 ? 1.714   -0.380  -6.699  1.00 65.44  ? 233 TYR B CA    1 
ATOM   400  C  C     . TYR A 1 57 ? 0.917   -0.902  -7.878  1.00 64.78  ? 233 TYR B C     1 
ATOM   401  O  O     . TYR A 1 57 ? 1.490   -1.484  -8.791  1.00 68.30  ? 233 TYR B O     1 
ATOM   402  C  CB    . TYR A 1 57 ? 2.441   0.912   -7.083  1.00 67.76  ? 233 TYR B CB    1 
ATOM   403  C  CG    . TYR A 1 57 ? 2.998   1.664   -5.893  1.00 69.40  ? 233 TYR B CG    1 
ATOM   404  C  CD1   . TYR A 1 57 ? 4.225   1.328   -5.346  1.00 68.84  ? 233 TYR B CD1   1 
ATOM   405  C  CD2   . TYR A 1 57 ? 2.298   2.715   -5.324  1.00 71.27  ? 233 TYR B CD2   1 
ATOM   406  C  CE1   . TYR A 1 57 ? 4.733   2.006   -4.261  1.00 70.30  ? 233 TYR B CE1   1 
ATOM   407  C  CE2   . TYR A 1 57 ? 2.799   3.401   -4.228  1.00 70.96  ? 233 TYR B CE2   1 
ATOM   408  C  CZ    . TYR A 1 57 ? 4.015   3.039   -3.704  1.00 70.66  ? 233 TYR B CZ    1 
ATOM   409  O  OH    . TYR A 1 57 ? 4.521   3.718   -2.627  1.00 73.10  ? 233 TYR B OH    1 
ATOM   410  N  N     . LYS A 1 58 ? -0.399  -0.699  -7.862  1.00 70.16  ? 234 LYS B N     1 
ATOM   411  C  CA    . LYS A 1 58 ? -1.291  -1.274  -8.873  1.00 66.59  ? 234 LYS B CA    1 
ATOM   412  C  C     . LYS A 1 58 ? -2.128  -0.130  -9.438  1.00 68.47  ? 234 LYS B C     1 
ATOM   413  O  O     . LYS A 1 58 ? -3.292  0.041   -9.089  1.00 73.79  ? 234 LYS B O     1 
ATOM   414  C  CB    . LYS A 1 58 ? -2.154  -2.383  -8.265  1.00 68.27  ? 234 LYS B CB    1 
ATOM   415  C  CG    . LYS A 1 58 ? -2.144  -3.680  -9.044  1.00 78.88  ? 234 LYS B CG    1 
ATOM   416  C  CD    . LYS A 1 58 ? -2.933  -4.779  -8.326  1.00 86.44  ? 234 LYS B CD    1 
ATOM   417  C  CE    . LYS A 1 58 ? -3.108  -6.028  -9.207  1.00 90.80  ? 234 LYS B CE    1 
ATOM   418  N  NZ    . LYS A 1 58 ? -4.286  -5.962  -10.125 1.00 90.90  ? 234 LYS B NZ    1 
ATOM   419  N  N     . GLY A 1 59 ? -1.527  0.667   -10.306 1.00 69.26  ? 235 GLY B N     1 
ATOM   420  C  CA    . GLY A 1 59 ? -2.202  1.778   -10.928 1.00 67.63  ? 235 GLY B CA    1 
ATOM   421  C  C     . GLY A 1 59 ? -1.333  3.010   -10.947 1.00 74.70  ? 235 GLY B C     1 
ATOM   422  O  O     . GLY A 1 59 ? -0.160  2.996   -10.572 1.00 78.25  ? 235 GLY B O     1 
ATOM   423  N  N     . SER A 1 60 ? -1.937  4.102   -11.379 1.00 75.86  ? 236 SER B N     1 
ATOM   424  C  CA    . SER A 1 60 ? -1.198  5.339   -11.533 1.00 78.42  ? 236 SER B CA    1 
ATOM   425  C  C     . SER A 1 60 ? -2.134  6.491   -11.228 1.00 73.86  ? 236 SER B C     1 
ATOM   426  O  O     . SER A 1 60 ? -3.303  6.463   -11.608 1.00 75.17  ? 236 SER B O     1 
ATOM   427  C  CB    . SER A 1 60 ? -0.607  5.431   -12.944 1.00 85.17  ? 236 SER B CB    1 
ATOM   428  O  OG    . SER A 1 60 ? -1.634  5.399   -13.924 1.00 89.74  ? 236 SER B OG    1 
ATOM   429  N  N     . HIS A 1 61 ? -1.617  7.484   -10.521 1.00 74.66  ? 237 HIS B N     1 
ATOM   430  C  CA    . HIS A 1 61 ? -2.433  8.587   -10.034 1.00 77.80  ? 237 HIS B CA    1 
ATOM   431  C  C     . HIS A 1 61 ? -2.665  9.578   -11.161 1.00 83.19  ? 237 HIS B C     1 
ATOM   432  O  O     . HIS A 1 61 ? -1.745  10.304  -11.547 1.00 90.93  ? 237 HIS B O     1 
ATOM   433  C  CB    . HIS A 1 61 ? -1.734  9.286   -8.881  1.00 77.10  ? 237 HIS B CB    1 
ATOM   434  C  CG    . HIS A 1 61 ? -1.421  8.390   -7.738  1.00 75.40  ? 237 HIS B CG    1 
ATOM   435  N  ND1   . HIS A 1 61 ? -2.389  7.903   -6.888  1.00 72.77  ? 237 HIS B ND1   1 
ATOM   436  C  CD2   . HIS A 1 61 ? -0.245  7.878   -7.310  1.00 75.18  ? 237 HIS B CD2   1 
ATOM   437  C  CE1   . HIS A 1 61 ? -1.818  7.145   -5.973  1.00 73.33  ? 237 HIS B CE1   1 
ATOM   438  N  NE2   . HIS A 1 61 ? -0.518  7.110   -6.208  1.00 75.21  ? 237 HIS B NE2   1 
ATOM   439  N  N     . ASN A 1 62 ? -3.889  9.645   -11.672 1.00 81.66  ? 238 ASN B N     1 
ATOM   440  C  CA    . ASN A 1 62 ? -4.227  10.680  -12.646 1.00 80.84  ? 238 ASN B CA    1 
ATOM   441  C  C     . ASN A 1 62 ? -4.531  12.016  -11.978 1.00 81.01  ? 238 ASN B C     1 
ATOM   442  O  O     . ASN A 1 62 ? -5.440  12.751  -12.363 1.00 85.07  ? 238 ASN B O     1 
ATOM   443  C  CB    . ASN A 1 62 ? -5.391  10.201  -13.510 1.00 82.95  ? 238 ASN B CB    1 
ATOM   444  C  CG    . ASN A 1 62 ? -5.713  11.156  -14.646 1.00 91.44  ? 238 ASN B CG    1 
ATOM   445  O  OD1   . ASN A 1 62 ? -6.722  11.864  -14.609 1.00 93.24  ? 238 ASN B OD1   1 
ATOM   446  N  ND2   . ASN A 1 62 ? -4.829  11.216  -15.636 1.00 96.61  ? 238 ASN B ND2   1 
ATOM   447  N  N     . HIS A 1 63 ? -3.758  12.356  -10.964 1.00 79.92  ? 239 HIS B N     1 
ATOM   448  C  CA    . HIS A 1 63 ? -3.953  13.603  -10.244 1.00 82.08  ? 239 HIS B CA    1 
ATOM   449  C  C     . HIS A 1 63 ? -2.603  14.036  -9.709  1.00 85.07  ? 239 HIS B C     1 
ATOM   450  O  O     . HIS A 1 63 ? -1.640  13.259  -9.719  1.00 86.33  ? 239 HIS B O     1 
ATOM   451  C  CB    . HIS A 1 63 ? -4.957  13.434  -9.102  1.00 84.04  ? 239 HIS B CB    1 
ATOM   452  C  CG    . HIS A 1 63 ? -4.662  12.270  -8.206  1.00 82.94  ? 239 HIS B CG    1 
ATOM   453  N  ND1   . HIS A 1 63 ? -4.081  12.415  -6.964  1.00 80.62  ? 239 HIS B ND1   1 
ATOM   454  C  CD2   . HIS A 1 63 ? -4.828  10.939  -8.390  1.00 80.30  ? 239 HIS B CD2   1 
ATOM   455  C  CE1   . HIS A 1 63 ? -3.928  11.226  -6.410  1.00 77.85  ? 239 HIS B CE1   1 
ATOM   456  N  NE2   . HIS A 1 63 ? -4.373  10.312  -7.255  1.00 78.07  ? 239 HIS B NE2   1 
ATOM   457  N  N     . PRO A 1 64 ? -2.490  15.273  -9.265  1.00 86.21  ? 240 PRO B N     1 
ATOM   458  C  CA    . PRO A 1 64 ? -1.270  15.713  -8.586  1.00 89.16  ? 240 PRO B CA    1 
ATOM   459  C  C     . PRO A 1 64 ? -1.253  15.236  -7.142  1.00 90.56  ? 240 PRO B C     1 
ATOM   460  O  O     . PRO A 1 64 ? -2.256  14.768  -6.607  1.00 95.21  ? 240 PRO B O     1 
ATOM   461  C  CB    . PRO A 1 64 ? -1.375  17.236  -8.658  1.00 96.62  ? 240 PRO B CB    1 
ATOM   462  C  CG    . PRO A 1 64 ? -2.868  17.492  -8.702  1.00 91.29  ? 240 PRO B CG    1 
ATOM   463  C  CD    . PRO A 1 64 ? -3.396  16.394  -9.568  1.00 90.79  ? 240 PRO B CD    1 
ATOM   464  N  N     . LYS A 1 65 ? -0.089  15.379  -6.506  1.00 91.45  ? 241 LYS B N     1 
ATOM   465  C  CA    . LYS A 1 65 ? 0.025   15.097  -5.081  1.00 93.80  ? 241 LYS B CA    1 
ATOM   466  C  C     . LYS A 1 65 ? -0.648  16.206  -4.281  1.00 96.67  ? 241 LYS B C     1 
ATOM   467  O  O     . LYS A 1 65 ? -1.083  17.211  -4.843  1.00 99.70  ? 241 LYS B O     1 
ATOM   468  C  CB    . LYS A 1 65 ? 1.489   14.950  -4.673  1.00 88.55  ? 241 LYS B CB    1 
ATOM   469  C  CG    . LYS A 1 65 ? 2.269   14.007  -5.547  1.00 85.67  ? 241 LYS B CG    1 
ATOM   470  C  CD    . LYS A 1 65 ? 3.651   13.771  -4.988  1.00 84.66  ? 241 LYS B CD    1 
ATOM   471  C  CE    . LYS A 1 65 ? 4.449   12.850  -5.889  1.00 80.61  ? 241 LYS B CE    1 
ATOM   472  N  NZ    . LYS A 1 65 ? 5.822   12.662  -5.358  1.00 82.81  ? 241 LYS B NZ    1 
ATOM   473  N  N     . PRO A 1 66 ? -0.794  16.031  -2.959  1.00 98.93  ? 242 PRO B N     1 
ATOM   474  C  CA    . PRO A 1 66 ? -1.266  17.110  -2.067  1.00 104.18 ? 242 PRO B CA    1 
ATOM   475  C  C     . PRO A 1 66 ? -0.160  18.021  -1.516  1.00 105.02 ? 242 PRO B C     1 
ATOM   476  O  O     . PRO A 1 66 ? -0.454  18.883  -0.673  1.00 103.68 ? 242 PRO B O     1 
ATOM   477  C  CB    . PRO A 1 66 ? -1.945  16.346  -0.917  1.00 98.44  ? 242 PRO B CB    1 
ATOM   478  C  CG    . PRO A 1 66 ? -2.218  14.988  -1.477  1.00 99.01  ? 242 PRO B CG    1 
ATOM   479  C  CD    . PRO A 1 66 ? -1.062  14.705  -2.388  1.00 93.29  ? 242 PRO B CD    1 
ATOM   480  O  "O5'" . DA  B 2 1  ? -22.918 12.908  11.384  1.00 73.26  ? 1   DA  C "O5'" 1 
ATOM   481  C  "C5'" . DA  B 2 1  ? -22.912 14.289  11.766  1.00 78.41  ? 1   DA  C "C5'" 1 
ATOM   482  C  "C4'" . DA  B 2 1  ? -22.048 15.085  10.822  1.00 78.14  ? 1   DA  C "C4'" 1 
ATOM   483  O  "O4'" . DA  B 2 1  ? -20.833 15.427  11.497  1.00 73.89  ? 1   DA  C "O4'" 1 
ATOM   484  C  "C3'" . DA  B 2 1  ? -21.587 14.328  9.591   1.00 75.41  ? 1   DA  C "C3'" 1 
ATOM   485  O  "O3'" . DA  B 2 1  ? -21.102 15.238  8.619   1.00 77.88  ? 1   DA  C "O3'" 1 
ATOM   486  C  "C2'" . DA  B 2 1  ? -20.372 13.588  10.096  1.00 70.71  ? 1   DA  C "C2'" 1 
ATOM   487  C  "C1'" . DA  B 2 1  ? -19.887 14.408  11.279  1.00 66.81  ? 1   DA  C "C1'" 1 
ATOM   488  N  N9    . DA  B 2 1  ? -19.812 13.611  12.489  1.00 63.25  ? 1   DA  C N9    1 
ATOM   489  C  C8    . DA  B 2 1  ? -20.805 12.863  13.062  1.00 66.28  ? 1   DA  C C8    1 
ATOM   490  N  N7    . DA  B 2 1  ? -20.431 12.231  14.145  1.00 60.93  ? 1   DA  C N7    1 
ATOM   491  C  C5    . DA  B 2 1  ? -19.097 12.576  14.285  1.00 59.37  ? 1   DA  C C5    1 
ATOM   492  C  C6    . DA  B 2 1  ? -18.132 12.229  15.235  1.00 58.65  ? 1   DA  C C6    1 
ATOM   493  N  N6    . DA  B 2 1  ? -18.369 11.417  16.263  1.00 57.44  ? 1   DA  C N6    1 
ATOM   494  N  N1    . DA  B 2 1  ? -16.895 12.747  15.090  1.00 59.21  ? 1   DA  C N1    1 
ATOM   495  C  C2    . DA  B 2 1  ? -16.657 13.551  14.050  1.00 60.27  ? 1   DA  C C2    1 
ATOM   496  N  N3    . DA  B 2 1  ? -17.485 13.955  13.095  1.00 53.96  ? 1   DA  C N3    1 
ATOM   497  C  C4    . DA  B 2 1  ? -18.702 13.419  13.268  1.00 57.80  ? 1   DA  C C4    1 
ATOM   498  P  P     . DG  B 2 2  ? -21.019 14.795  7.135   1.00 89.58  ? 2   DG  C P     1 
ATOM   499  O  OP1   . DG  B 2 2  ? -21.019 15.991  6.295   1.00 78.42  ? 2   DG  C OP1   1 
ATOM   500  O  OP2   . DG  B 2 2  ? -22.003 13.742  6.931   1.00 86.17  ? 2   DG  C OP2   1 
ATOM   501  O  "O5'" . DG  B 2 2  ? -19.575 14.165  7.033   1.00 85.09  ? 2   DG  C "O5'" 1 
ATOM   502  C  "C5'" . DG  B 2 2  ? -18.447 15.034  7.052   1.00 79.70  ? 2   DG  C "C5'" 1 
ATOM   503  C  "C4'" . DG  B 2 2  ? -17.197 14.254  7.376   1.00 81.05  ? 2   DG  C "C4'" 1 
ATOM   504  O  "O4'" . DG  B 2 2  ? -17.299 13.667  8.686   1.00 79.29  ? 2   DG  C "O4'" 1 
ATOM   505  C  "C3'" . DG  B 2 2  ? -16.886 13.103  6.421   1.00 81.43  ? 2   DG  C "C3'" 1 
ATOM   506  O  "O3'" . DG  B 2 2  ? -15.632 13.419  5.837   1.00 80.12  ? 2   DG  C "O3'" 1 
ATOM   507  C  "C2'" . DG  B 2 2  ? -16.754 11.895  7.330   1.00 72.48  ? 2   DG  C "C2'" 1 
ATOM   508  C  "C1'" . DG  B 2 2  ? -16.493 12.522  8.677   1.00 66.83  ? 2   DG  C "C1'" 1 
ATOM   509  N  N9    . DG  B 2 2  ? -16.856 11.705  9.825   1.00 62.04  ? 2   DG  C N9    1 
ATOM   510  C  C8    . DG  B 2 2  ? -18.050 11.074  10.060  1.00 62.16  ? 2   DG  C C8    1 
ATOM   511  N  N7    . DG  B 2 2  ? -18.062 10.401  11.177  1.00 55.16  ? 2   DG  C N7    1 
ATOM   512  C  C5    . DG  B 2 2  ? -16.798 10.601  11.710  1.00 56.64  ? 2   DG  C C5    1 
ATOM   513  C  C6    . DG  B 2 2  ? -16.224 10.125  12.915  1.00 55.72  ? 2   DG  C C6    1 
ATOM   514  O  O6    . DG  B 2 2  ? -16.731 9.400   13.775  1.00 58.29  ? 2   DG  C O6    1 
ATOM   515  N  N1    . DG  B 2 2  ? -14.917 10.567  13.069  1.00 56.19  ? 2   DG  C N1    1 
ATOM   516  C  C2    . DG  B 2 2  ? -14.247 11.361  12.176  1.00 59.66  ? 2   DG  C C2    1 
ATOM   517  N  N2    . DG  B 2 2  ? -12.992 11.679  12.497  1.00 57.06  ? 2   DG  C N2    1 
ATOM   518  N  N3    . DG  B 2 2  ? -14.775 11.823  11.057  1.00 58.13  ? 2   DG  C N3    1 
ATOM   519  C  C4    . DG  B 2 2  ? -16.044 11.408  10.888  1.00 59.86  ? 2   DG  C C4    1 
ATOM   520  P  P     . DC  B 2 3  ? -15.182 12.756  4.505   1.00 87.39  ? 3   DC  C P     1 
ATOM   521  O  OP1   . DC  B 2 3  ? -14.573 13.835  3.666   1.00 79.35  ? 3   DC  C OP1   1 
ATOM   522  O  OP2   . DC  B 2 3  ? -16.279 11.886  4.004   1.00 82.66  ? 3   DC  C OP2   1 
ATOM   523  O  "O5'" . DC  B 2 3  ? -14.024 11.774  5.015   1.00 80.10  ? 3   DC  C "O5'" 1 
ATOM   524  C  "C5'" . DC  B 2 3  ? -12.830 12.348  5.538   1.00 76.09  ? 3   DC  C "C5'" 1 
ATOM   525  C  "C4'" . DC  B 2 3  ? -12.167 11.418  6.519   1.00 66.51  ? 3   DC  C "C4'" 1 
ATOM   526  O  "O4'" . DC  B 2 3  ? -13.111 10.985  7.501   1.00 67.04  ? 3   DC  C "O4'" 1 
ATOM   527  C  "C3'" . DC  B 2 3  ? -11.656 10.130  5.918   1.00 70.17  ? 3   DC  C "C3'" 1 
ATOM   528  O  "O3'" . DC  B 2 3  ? -10.284 10.245  5.650   1.00 73.39  ? 3   DC  C "O3'" 1 
ATOM   529  C  "C2'" . DC  B 2 3  ? -11.926 9.075   7.011   1.00 69.00  ? 3   DC  C "C2'" 1 
ATOM   530  C  "C1'" . DC  B 2 3  ? -12.521 9.903   8.151   1.00 64.17  ? 3   DC  C "C1'" 1 
ATOM   531  N  N1    . DC  B 2 3  ? -13.557 9.180   8.937   1.00 58.50  ? 3   DC  C N1    1 
ATOM   532  C  C2    . DC  B 2 3  ? -13.245 8.706   10.220  1.00 57.15  ? 3   DC  C C2    1 
ATOM   533  O  O2    . DC  B 2 3  ? -12.110 8.922   10.675  1.00 55.53  ? 3   DC  C O2    1 
ATOM   534  N  N3    . DC  B 2 3  ? -14.205 8.032   10.929  1.00 56.76  ? 3   DC  C N3    1 
ATOM   535  C  C4    . DC  B 2 3  ? -15.425 7.835   10.375  1.00 58.43  ? 3   DC  C C4    1 
ATOM   536  N  N4    . DC  B 2 3  ? -16.356 7.163   11.078  1.00 51.42  ? 3   DC  C N4    1 
ATOM   537  C  C5    . DC  B 2 3  ? -15.737 8.315   9.065   1.00 57.26  ? 3   DC  C C5    1 
ATOM   538  C  C6    . DC  B 2 3  ? -14.787 8.972   8.394   1.00 56.78  ? 3   DC  C C6    1 
ATOM   539  P  P     . DC  B 2 4  ? -9.548  9.032   4.909   1.00 71.89  ? 4   DC  C P     1 
ATOM   540  O  OP1   . DC  B 2 4  ? -8.305  9.547   4.261   1.00 61.74  ? 4   DC  C OP1   1 
ATOM   541  O  OP2   . DC  B 2 4  ? -10.632 8.346   4.163   1.00 67.36  ? 4   DC  C OP2   1 
ATOM   542  O  "O5'" . DC  B 2 4  ? -9.141  8.061   6.091   1.00 62.11  ? 4   DC  C "O5'" 1 
ATOM   543  C  "C5'" . DC  B 2 4  ? -7.972  8.331   6.805   1.00 64.48  ? 4   DC  C "C5'" 1 
ATOM   544  C  "C4'" . DC  B 2 4  ? -8.016  7.580   8.094   1.00 64.11  ? 4   DC  C "C4'" 1 
ATOM   545  O  "O4'" . DC  B 2 4  ? -9.384  7.471   8.483   1.00 65.17  ? 4   DC  C "O4'" 1 
ATOM   546  C  "C3'" . DC  B 2 4  ? -7.570  6.136   7.986   1.00 64.12  ? 4   DC  C "C3'" 1 
ATOM   547  O  "O3'" . DC  B 2 4  ? -6.199  6.042   8.212   1.00 63.37  ? 4   DC  C "O3'" 1 
ATOM   548  C  "C2'" . DC  B 2 4  ? -8.385  5.417   9.080   1.00 62.59  ? 4   DC  C "C2'" 1 
ATOM   549  C  "C1'" . DC  B 2 4  ? -9.459  6.451   9.444   1.00 60.87  ? 4   DC  C "C1'" 1 
ATOM   550  N  N1    . DC  B 2 4  ? -10.834 5.947   9.465   1.00 51.63  ? 4   DC  C N1    1 
ATOM   551  C  C2    . DC  B 2 4  ? -11.255 5.209   10.544  1.00 58.26  ? 4   DC  C C2    1 
ATOM   552  O  O2    . DC  B 2 4  ? -10.443 4.958   11.443  1.00 60.06  ? 4   DC  C O2    1 
ATOM   553  N  N3    . DC  B 2 4  ? -12.539 4.771   10.583  1.00 62.60  ? 4   DC  C N3    1 
ATOM   554  C  C4    . DC  B 2 4  ? -13.371 5.069   9.584   1.00 59.93  ? 4   DC  C C4    1 
ATOM   555  N  N4    . DC  B 2 4  ? -14.631 4.614   9.660   1.00 60.59  ? 4   DC  C N4    1 
ATOM   556  C  C5    . DC  B 2 4  ? -12.949 5.843   8.473   1.00 54.14  ? 4   DC  C C5    1 
ATOM   557  C  C6    . DC  B 2 4  ? -11.684 6.258   8.462   1.00 53.66  ? 4   DC  C C6    1 
ATOM   558  P  P     . DT  B 2 5  ? -5.457  4.676   7.853   1.00 66.41  ? 5   DT  C P     1 
ATOM   559  O  OP1   . DT  B 2 5  ? -3.986  4.847   7.785   1.00 60.92  ? 5   DT  C OP1   1 
ATOM   560  O  OP2   . DT  B 2 5  ? -6.156  4.174   6.662   1.00 72.30  ? 5   DT  C OP2   1 
ATOM   561  O  "O5'" . DT  B 2 5  ? -5.896  3.702   9.036   1.00 61.19  ? 5   DT  C "O5'" 1 
ATOM   562  C  "C5'" . DT  B 2 5  ? -5.079  3.592   10.155  1.00 61.06  ? 5   DT  C "C5'" 1 
ATOM   563  C  "C4'" . DT  B 2 5  ? -5.713  2.681   11.167  1.00 62.61  ? 5   DT  C "C4'" 1 
ATOM   564  O  "O4'" . DT  B 2 5  ? -7.138  2.745   11.020  1.00 64.28  ? 5   DT  C "O4'" 1 
ATOM   565  C  "C3'" . DT  B 2 5  ? -5.338  1.210   11.040  1.00 63.99  ? 5   DT  C "C3'" 1 
ATOM   566  O  "O3'" . DT  B 2 5  ? -4.830  0.767   12.283  1.00 67.45  ? 5   DT  C "O3'" 1 
ATOM   567  C  "C2'" . DT  B 2 5  ? -6.661  0.511   10.674  1.00 63.15  ? 5   DT  C "C2'" 1 
ATOM   568  C  "C1'" . DT  B 2 5  ? -7.691  1.471   11.218  1.00 61.03  ? 5   DT  C "C1'" 1 
ATOM   569  N  N1    . DT  B 2 5  ? -9.015  1.465   10.520  1.00 58.13  ? 5   DT  C N1    1 
ATOM   570  C  C2    . DT  B 2 5  ? -10.104 0.937   11.154  1.00 58.79  ? 5   DT  C C2    1 
ATOM   571  O  O2    . DT  B 2 5  ? -10.045 0.402   12.236  1.00 63.36  ? 5   DT  C O2    1 
ATOM   572  N  N3    . DT  B 2 5  ? -11.279 1.029   10.454  1.00 60.62  ? 5   DT  C N3    1 
ATOM   573  C  C4    . DT  B 2 5  ? -11.471 1.599   9.210   1.00 58.03  ? 5   DT  C C4    1 
ATOM   574  O  O4    . DT  B 2 5  ? -12.570 1.637   8.658   1.00 56.50  ? 5   DT  C O4    1 
ATOM   575  C  C5    . DT  B 2 5  ? -10.294 2.151   8.607   1.00 56.33  ? 5   DT  C C5    1 
ATOM   576  C  C7    . DT  B 2 5  ? -10.387 2.798   7.263   1.00 62.31  ? 5   DT  C C7    1 
ATOM   577  C  C6    . DT  B 2 5  ? -9.134  2.070   9.283   1.00 58.58  ? 5   DT  C C6    1 
ATOM   578  P  P     . DT  B 2 6  ? -4.218  -0.705  12.449  1.00 75.46  ? 6   DT  C P     1 
ATOM   579  O  OP1   . DT  B 2 6  ? -3.316  -0.736  13.628  1.00 78.59  ? 6   DT  C OP1   1 
ATOM   580  O  OP2   . DT  B 2 6  ? -3.672  -1.096  11.134  1.00 75.17  ? 6   DT  C OP2   1 
ATOM   581  O  "O5'" . DT  B 2 6  ? -5.502  -1.590  12.802  1.00 67.56  ? 6   DT  C "O5'" 1 
ATOM   582  C  "C5'" . DT  B 2 6  ? -5.922  -1.679  14.129  1.00 67.88  ? 6   DT  C "C5'" 1 
ATOM   583  C  "C4'" . DT  B 2 6  ? -7.183  -2.493  14.231  1.00 70.75  ? 6   DT  C "C4'" 1 
ATOM   584  O  "O4'" . DT  B 2 6  ? -8.119  -2.051  13.241  1.00 70.43  ? 6   DT  C "O4'" 1 
ATOM   585  C  "C3'" . DT  B 2 6  ? -7.005  -3.988  13.998  1.00 69.33  ? 6   DT  C "C3'" 1 
ATOM   586  O  "O3'" . DT  B 2 6  ? -7.317  -4.663  15.191  1.00 75.06  ? 6   DT  C "O3'" 1 
ATOM   587  C  "C2'" . DT  B 2 6  ? -8.007  -4.328  12.871  1.00 67.71  ? 6   DT  C "C2'" 1 
ATOM   588  C  "C1'" . DT  B 2 6  ? -8.934  -3.135  12.894  1.00 66.74  ? 6   DT  C "C1'" 1 
ATOM   589  N  N1    . DT  B 2 6  ? -9.574  -2.799  11.605  1.00 60.75  ? 6   DT  C N1    1 
ATOM   590  C  C2    . DT  B 2 6  ? -10.922 -2.944  11.483  1.00 61.33  ? 6   DT  C C2    1 
ATOM   591  O  O2    . DT  B 2 6  ? -11.617 -3.408  12.361  1.00 64.94  ? 6   DT  C O2    1 
ATOM   592  N  N3    . DT  B 2 6  ? -11.435 -2.544  10.280  1.00 60.23  ? 6   DT  C N3    1 
ATOM   593  C  C4    . DT  B 2 6  ? -10.735 -2.031  9.208   1.00 59.43  ? 6   DT  C C4    1 
ATOM   594  O  O4    . DT  B 2 6  ? -11.272 -1.715  8.155   1.00 60.00  ? 6   DT  C O4    1 
ATOM   595  C  C5    . DT  B 2 6  ? -9.327  -1.898  9.403   1.00 57.64  ? 6   DT  C C5    1 
ATOM   596  C  C7    . DT  B 2 6  ? -8.484  -1.351  8.300   1.00 58.18  ? 6   DT  C C7    1 
ATOM   597  C  C6    . DT  B 2 6  ? -8.816  -2.262  10.588  1.00 60.26  ? 6   DT  C C6    1 
ATOM   598  P  P     . DT  B 2 7  ? -6.853  -6.186  15.422  1.00 85.33  ? 7   DT  C P     1 
ATOM   599  O  OP1   . DT  B 2 7  ? -6.738  -6.363  16.890  1.00 81.67  ? 7   DT  C OP1   1 
ATOM   600  O  OP2   . DT  B 2 7  ? -5.702  -6.469  14.526  1.00 80.93  ? 7   DT  C OP2   1 
ATOM   601  O  "O5'" . DT  B 2 7  ? -8.095  -7.028  14.899  1.00 70.59  ? 7   DT  C "O5'" 1 
ATOM   602  C  "C5'" . DT  B 2 7  ? -9.389  -6.566  15.193  1.00 76.57  ? 7   DT  C "C5'" 1 
ATOM   603  C  "C4'" . DT  B 2 7  ? -10.408 -7.279  14.347  1.00 76.15  ? 7   DT  C "C4'" 1 
ATOM   604  O  "O4'" . DT  B 2 7  ? -10.622 -6.544  13.126  1.00 77.88  ? 7   DT  C "O4'" 1 
ATOM   605  C  "C3'" . DT  B 2 7  ? -10.007 -8.692  13.935  1.00 75.61  ? 7   DT  C "C3'" 1 
ATOM   606  O  "O3'" . DT  B 2 7  ? -10.960 -9.602  14.478  1.00 80.32  ? 7   DT  C "O3'" 1 
ATOM   607  C  "C2'" . DT  B 2 7  ? -10.020 -8.658  12.381  1.00 70.70  ? 7   DT  C "C2'" 1 
ATOM   608  C  "C1'" . DT  B 2 7  ? -10.900 -7.455  12.091  1.00 70.27  ? 7   DT  C "C1'" 1 
ATOM   609  N  N1    . DT  B 2 7  ? -10.627 -6.743  10.807  1.00 64.33  ? 7   DT  C N1    1 
ATOM   610  C  C2    . DT  B 2 7  ? -11.689 -6.374  10.005  1.00 64.06  ? 7   DT  C C2    1 
ATOM   611  O  O2    . DT  B 2 7  ? -12.848 -6.650  10.262  1.00 65.13  ? 7   DT  C O2    1 
ATOM   612  N  N3    . DT  B 2 7  ? -11.344 -5.684  8.872   1.00 58.44  ? 7   DT  C N3    1 
ATOM   613  C  C4    . DT  B 2 7  ? -10.074 -5.316  8.486   1.00 56.75  ? 7   DT  C C4    1 
ATOM   614  O  O4    . DT  B 2 7  ? -9.858  -4.686  7.462   1.00 56.23  ? 7   DT  C O4    1 
ATOM   615  C  C5    . DT  B 2 7  ? -9.018  -5.719  9.375   1.00 57.38  ? 7   DT  C C5    1 
ATOM   616  C  C7    . DT  B 2 7  ? -7.603  -5.380  9.045   1.00 57.41  ? 7   DT  C C7    1 
ATOM   617  C  C6    . DT  B 2 7  ? -9.341  -6.392  10.489  1.00 59.85  ? 7   DT  C C6    1 
ATOM   618  P  P     . DG  B 2 8  ? -10.643 -11.176 14.622  1.00 88.89  ? 8   DG  C P     1 
ATOM   619  O  OP1   . DG  B 2 8  ? -10.662 -11.511 16.070  1.00 85.22  ? 8   DG  C OP1   1 
ATOM   620  O  OP2   . DG  B 2 8  ? -9.455  -11.525 13.799  1.00 80.37  ? 8   DG  C OP2   1 
ATOM   621  O  "O5'" . DG  B 2 8  ? -11.901 -11.850 13.914  1.00 75.51  ? 8   DG  C "O5'" 1 
ATOM   622  C  "C5'" . DG  B 2 8  ? -13.155 -11.203 13.949  1.00 72.10  ? 8   DG  C "C5'" 1 
ATOM   623  C  "C4'" . DG  B 2 8  ? -14.016 -11.633 12.776  1.00 74.22  ? 8   DG  C "C4'" 1 
ATOM   624  O  "O4'" . DG  B 2 8  ? -13.761 -10.789 11.626  1.00 74.27  ? 8   DG  C "O4'" 1 
ATOM   625  C  "C3'" . DG  B 2 8  ? -13.797 -13.055 12.278  1.00 75.73  ? 8   DG  C "C3'" 1 
ATOM   626  O  "O3'" . DG  B 2 8  ? -15.032 -13.525 11.805  1.00 72.97  ? 8   DG  C "O3'" 1 
ATOM   627  C  "C2'" . DG  B 2 8  ? -12.802 -12.837 11.127  1.00 71.71  ? 8   DG  C "C2'" 1 
ATOM   628  C  "C1'" . DG  B 2 8  ? -13.409 -11.599 10.516  1.00 68.13  ? 8   DG  C "C1'" 1 
ATOM   629  N  N9    . DG  B 2 8  ? -12.526 -10.813 9.671   1.00 64.92  ? 8   DG  C N9    1 
ATOM   630  C  C8    . DG  B 2 8  ? -11.171 -10.634 9.803   1.00 66.44  ? 8   DG  C C8    1 
ATOM   631  N  N7    . DG  B 2 8  ? -10.668 -9.811  8.918   1.00 59.51  ? 8   DG  C N7    1 
ATOM   632  C  C5    . DG  B 2 8  ? -11.769 -9.409  8.176   1.00 59.22  ? 8   DG  C C5    1 
ATOM   633  C  C6    . DG  B 2 8  ? -11.853 -8.526  7.087   1.00 56.99  ? 8   DG  C C6    1 
ATOM   634  O  O6    . DG  B 2 8  ? -10.942 -7.905  6.534   1.00 57.74  ? 8   DG  C O6    1 
ATOM   635  N  N1    . DG  B 2 8  ? -13.155 -8.398  6.629   1.00 55.93  ? 8   DG  C N1    1 
ATOM   636  C  C2    . DG  B 2 8  ? -14.239 -9.044  7.162   1.00 59.83  ? 8   DG  C C2    1 
ATOM   637  N  N2    . DG  B 2 8  ? -15.417 -8.800  6.586   1.00 63.86  ? 8   DG  C N2    1 
ATOM   638  N  N3    . DG  B 2 8  ? -14.175 -9.877  8.178   1.00 61.06  ? 8   DG  C N3    1 
ATOM   639  C  C4    . DG  B 2 8  ? -12.914 -10.009 8.635   1.00 62.47  ? 8   DG  C C4    1 
ATOM   640  P  P     . DA  B 2 9  ? -15.254 -15.070 11.443  1.00 88.46  ? 9   DA  C P     1 
ATOM   641  O  OP1   . DA  B 2 9  ? -16.025 -15.625 12.579  1.00 87.31  ? 9   DA  C OP1   1 
ATOM   642  O  OP2   . DA  B 2 9  ? -14.001 -15.726 10.970  1.00 76.82  ? 9   DA  C OP2   1 
ATOM   643  O  "O5'" . DA  B 2 9  ? -16.227 -14.970 10.195  1.00 80.81  ? 9   DA  C "O5'" 1 
ATOM   644  C  "C5'" . DA  B 2 9  ? -17.127 -13.892 10.123  1.00 75.84  ? 9   DA  C "C5'" 1 
ATOM   645  C  "C4'" . DA  B 2 9  ? -17.368 -13.541 8.684   1.00 75.61  ? 9   DA  C "C4'" 1 
ATOM   646  O  "O4'" . DA  B 2 9  ? -16.252 -12.745 8.202   1.00 73.87  ? 9   DA  C "O4'" 1 
ATOM   647  C  "C3'" . DA  B 2 9  ? -17.454 -14.748 7.758   1.00 72.70  ? 9   DA  C "C3'" 1 
ATOM   648  O  "O3'" . DA  B 2 9  ? -18.534 -14.580 6.842   1.00 77.31  ? 9   DA  C "O3'" 1 
ATOM   649  C  "C2'" . DA  B 2 9  ? -16.100 -14.730 7.052   1.00 71.08  ? 9   DA  C "C2'" 1 
ATOM   650  C  "C1'" . DA  B 2 9  ? -15.847 -13.245 6.956   1.00 68.59  ? 9   DA  C "C1'" 1 
ATOM   651  N  N9    . DA  B 2 9  ? -14.438 -12.888 6.744   1.00 69.85  ? 9   DA  C N9    1 
ATOM   652  C  C8    . DA  B 2 9  ? -13.347 -13.365 7.426   1.00 70.25  ? 9   DA  C C8    1 
ATOM   653  N  N7    . DA  B 2 9  ? -12.201 -12.864 7.012   1.00 62.13  ? 9   DA  C N7    1 
ATOM   654  C  C5    . DA  B 2 9  ? -12.562 -11.995 6.007   1.00 56.72  ? 9   DA  C C5    1 
ATOM   655  C  C6    . DA  B 2 9  ? -11.807 -11.158 5.185   1.00 55.94  ? 9   DA  C C6    1 
ATOM   656  N  N6    . DA  B 2 9  ? -10.480 -11.070 5.259   1.00 55.46  ? 9   DA  C N6    1 
ATOM   657  N  N1    . DA  B 2 9  ? -12.464 -10.420 4.269   1.00 57.42  ? 9   DA  C N1    1 
ATOM   658  C  C2    . DA  B 2 9  ? -13.799 -10.522 4.195   1.00 60.21  ? 9   DA  C C2    1 
ATOM   659  N  N3    . DA  B 2 9  ? -14.624 -11.278 4.921   1.00 61.77  ? 9   DA  C N3    1 
ATOM   660  C  C4    . DA  B 2 9  ? -13.932 -11.997 5.818   1.00 62.72  ? 9   DA  C C4    1 
ATOM   661  P  P     . DC  B 2 10 ? -18.974 -15.781 5.850   1.00 93.36  ? 10  DC  C P     1 
ATOM   662  O  OP1   . DC  B 2 10 ? -20.375 -16.098 6.206   1.00 84.15  ? 10  DC  C OP1   1 
ATOM   663  O  OP2   . DC  B 2 10 ? -17.950 -16.860 5.755   1.00 76.81  ? 10  DC  C OP2   1 
ATOM   664  O  "O5'" . DC  B 2 10 ? -18.937 -15.110 4.400   1.00 84.32  ? 10  DC  C "O5'" 1 
ATOM   665  C  "C5'" . DC  B 2 10 ? -19.374 -13.770 4.216   1.00 79.61  ? 10  DC  C "C5'" 1 
ATOM   666  C  "C4'" . DC  B 2 10 ? -18.915 -13.251 2.869   1.00 75.08  ? 10  DC  C "C4'" 1 
ATOM   667  O  "O4'" . DC  B 2 10 ? -17.525 -12.838 2.967   1.00 74.31  ? 10  DC  C "O4'" 1 
ATOM   668  C  "C3'" . DC  B 2 10 ? -18.978 -14.283 1.734   1.00 76.06  ? 10  DC  C "C3'" 1 
ATOM   669  O  "O3'" . DC  B 2 10 ? -19.456 -13.669 0.531   1.00 81.64  ? 10  DC  C "O3'" 1 
ATOM   670  C  "C2'" . DC  B 2 10 ? -17.529 -14.731 1.595   1.00 71.75  ? 10  DC  C "C2'" 1 
ATOM   671  C  "C1'" . DC  B 2 10 ? -16.781 -13.455 1.933   1.00 68.77  ? 10  DC  C "C1'" 1 
ATOM   672  N  N1    . DC  B 2 10 ? -15.397 -13.720 2.410   1.00 64.33  ? 10  DC  C N1    1 
ATOM   673  C  C2    . DC  B 2 10 ? -14.309 -13.054 1.822   1.00 64.68  ? 10  DC  C C2    1 
ATOM   674  O  O2    . DC  B 2 10 ? -14.517 -12.223 0.918   1.00 65.18  ? 10  DC  C O2    1 
ATOM   675  N  N3    . DC  B 2 10 ? -13.054 -13.329 2.268   1.00 61.25  ? 10  DC  C N3    1 
ATOM   676  C  C4    . DC  B 2 10 ? -12.879 -14.222 3.249   1.00 60.14  ? 10  DC  C C4    1 
ATOM   677  N  N4    . DC  B 2 10 ? -11.629 -14.474 3.654   1.00 60.91  ? 10  DC  C N4    1 
ATOM   678  C  C5    . DC  B 2 10 ? -13.973 -14.902 3.849   1.00 59.61  ? 10  DC  C C5    1 
ATOM   679  C  C6    . DC  B 2 10 ? -15.196 -14.630 3.400   1.00 64.55  ? 10  DC  C C6    1 
ATOM   680  P  P     . DC  B 2 11 ? -19.473 -14.470 -0.873  1.00 89.52  ? 11  DC  C P     1 
ATOM   681  O  OP1   . DC  B 2 11 ? -20.646 -13.919 -1.582  1.00 80.02  ? 11  DC  C OP1   1 
ATOM   682  O  OP2   . DC  B 2 11 ? -19.335 -15.932 -0.637  1.00 86.70  ? 11  DC  C OP2   1 
ATOM   683  O  "O5'" . DC  B 2 11 ? -18.185 -13.939 -1.674  1.00 73.80  ? 11  DC  C "O5'" 1 
ATOM   684  C  "C5'" . DC  B 2 11 ? -18.151 -12.574 -2.092  1.00 71.11  ? 11  DC  C "C5'" 1 
ATOM   685  C  "C4'" . DC  B 2 11 ? -17.065 -12.306 -3.136  1.00 75.60  ? 11  DC  C "C4'" 1 
ATOM   686  O  "O4'" . DC  B 2 11 ? -15.746 -12.469 -2.552  1.00 74.67  ? 11  DC  C "O4'" 1 
ATOM   687  C  "C3'" . DC  B 2 11 ? -17.083 -13.194 -4.364  1.00 77.04  ? 11  DC  C "C3'" 1 
ATOM   688  O  "O3'" . DC  B 2 11 ? -16.664 -12.449 -5.498  1.00 77.57  ? 11  DC  C "O3'" 1 
ATOM   689  C  "C2'" . DC  B 2 11 ? -16.073 -14.280 -4.008  1.00 75.77  ? 11  DC  C "C2'" 1 
ATOM   690  C  "C1'" . DC  B 2 11 ? -15.042 -13.495 -3.202  1.00 65.74  ? 11  DC  C "C1'" 1 
ATOM   691  N  N1    . DC  B 2 11 ? -14.416 -14.300 -2.161  1.00 60.79  ? 11  DC  C N1    1 
ATOM   692  C  C2    . DC  B 2 11 ? -13.022 -14.360 -2.079  1.00 58.55  ? 11  DC  C C2    1 
ATOM   693  O  O2    . DC  B 2 11 ? -12.353 -13.727 -2.895  1.00 57.92  ? 11  DC  C O2    1 
ATOM   694  N  N3    . DC  B 2 11 ? -12.451 -15.114 -1.107  1.00 57.10  ? 11  DC  C N3    1 
ATOM   695  C  C4    . DC  B 2 11 ? -13.236 -15.794 -0.254  1.00 62.75  ? 11  DC  C C4    1 
ATOM   696  N  N4    . DC  B 2 11 ? -12.645 -16.542 0.693   1.00 63.64  ? 11  DC  C N4    1 
ATOM   697  C  C5    . DC  B 2 11 ? -14.664 -15.739 -0.334  1.00 61.90  ? 11  DC  C C5    1 
ATOM   698  C  C6    . DC  B 2 11 ? -15.203 -14.988 -1.289  1.00 62.16  ? 11  DC  C C6    1 
ATOM   699  P  P     . DA  B 2 12 ? -16.803 -13.116 -6.952  1.00 91.85  ? 12  DA  C P     1 
ATOM   700  O  OP1   . DA  B 2 12 ? -17.169 -12.038 -7.921  1.00 74.82  ? 12  DA  C OP1   1 
ATOM   701  O  OP2   . DA  B 2 12 ? -17.662 -14.341 -6.754  1.00 73.00  ? 12  DA  C OP2   1 
ATOM   702  O  "O5'" . DA  B 2 12 ? -15.310 -13.590 -7.280  1.00 81.56  ? 12  DA  C "O5'" 1 
ATOM   703  C  "C5'" . DA  B 2 12 ? -14.302 -12.636 -7.714  1.00 78.39  ? 12  DA  C "C5'" 1 
ATOM   704  C  "C4'" . DA  B 2 12 ? -13.024 -13.356 -8.167  1.00 82.72  ? 12  DA  C "C4'" 1 
ATOM   705  O  "O4'" . DA  B 2 12 ? -12.384 -13.987 -7.016  1.00 81.46  ? 12  DA  C "O4'" 1 
ATOM   706  C  "C3'" . DA  B 2 12 ? -13.230 -14.513 -9.170  1.00 83.24  ? 12  DA  C "C3'" 1 
ATOM   707  O  "O3'" . DA  B 2 12 ? -12.022 -14.760 -9.869  1.00 80.47  ? 12  DA  C "O3'" 1 
ATOM   708  C  "C2'" . DA  B 2 12 ? -13.517 -15.675 -8.226  1.00 72.26  ? 12  DA  C "C2'" 1 
ATOM   709  C  "C1'" . DA  B 2 12 ? -12.436 -15.402 -7.187  1.00 69.45  ? 12  DA  C "C1'" 1 
ATOM   710  N  N9    . DA  B 2 12 ? -12.660 -16.056 -5.914  1.00 61.18  ? 12  DA  C N9    1 
ATOM   711  C  C8    . DA  B 2 12 ? -13.856 -16.461 -5.367  1.00 63.94  ? 12  DA  C C8    1 
ATOM   712  N  N7    . DA  B 2 12 ? -13.722 -17.082 -4.207  1.00 58.67  ? 12  DA  C N7    1 
ATOM   713  C  C5    . DA  B 2 12 ? -12.349 -17.073 -3.990  1.00 57.24  ? 12  DA  C C5    1 
ATOM   714  C  C6    . DA  B 2 12 ? -11.545 -17.572 -2.947  1.00 55.07  ? 12  DA  C C6    1 
ATOM   715  N  N6    . DA  B 2 12 ? -12.034 -18.182 -1.872  1.00 57.23  ? 12  DA  C N6    1 
ATOM   716  N  N1    . DA  B 2 12 ? -10.206 -17.411 -3.053  1.00 56.62  ? 12  DA  C N1    1 
ATOM   717  C  C2    . DA  B 2 12 ? -9.705  -16.777 -4.137  1.00 56.42  ? 12  DA  C C2    1 
ATOM   718  N  N3    . DA  B 2 12 ? -10.356 -16.268 -5.186  1.00 54.63  ? 12  DA  C N3    1 
ATOM   719  C  C4    . DA  B 2 12 ? -11.687 -16.452 -5.045  1.00 58.37  ? 12  DA  C C4    1 
ATOM   720  P  P     . DG  B 2 13 ? -11.742 -14.129 -11.318 1.00 94.51  ? 13  DG  C P     1 
ATOM   721  O  OP1   . DG  B 2 13 ? -11.829 -12.642 -11.240 1.00 88.56  ? 13  DG  C OP1   1 
ATOM   722  O  OP2   . DG  B 2 13 ? -12.596 -14.880 -12.269 1.00 88.53  ? 13  DG  C OP2   1 
ATOM   723  O  "O5'" . DG  B 2 13 ? -10.201 -14.503 -11.553 1.00 87.22  ? 13  DG  C "O5'" 1 
ATOM   724  C  "C5'" . DG  B 2 13 ? -9.302  -14.517 -10.435 1.00 79.81  ? 13  DG  C "C5'" 1 
ATOM   725  C  "C4'" . DG  B 2 13 ? -8.594  -15.844 -10.365 1.00 78.11  ? 13  DG  C "C4'" 1 
ATOM   726  O  "O4'" . DG  B 2 13 ? -8.961  -16.566 -9.140  1.00 76.35  ? 13  DG  C "O4'" 1 
ATOM   727  C  "C3'" . DG  B 2 13 ? -8.936  -16.788 -11.506 1.00 77.52  ? 13  DG  C "C3'" 1 
ATOM   728  O  "O3'" . DG  B 2 13 ? -7.797  -17.506 -11.819 1.00 79.06  ? 13  DG  C "O3'" 1 
ATOM   729  C  "C2'" . DG  B 2 13 ? -9.980  -17.704 -10.852 1.00 71.86  ? 13  DG  C "C2'" 1 
ATOM   730  C  "C1'" . DG  B 2 13 ? -9.337  -17.882 -9.493  1.00 62.87  ? 13  DG  C "C1'" 1 
ATOM   731  N  N9    . DG  B 2 13 ? -10.222 -18.435 -8.464  1.00 56.44  ? 13  DG  C N9    1 
ATOM   732  C  C8    . DG  B 2 13 ? -11.595 -18.486 -8.486  1.00 60.29  ? 13  DG  C C8    1 
ATOM   733  N  N7    . DG  B 2 13 ? -12.122 -19.035 -7.418  1.00 55.87  ? 13  DG  C N7    1 
ATOM   734  C  C5    . DG  B 2 13 ? -11.027 -19.374 -6.639  1.00 53.68  ? 13  DG  C C5    1 
ATOM   735  C  C6    . DG  B 2 13 ? -10.975 -20.002 -5.365  1.00 55.63  ? 13  DG  C C6    1 
ATOM   736  O  O6    . DG  B 2 13 ? -11.923 -20.387 -4.645  1.00 55.53  ? 13  DG  C O6    1 
ATOM   737  N  N1    . DG  B 2 13 ? -9.662  -20.160 -4.933  1.00 56.31  ? 13  DG  C N1    1 
ATOM   738  C  C2    . DG  B 2 13 ? -8.542  -19.756 -5.636  1.00 55.18  ? 13  DG  C C2    1 
ATOM   739  N  N2    . DG  B 2 13 ? -7.360  -19.990 -5.050  1.00 53.36  ? 13  DG  C N2    1 
ATOM   740  N  N3    . DG  B 2 13 ? -8.579  -19.166 -6.824  1.00 54.89  ? 13  DG  C N3    1 
ATOM   741  C  C4    . DG  B 2 13 ? -9.848  -19.010 -7.266  1.00 54.50  ? 13  DG  C C4    1 
ATOM   742  P  P     . DC  B 2 14 ? -7.007  -17.298 -13.198 1.00 90.26  ? 14  DC  C P     1 
ATOM   743  O  OP1   . DC  B 2 14 ? -6.399  -15.944 -13.219 1.00 85.88  ? 14  DC  C OP1   1 
ATOM   744  O  OP2   . DC  B 2 14 ? -7.849  -17.762 -14.329 1.00 87.58  ? 14  DC  C OP2   1 
ATOM   745  O  "O5'" . DC  B 2 14 ? -5.820  -18.322 -12.983 1.00 86.97  ? 14  DC  C "O5'" 1 
ATOM   746  C  "C5'" . DC  B 2 14 ? -5.200  -18.333 -11.705 1.00 81.85  ? 14  DC  C "C5'" 1 
ATOM   747  C  "C4'" . DC  B 2 14 ? -5.215  -19.713 -11.080 1.00 77.96  ? 14  DC  C "C4'" 1 
ATOM   748  O  "O4'" . DC  B 2 14 ? -6.430  -19.940 -10.322 1.00 77.85  ? 14  DC  C "O4'" 1 
ATOM   749  C  "C3'" . DC  B 2 14 ? -5.120  -20.881 -12.053 1.00 79.73  ? 14  DC  C "C3'" 1 
ATOM   750  O  "O3'" . DC  B 2 14 ? -3.986  -21.651 -11.703 1.00 85.66  ? 14  DC  C "O3'" 1 
ATOM   751  C  "C2'" . DC  B 2 14 ? -6.430  -21.659 -11.804 1.00 76.42  ? 14  DC  C "C2'" 1 
ATOM   752  C  "C1'" . DC  B 2 14 ? -6.667  -21.328 -10.352 1.00 68.93  ? 14  DC  C "C1'" 1 
ATOM   753  N  N1    . DC  B 2 14 ? -8.051  -21.604 -9.837  1.00 57.68  ? 14  DC  C N1    1 
ATOM   754  C  C2    . DC  B 2 14 ? -8.221  -22.152 -8.553  1.00 57.63  ? 14  DC  C C2    1 
ATOM   755  O  O2    . DC  B 2 14 ? -7.220  -22.431 -7.876  1.00 57.60  ? 14  DC  C O2    1 
ATOM   756  N  N3    . DC  B 2 14 ? -9.484  -22.365 -8.088  1.00 54.66  ? 14  DC  C N3    1 
ATOM   757  C  C4    . DC  B 2 14 ? -10.537 -22.057 -8.856  1.00 55.10  ? 14  DC  C C4    1 
ATOM   758  N  N4    . DC  B 2 14 ? -11.765 -22.276 -8.366  1.00 55.51  ? 14  DC  C N4    1 
ATOM   759  C  C5    . DC  B 2 14 ? -10.378 -21.502 -10.154 1.00 53.43  ? 14  DC  C C5    1 
ATOM   760  C  C6    . DC  B 2 14 ? -9.130  -21.283 -10.595 1.00 57.69  ? 14  DC  C C6    1 
ATOM   761  P  P     . DG  B 2 15 ? -3.324  -22.663 -12.765 1.00 95.01  ? 15  DG  C P     1 
ATOM   762  O  OP1   . DG  B 2 15 ? -2.458  -21.828 -13.634 1.00 92.46  ? 15  DG  C OP1   1 
ATOM   763  O  OP2   . DG  B 2 15 ? -4.397  -23.519 -13.371 1.00 84.93  ? 15  DG  C OP2   1 
ATOM   764  O  "O5'" . DG  B 2 15 ? -2.403  -23.599 -11.841 1.00 86.75  ? 15  DG  C "O5'" 1 
ATOM   765  C  "C5'" . DG  B 2 15 ? -2.379  -23.400 -10.424 1.00 83.81  ? 15  DG  C "C5'" 1 
ATOM   766  C  "C4'" . DG  B 2 15 ? -2.661  -24.702 -9.674  1.00 83.87  ? 15  DG  C "C4'" 1 
ATOM   767  O  "O4'" . DG  B 2 15 ? -4.059  -24.757 -9.266  1.00 79.91  ? 15  DG  C "O4'" 1 
ATOM   768  C  "C3'" . DG  B 2 15 ? -2.405  -25.989 -10.456 1.00 79.00  ? 15  DG  C "C3'" 1 
ATOM   769  O  "O3'" . DG  B 2 15 ? -1.871  -26.979 -9.576  1.00 78.96  ? 15  DG  C "O3'" 1 
ATOM   770  C  "C2'" . DG  B 2 15 ? -3.804  -26.362 -10.937 1.00 74.25  ? 15  DG  C "C2'" 1 
ATOM   771  C  "C1'" . DG  B 2 15 ? -4.628  -25.971 -9.717  1.00 74.79  ? 15  DG  C "C1'" 1 
ATOM   772  N  N9    . DG  B 2 15 ? -6.032  -25.719 -10.011 1.00 69.56  ? 15  DG  C N9    1 
ATOM   773  C  C8    . DG  B 2 15 ? -6.545  -25.147 -11.158 1.00 67.80  ? 15  DG  C C8    1 
ATOM   774  N  N7    . DG  B 2 15 ? -7.846  -25.030 -11.140 1.00 60.43  ? 15  DG  C N7    1 
ATOM   775  C  C5    . DG  B 2 15 ? -8.213  -25.539 -9.902  1.00 55.25  ? 15  DG  C C5    1 
ATOM   776  C  C6    . DG  B 2 15 ? -9.490  -25.658 -9.338  1.00 56.15  ? 15  DG  C C6    1 
ATOM   777  O  O6    . DG  B 2 15 ? -10.565 -25.329 -9.839  1.00 57.77  ? 15  DG  C O6    1 
ATOM   778  N  N1    . DG  B 2 15 ? -9.450  -26.220 -8.066  1.00 56.55  ? 15  DG  C N1    1 
ATOM   779  C  C2    . DG  B 2 15 ? -8.299  -26.622 -7.426  1.00 61.25  ? 15  DG  C C2    1 
ATOM   780  N  N2    . DG  B 2 15 ? -8.466  -27.154 -6.207  1.00 60.49  ? 15  DG  C N2    1 
ATOM   781  N  N3    . DG  B 2 15 ? -7.067  -26.516 -7.953  1.00 58.03  ? 15  DG  C N3    1 
ATOM   782  C  C4    . DG  B 2 15 ? -7.111  -25.967 -9.191  1.00 57.61  ? 15  DG  C C4    1 
ATOM   783  O  "O5'" . DT  C 3 1  ? -18.741 -28.532 -9.696  1.00 83.61  ? 1   DT  D "O5'" 1 
ATOM   784  C  "C5'" . DT  C 3 1  ? -19.049 -29.907 -9.423  1.00 90.70  ? 1   DT  D "C5'" 1 
ATOM   785  C  "C4'" . DT  C 3 1  ? -18.373 -30.387 -8.137  1.00 92.31  ? 1   DT  D "C4'" 1 
ATOM   786  O  "O4'" . DT  C 3 1  ? -16.952 -30.600 -8.367  1.00 88.29  ? 1   DT  D "O4'" 1 
ATOM   787  C  "C3'" . DT  C 3 1  ? -18.450 -29.439 -6.945  1.00 85.72  ? 1   DT  D "C3'" 1 
ATOM   788  O  "O3'" . DT  C 3 1  ? -18.435 -30.204 -5.752  1.00 86.03  ? 1   DT  D "O3'" 1 
ATOM   789  C  "C2'" . DT  C 3 1  ? -17.175 -28.609 -7.113  1.00 82.26  ? 1   DT  D "C2'" 1 
ATOM   790  C  "C1'" . DT  C 3 1  ? -16.189 -29.623 -7.674  1.00 74.88  ? 1   DT  D "C1'" 1 
ATOM   791  N  N1    . DT  C 3 1  ? -15.204 -29.063 -8.637  1.00 67.09  ? 1   DT  D N1    1 
ATOM   792  C  C2    . DT  C 3 1  ? -13.854 -29.223 -8.397  1.00 64.90  ? 1   DT  D C2    1 
ATOM   793  O  O2    . DT  C 3 1  ? -13.400 -29.757 -7.399  1.00 67.00  ? 1   DT  D O2    1 
ATOM   794  N  N3    . DT  C 3 1  ? -13.046 -28.715 -9.358  1.00 57.26  ? 1   DT  D N3    1 
ATOM   795  C  C4    . DT  C 3 1  ? -13.411 -28.083 -10.518 1.00 61.52  ? 1   DT  D C4    1 
ATOM   796  O  O4    . DT  C 3 1  ? -12.585 -27.662 -11.328 1.00 58.91  ? 1   DT  D O4    1 
ATOM   797  C  C5    . DT  C 3 1  ? -14.828 -27.948 -10.718 1.00 68.02  ? 1   DT  D C5    1 
ATOM   798  C  C7    . DT  C 3 1  ? -15.340 -27.269 -11.950 1.00 73.37  ? 1   DT  D C7    1 
ATOM   799  C  C6    . DT  C 3 1  ? -15.654 -28.450 -9.783  1.00 65.45  ? 1   DT  D C6    1 
ATOM   800  P  P     . DC  C 3 2  ? -18.411 -29.523 -4.295  1.00 103.87 ? 2   DC  D P     1 
ATOM   801  O  OP1   . DC  C 3 2  ? -19.624 -30.024 -3.614  1.00 104.49 ? 2   DC  D OP1   1 
ATOM   802  O  OP2   . DC  C 3 2  ? -18.153 -28.058 -4.322  1.00 96.27  ? 2   DC  D OP2   1 
ATOM   803  O  "O5'" . DC  C 3 2  ? -17.117 -30.185 -3.628  1.00 94.30  ? 2   DC  D "O5'" 1 
ATOM   804  C  "C5'" . DC  C 3 2  ? -15.931 -30.313 -4.396  1.00 82.77  ? 2   DC  D "C5'" 1 
ATOM   805  C  "C4'" . DC  C 3 2  ? -14.699 -30.204 -3.531  1.00 83.36  ? 2   DC  D "C4'" 1 
ATOM   806  O  "O4'" . DC  C 3 2  ? -13.613 -29.630 -4.303  1.00 83.59  ? 2   DC  D "O4'" 1 
ATOM   807  C  "C3'" . DC  C 3 2  ? -14.820 -29.303 -2.315  1.00 84.73  ? 2   DC  D "C3'" 1 
ATOM   808  O  "O3'" . DC  C 3 2  ? -13.852 -29.722 -1.388  1.00 88.14  ? 2   DC  D "O3'" 1 
ATOM   809  C  "C2'" . DC  C 3 2  ? -14.468 -27.937 -2.902  1.00 77.80  ? 2   DC  D "C2'" 1 
ATOM   810  C  "C1'" . DC  C 3 2  ? -13.321 -28.318 -3.829  1.00 77.68  ? 2   DC  D "C1'" 1 
ATOM   811  N  N1    . DC  C 3 2  ? -13.178 -27.460 -5.019  1.00 71.05  ? 2   DC  D N1    1 
ATOM   812  C  C2    . DC  C 3 2  ? -11.929 -27.369 -5.636  1.00 69.16  ? 2   DC  D C2    1 
ATOM   813  O  O2    . DC  C 3 2  ? -10.970 -27.971 -5.137  1.00 70.05  ? 2   DC  D O2    1 
ATOM   814  N  N3    . DC  C 3 2  ? -11.800 -26.610 -6.753  1.00 64.68  ? 2   DC  D N3    1 
ATOM   815  C  C4    . DC  C 3 2  ? -12.866 -25.984 -7.250  1.00 64.33  ? 2   DC  D C4    1 
ATOM   816  N  N4    . DC  C 3 2  ? -12.692 -25.253 -8.346  1.00 64.99  ? 2   DC  D N4    1 
ATOM   817  C  C5    . DC  C 3 2  ? -14.158 -26.074 -6.640  1.00 63.11  ? 2   DC  D C5    1 
ATOM   818  C  C6    . DC  C 3 2  ? -14.268 -26.822 -5.540  1.00 69.80  ? 2   DC  D C6    1 
ATOM   819  P  P     . DG  C 3 3  ? -13.955 -29.361 0.171   1.00 101.69 ? 3   DG  D P     1 
ATOM   820  O  OP1   . DG  C 3 3  ? -13.790 -30.658 0.876   1.00 98.78  ? 3   DG  D OP1   1 
ATOM   821  O  OP2   . DG  C 3 3  ? -15.184 -28.552 0.397   1.00 90.74  ? 3   DG  D OP2   1 
ATOM   822  O  "O5'" . DG  C 3 3  ? -12.631 -28.474 0.421   1.00 88.47  ? 3   DG  D "O5'" 1 
ATOM   823  C  "C5'" . DG  C 3 3  ? -11.381 -28.910 -0.139  1.00 86.99  ? 3   DG  D "C5'" 1 
ATOM   824  C  "C4'" . DG  C 3 3  ? -10.356 -27.782 -0.241  1.00 86.88  ? 3   DG  D "C4'" 1 
ATOM   825  O  "O4'" . DG  C 3 3  ? -10.492 -27.058 -1.502  1.00 83.56  ? 3   DG  D "O4'" 1 
ATOM   826  C  "C3'" . DG  C 3 3  ? -10.414 -26.721 0.845   1.00 83.09  ? 3   DG  D "C3'" 1 
ATOM   827  O  "O3'" . DG  C 3 3  ? -9.106  -26.299 1.096   1.00 88.05  ? 3   DG  D "O3'" 1 
ATOM   828  C  "C2'" . DG  C 3 3  ? -11.208 -25.618 0.163   1.00 76.28  ? 3   DG  D "C2'" 1 
ATOM   829  C  "C1'" . DG  C 3 3  ? -10.593 -25.681 -1.223  1.00 75.04  ? 3   DG  D "C1'" 1 
ATOM   830  N  N9    . DG  C 3 3  ? -11.401 -25.036 -2.258  1.00 71.84  ? 3   DG  D N9    1 
ATOM   831  C  C8    . DG  C 3 3  ? -12.761 -24.801 -2.221  1.00 70.08  ? 3   DG  D C8    1 
ATOM   832  N  N7    . DG  C 3 3  ? -13.212 -24.206 -3.295  1.00 69.58  ? 3   DG  D N7    1 
ATOM   833  C  C5    . DG  C 3 3  ? -12.081 -24.035 -4.093  1.00 64.36  ? 3   DG  D C5    1 
ATOM   834  C  C6    . DG  C 3 3  ? -11.957 -23.443 -5.373  1.00 62.07  ? 3   DG  D C6    1 
ATOM   835  O  O6    . DG  C 3 3  ? -12.853 -22.936 -6.078  1.00 64.11  ? 3   DG  D O6    1 
ATOM   836  N  N1    . DG  C 3 3  ? -10.638 -23.467 -5.828  1.00 59.63  ? 3   DG  D N1    1 
ATOM   837  C  C2    . DG  C 3 3  ? -9.572  -24.003 -5.131  1.00 62.87  ? 3   DG  D C2    1 
ATOM   838  N  N2    . DG  C 3 3  ? -8.372  -23.937 -5.745  1.00 56.66  ? 3   DG  D N2    1 
ATOM   839  N  N3    . DG  C 3 3  ? -9.675  -24.557 -3.913  1.00 60.99  ? 3   DG  D N3    1 
ATOM   840  C  C4    . DG  C 3 3  ? -10.955 -24.538 -3.466  1.00 63.89  ? 3   DG  D C4    1 
ATOM   841  P  P     . DC  C 3 4  ? -8.593  -26.120 2.603   1.00 100.07 ? 4   DC  D P     1 
ATOM   842  O  OP1   . DC  C 3 4  ? -8.323  -27.470 3.158   1.00 94.42  ? 4   DC  D OP1   1 
ATOM   843  O  OP2   . DC  C 3 4  ? -9.568  -25.205 3.246   1.00 89.97  ? 4   DC  D OP2   1 
ATOM   844  O  "O5'" . DC  C 3 4  ? -7.178  -25.388 2.428   1.00 92.98  ? 4   DC  D "O5'" 1 
ATOM   845  C  "C5'" . DC  C 3 4  ? -6.192  -25.963 1.561   1.00 86.97  ? 4   DC  D "C5'" 1 
ATOM   846  C  "C4'" . DC  C 3 4  ? -5.613  -24.913 0.633   1.00 80.90  ? 4   DC  D "C4'" 1 
ATOM   847  O  "O4'" . DC  C 3 4  ? -6.631  -24.438 -0.276  1.00 76.84  ? 4   DC  D "O4'" 1 
ATOM   848  C  "C3'" . DC  C 3 4  ? -5.043  -23.675 1.325   1.00 81.51  ? 4   DC  D "C3'" 1 
ATOM   849  O  "O3'" . DC  C 3 4  ? -3.698  -23.515 0.910   1.00 83.14  ? 4   DC  D "O3'" 1 
ATOM   850  C  "C2'" . DC  C 3 4  ? -5.953  -22.521 0.845   1.00 76.62  ? 4   DC  D "C2'" 1 
ATOM   851  C  "C1'" . DC  C 3 4  ? -6.472  -23.057 -0.477  1.00 69.92  ? 4   DC  D "C1'" 1 
ATOM   852  N  N1    . DC  C 3 4  ? -7.807  -22.524 -0.933  1.00 64.90  ? 4   DC  D N1    1 
ATOM   853  C  C2    . DC  C 3 4  ? -7.884  -21.813 -2.130  1.00 61.48  ? 4   DC  D C2    1 
ATOM   854  O  O2    . DC  C 3 4  ? -6.841  -21.566 -2.745  1.00 61.30  ? 4   DC  D O2    1 
ATOM   855  N  N3    . DC  C 3 4  ? -9.089  -21.388 -2.574  1.00 57.72  ? 4   DC  D N3    1 
ATOM   856  C  C4    . DC  C 3 4  ? -10.183 -21.666 -1.881  1.00 61.25  ? 4   DC  D C4    1 
ATOM   857  N  N4    . DC  C 3 4  ? -11.352 -21.221 -2.361  1.00 62.15  ? 4   DC  D N4    1 
ATOM   858  C  C5    . DC  C 3 4  ? -10.133 -22.399 -0.659  1.00 62.32  ? 4   DC  D C5    1 
ATOM   859  C  C6    . DC  C 3 4  ? -8.936  -22.819 -0.234  1.00 64.63  ? 4   DC  D C6    1 
ATOM   860  P  P     . DT  C 3 5  ? -2.749  -22.509 1.610   1.00 93.03  ? 5   DT  D P     1 
ATOM   861  O  OP1   . DT  C 3 5  ? -1.375  -22.899 1.311   1.00 93.46  ? 5   DT  D OP1   1 
ATOM   862  O  OP2   . DT  C 3 5  ? -3.194  -22.332 2.987   1.00 89.25  ? 5   DT  D OP2   1 
ATOM   863  O  "O5'" . DT  C 3 5  ? -2.992  -21.173 0.804   1.00 87.51  ? 5   DT  D "O5'" 1 
ATOM   864  C  "C5'" . DT  C 3 5  ? -2.394  -21.022 -0.480  1.00 84.24  ? 5   DT  D "C5'" 1 
ATOM   865  C  "C4'" . DT  C 3 5  ? -2.793  -19.697 -1.080  1.00 78.49  ? 5   DT  D "C4'" 1 
ATOM   866  O  "O4'" . DT  C 3 5  ? -4.203  -19.693 -1.364  1.00 73.48  ? 5   DT  D "O4'" 1 
ATOM   867  C  "C3'" . DT  C 3 5  ? -2.550  -18.498 -0.170  1.00 76.29  ? 5   DT  D "C3'" 1 
ATOM   868  O  "O3'" . DT  C 3 5  ? -1.873  -17.527 -0.947  1.00 77.55  ? 5   DT  D "O3'" 1 
ATOM   869  C  "C2'" . DT  C 3 5  ? -3.946  -18.009 0.157   1.00 72.22  ? 5   DT  D "C2'" 1 
ATOM   870  C  "C1'" . DT  C 3 5  ? -4.690  -18.413 -1.079  1.00 67.85  ? 5   DT  D "C1'" 1 
ATOM   871  N  N1    . DT  C 3 5  ? -6.136  -18.509 -0.920  1.00 62.12  ? 5   DT  D N1    1 
ATOM   872  C  C2    . DT  C 3 5  ? -6.913  -18.056 -1.952  1.00 60.40  ? 5   DT  D C2    1 
ATOM   873  O  O2    . DT  C 3 5  ? -6.452  -17.592 -2.975  1.00 58.79  ? 5   DT  D O2    1 
ATOM   874  N  N3    . DT  C 3 5  ? -8.258  -18.166 -1.741  1.00 56.66  ? 5   DT  D N3    1 
ATOM   875  C  C4    . DT  C 3 5  ? -8.888  -18.677 -0.629  1.00 58.28  ? 5   DT  D C4    1 
ATOM   876  O  O4    . DT  C 3 5  ? -10.109 -18.721 -0.587  1.00 60.72  ? 5   DT  D O4    1 
ATOM   877  C  C5    . DT  C 3 5  ? -8.012  -19.128 0.419   1.00 56.06  ? 5   DT  D C5    1 
ATOM   878  C  C7    . DT  C 3 5  ? -8.607  -19.699 1.664   1.00 50.43  ? 5   DT  D C7    1 
ATOM   879  C  C6    . DT  C 3 5  ? -6.695  -19.023 0.225   1.00 58.23  ? 5   DT  D C6    1 
ATOM   880  P  P     . DG  C 3 6  ? -0.979  -16.490 -0.253  1.00 84.08  ? 6   DG  D P     1 
ATOM   881  O  OP1   . DG  C 3 6  ? 0.390   -16.691 -0.700  1.00 82.41  ? 6   DG  D OP1   1 
ATOM   882  O  OP2   . DG  C 3 6  ? -1.288  -16.518 1.168   1.00 80.28  ? 6   DG  D OP2   1 
ATOM   883  O  "O5'" . DG  C 3 6  ? -1.448  -15.149 -0.937  1.00 76.83  ? 6   DG  D "O5'" 1 
ATOM   884  C  "C5'" . DG  C 3 6  ? -1.410  -15.041 -2.352  1.00 62.76  ? 6   DG  D "C5'" 1 
ATOM   885  C  "C4'" . DG  C 3 6  ? -2.544  -14.167 -2.819  1.00 66.68  ? 6   DG  D "C4'" 1 
ATOM   886  O  "O4'" . DG  C 3 6  ? -3.788  -14.697 -2.337  1.00 68.50  ? 6   DG  D "O4'" 1 
ATOM   887  C  "C3'" . DG  C 3 6  ? -2.482  -12.723 -2.333  1.00 60.09  ? 6   DG  D "C3'" 1 
ATOM   888  O  "O3'" . DG  C 3 6  ? -2.649  -11.938 -3.494  1.00 55.68  ? 6   DG  D "O3'" 1 
ATOM   889  C  "C2'" . DG  C 3 6  ? -3.694  -12.583 -1.435  1.00 59.25  ? 6   DG  D "C2'" 1 
ATOM   890  C  "C1'" . DG  C 3 6  ? -4.625  -13.635 -1.975  1.00 59.38  ? 6   DG  D "C1'" 1 
ATOM   891  N  N9    . DG  C 3 6  ? -5.589  -14.151 -1.018  1.00 57.14  ? 6   DG  D N9    1 
ATOM   892  C  C8    . DG  C 3 6  ? -5.325  -14.694 0.211   1.00 61.09  ? 6   DG  D C8    1 
ATOM   893  N  N7    . DG  C 3 6  ? -6.396  -15.104 0.831   1.00 59.99  ? 6   DG  D N7    1 
ATOM   894  C  C5    . DG  C 3 6  ? -7.428  -14.824 -0.051  1.00 56.60  ? 6   DG  D C5    1 
ATOM   895  C  C6    . DG  C 3 6  ? -8.821  -15.046 0.070   1.00 55.89  ? 6   DG  D C6    1 
ATOM   896  O  O6    . DG  C 3 6  ? -9.440  -15.545 1.008   1.00 56.84  ? 6   DG  D O6    1 
ATOM   897  N  N1    . DG  C 3 6  ? -9.508  -14.608 -1.053  1.00 50.42  ? 6   DG  D N1    1 
ATOM   898  C  C2    . DG  C 3 6  ? -8.927  -14.037 -2.153  1.00 56.27  ? 6   DG  D C2    1 
ATOM   899  N  N2    . DG  C 3 6  ? -9.757  -13.675 -3.130  1.00 60.93  ? 6   DG  D N2    1 
ATOM   900  N  N3    . DG  C 3 6  ? -7.629  -13.830 -2.282  1.00 56.84  ? 6   DG  D N3    1 
ATOM   901  C  C4    . DG  C 3 6  ? -6.944  -14.242 -1.199  1.00 56.13  ? 6   DG  D C4    1 
ATOM   902  P  P     . DG  C 3 7  ? -2.597  -10.431 -3.412  1.00 62.30  ? 7   DG  D P     1 
ATOM   903  O  OP1   . DG  C 3 7  ? -2.067  -9.938  -4.658  1.00 59.21  ? 7   DG  D OP1   1 
ATOM   904  O  OP2   . DG  C 3 7  ? -1.960  -10.068 -2.179  1.00 63.86  ? 7   DG  D OP2   1 
ATOM   905  O  "O5'" . DG  C 3 7  ? -4.122  -10.045 -3.357  1.00 64.75  ? 7   DG  D "O5'" 1 
ATOM   906  C  "C5'" . DG  C 3 7  ? -4.834  -9.807  -4.561  1.00 54.41  ? 7   DG  D "C5'" 1 
ATOM   907  C  "C4'" . DG  C 3 7  ? -6.280  -9.515  -4.255  1.00 55.34  ? 7   DG  D "C4'" 1 
ATOM   908  O  "O4'" . DG  C 3 7  ? -6.729  -10.402 -3.224  1.00 60.27  ? 7   DG  D "O4'" 1 
ATOM   909  C  "C3'" . DG  C 3 7  ? -6.550  -8.107  -3.736  1.00 57.06  ? 7   DG  D "C3'" 1 
ATOM   910  O  "O3'" . DG  C 3 7  ? -7.473  -7.443  -4.586  1.00 63.93  ? 7   DG  D "O3'" 1 
ATOM   911  C  "C2'" . DG  C 3 7  ? -7.193  -8.326  -2.382  1.00 48.90  ? 7   DG  D "C2'" 1 
ATOM   912  C  "C1'" . DG  C 3 7  ? -7.707  -9.735  -2.485  1.00 54.57  ? 7   DG  D "C1'" 1 
ATOM   913  N  N9    . DG  C 3 7  ? -7.858  -10.435 -1.219  1.00 53.17  ? 7   DG  D N9    1 
ATOM   914  C  C8    . DG  C 3 7  ? -6.858  -10.801 -0.360  1.00 54.46  ? 7   DG  D C8    1 
ATOM   915  N  N7    . DG  C 3 7  ? -7.293  -11.429 0.696   1.00 54.59  ? 7   DG  D N7    1 
ATOM   916  C  C5    . DG  C 3 7  ? -8.664  -11.494 0.513   1.00 51.90  ? 7   DG  D C5    1 
ATOM   917  C  C6    . DG  C 3 7  ? -9.671  -12.053 1.336   1.00 52.16  ? 7   DG  D C6    1 
ATOM   918  O  O6    . DG  C 3 7  ? -9.544  -12.645 2.405   1.00 51.34  ? 7   DG  D O6    1 
ATOM   919  N  N1    . DG  C 3 7  ? -10.930 -11.900 0.778   1.00 50.16  ? 7   DG  D N1    1 
ATOM   920  C  C2    . DG  C 3 7  ? -11.189 -11.278 -0.413  1.00 53.11  ? 7   DG  D C2    1 
ATOM   921  N  N2    . DG  C 3 7  ? -12.469 -11.220 -0.774  1.00 55.51  ? 7   DG  D N2    1 
ATOM   922  N  N3    . DG  C 3 7  ? -10.260 -10.747 -1.189  1.00 49.60  ? 7   DG  D N3    1 
ATOM   923  C  C4    . DG  C 3 7  ? -9.028  -10.890 -0.667  1.00 51.29  ? 7   DG  D C4    1 
ATOM   924  P  P     . DT  C 3 8  ? -7.854  -6.010  -4.255  1.00 58.38  ? 8   DT  D P     1 
ATOM   925  O  OP1   . DT  C 3 8  ? -8.381  -5.337  -5.459  1.00 57.33  ? 8   DT  D OP1   1 
ATOM   926  O  OP2   . DT  C 3 8  ? -6.719  -5.421  -3.524  1.00 60.47  ? 8   DT  D OP2   1 
ATOM   927  O  "O5'" . DT  C 3 8  ? -9.124  -6.199  -3.339  1.00 53.91  ? 8   DT  D "O5'" 1 
ATOM   928  C  "C5'" . DT  C 3 8  ? -10.314 -6.547  -3.950  1.00 53.71  ? 8   DT  D "C5'" 1 
ATOM   929  C  "C4'" . DT  C 3 8  ? -11.430 -6.663  -2.940  1.00 55.76  ? 8   DT  D "C4'" 1 
ATOM   930  O  "O4'" . DT  C 3 8  ? -11.017 -7.474  -1.845  1.00 58.83  ? 8   DT  D "O4'" 1 
ATOM   931  C  "C3'" . DT  C 3 8  ? -11.913 -5.357  -2.325  1.00 50.82  ? 8   DT  D "C3'" 1 
ATOM   932  O  "O3'" . DT  C 3 8  ? -13.202 -5.148  -2.775  1.00 51.71  ? 8   DT  D "O3'" 1 
ATOM   933  C  "C2'" . DT  C 3 8  ? -11.878 -5.614  -0.806  1.00 51.43  ? 8   DT  D "C2'" 1 
ATOM   934  C  "C1'" . DT  C 3 8  ? -11.794 -7.132  -0.745  1.00 52.44  ? 8   DT  D "C1'" 1 
ATOM   935  N  N1    . DT  C 3 8  ? -11.100 -7.669  0.431   1.00 49.33  ? 8   DT  D N1    1 
ATOM   936  C  C2    . DT  C 3 8  ? -11.808 -8.364  1.368   1.00 50.67  ? 8   DT  D C2    1 
ATOM   937  O  O2    . DT  C 3 8  ? -13.007 -8.531  1.300   1.00 55.78  ? 8   DT  D O2    1 
ATOM   938  N  N3    . DT  C 3 8  ? -11.066 -8.847  2.403   1.00 49.72  ? 8   DT  D N3    1 
ATOM   939  C  C4    . DT  C 3 8  ? -9.701  -8.715  2.571   1.00 52.67  ? 8   DT  D C4    1 
ATOM   940  O  O4    . DT  C 3 8  ? -9.103  -9.172  3.548   1.00 56.19  ? 8   DT  D O4    1 
ATOM   941  C  C5    . DT  C 3 8  ? -9.023  -7.987  1.535   1.00 48.88  ? 8   DT  D C5    1 
ATOM   942  C  C7    . DT  C 3 8  ? -7.553  -7.769  1.622   1.00 52.85  ? 8   DT  D C7    1 
ATOM   943  C  C6    . DT  C 3 8  ? -9.744  -7.513  0.525   1.00 49.23  ? 8   DT  D C6    1 
ATOM   944  P  P     . DC  C 3 9  ? -14.002 -3.840  -2.341  1.00 63.21  ? 9   DC  D P     1 
ATOM   945  O  OP1   . DC  C 3 9  ? -14.932 -3.530  -3.442  1.00 57.00  ? 9   DC  D OP1   1 
ATOM   946  O  OP2   . DC  C 3 9  ? -12.989 -2.876  -1.860  1.00 67.02  ? 9   DC  D OP2   1 
ATOM   947  O  "O5'" . DC  C 3 9  ? -14.898 -4.342  -1.115  1.00 61.99  ? 9   DC  D "O5'" 1 
ATOM   948  C  "C5'" . DC  C 3 9  ? -15.859 -5.330  -1.367  1.00 58.26  ? 9   DC  D "C5'" 1 
ATOM   949  C  "C4'" . DC  C 3 9  ? -16.626 -5.727  -0.121  1.00 59.75  ? 9   DC  D "C4'" 1 
ATOM   950  O  "O4'" . DC  C 3 9  ? -15.754 -6.326  0.862   1.00 61.86  ? 9   DC  D "O4'" 1 
ATOM   951  C  "C3'" . DC  C 3 9  ? -17.362 -4.622  0.582   1.00 60.11  ? 9   DC  D "C3'" 1 
ATOM   952  O  "O3'" . DC  C 3 9  ? -18.628 -5.119  0.902   1.00 67.82  ? 9   DC  D "O3'" 1 
ATOM   953  C  "C2'" . DC  C 3 9  ? -16.510 -4.371  1.833   1.00 58.32  ? 9   DC  D "C2'" 1 
ATOM   954  C  "C1'" . DC  C 3 9  ? -15.973 -5.754  2.121   1.00 55.36  ? 9   DC  D "C1'" 1 
ATOM   955  N  N1    . DC  C 3 9  ? -14.688 -5.769  2.779   1.00 50.93  ? 9   DC  D N1    1 
ATOM   956  C  C2    . DC  C 3 9  ? -14.470 -6.609  3.866   1.00 56.00  ? 9   DC  D C2    1 
ATOM   957  O  O2    . DC  C 3 9  ? -15.409 -7.276  4.303   1.00 58.19  ? 9   DC  D O2    1 
ATOM   958  N  N3    . DC  C 3 9  ? -13.234 -6.652  4.428   1.00 55.45  ? 9   DC  D N3    1 
ATOM   959  C  C4    . DC  C 3 9  ? -12.252 -5.909  3.922   1.00 51.17  ? 9   DC  D C4    1 
ATOM   960  N  N4    . DC  C 3 9  ? -11.060 -5.959  4.506   1.00 49.37  ? 9   DC  D N4    1 
ATOM   961  C  C5    . DC  C 3 9  ? -12.457 -5.074  2.798   1.00 52.97  ? 9   DC  D C5    1 
ATOM   962  C  C6    . DC  C 3 9  ? -13.675 -5.050  2.256   1.00 53.24  ? 9   DC  D C6    1 
ATOM   963  P  P     . DA  C 3 10 ? -19.886 -4.139  0.940   1.00 64.13  ? 10  DA  D P     1 
ATOM   964  O  OP1   . DA  C 3 10 ? -21.096 -4.940  0.572   1.00 65.32  ? 10  DA  D OP1   1 
ATOM   965  O  OP2   . DA  C 3 10 ? -19.481 -2.969  0.124   1.00 59.27  ? 10  DA  D OP2   1 
ATOM   966  O  "O5'" . DA  C 3 10 ? -19.946 -3.763  2.484   1.00 61.55  ? 10  DA  D "O5'" 1 
ATOM   967  C  "C5'" . DA  C 3 10 ? -20.143 -4.820  3.413   1.00 69.63  ? 10  DA  D "C5'" 1 
ATOM   968  C  "C4'" . DA  C 3 10 ? -19.783 -4.398  4.816   1.00 71.95  ? 10  DA  D "C4'" 1 
ATOM   969  O  "O4'" . DA  C 3 10 ? -18.346 -4.502  4.999   1.00 66.98  ? 10  DA  D "O4'" 1 
ATOM   970  C  "C3'" . DA  C 3 10 ? -20.135 -2.942  5.171   1.00 73.12  ? 10  DA  D "C3'" 1 
ATOM   971  O  "O3'" . DA  C 3 10 ? -20.560 -2.868  6.560   1.00 79.35  ? 10  DA  D "O3'" 1 
ATOM   972  C  "C2'" . DA  C 3 10 ? -18.786 -2.268  4.988   1.00 64.66  ? 10  DA  D "C2'" 1 
ATOM   973  C  "C1'" . DA  C 3 10 ? -17.944 -3.332  5.632   1.00 62.05  ? 10  DA  D "C1'" 1 
ATOM   974  N  N9    . DA  C 3 10 ? -16.524 -3.149  5.510   1.00 58.92  ? 10  DA  D N9    1 
ATOM   975  C  C8    . DA  C 3 10 ? -15.872 -2.226  4.754   1.00 59.92  ? 10  DA  D C8    1 
ATOM   976  N  N7    . DA  C 3 10 ? -14.566 -2.278  4.871   1.00 60.87  ? 10  DA  D N7    1 
ATOM   977  C  C5    . DA  C 3 10 ? -14.358 -3.294  5.795   1.00 59.77  ? 10  DA  D C5    1 
ATOM   978  C  C6    . DA  C 3 10 ? -13.183 -3.845  6.363   1.00 58.07  ? 10  DA  D C6    1 
ATOM   979  N  N6    . DA  C 3 10 ? -11.947 -3.419  6.060   1.00 56.58  ? 10  DA  D N6    1 
ATOM   980  N  N1    . DA  C 3 10 ? -13.333 -4.852  7.252   1.00 56.01  ? 10  DA  D N1    1 
ATOM   981  C  C2    . DA  C 3 10 ? -14.577 -5.274  7.540   1.00 57.79  ? 10  DA  D C2    1 
ATOM   982  N  N3    . DA  C 3 10 ? -15.748 -4.835  7.073   1.00 56.70  ? 10  DA  D N3    1 
ATOM   983  C  C4    . DA  C 3 10 ? -15.562 -3.834  6.199   1.00 58.31  ? 10  DA  D C4    1 
ATOM   984  P  P     . DA  C 3 11 ? -22.054 -2.418  6.980   1.00 86.15  ? 11  DA  D P     1 
ATOM   985  O  OP1   . DA  C 3 11 ? -23.000 -3.267  6.208   1.00 79.56  ? 11  DA  D OP1   1 
ATOM   986  O  OP2   . DA  C 3 11 ? -22.123 -0.927  6.942   1.00 72.54  ? 11  DA  D OP2   1 
ATOM   987  O  "O5'" . DA  C 3 11 ? -22.177 -2.940  8.477   1.00 72.42  ? 11  DA  D "O5'" 1 
ATOM   988  C  "C5'" . DA  C 3 11 ? -21.836 -4.297  8.755   1.00 73.02  ? 11  DA  D "C5'" 1 
ATOM   989  C  "C4'" . DA  C 3 11 ? -21.036 -4.401  10.044  1.00 79.34  ? 11  DA  D "C4'" 1 
ATOM   990  O  "O4'" . DA  C 3 11 ? -19.618 -4.187  9.790   1.00 78.64  ? 11  DA  D "O4'" 1 
ATOM   991  C  "C3'" . DA  C 3 11 ? -21.392 -3.388  11.124  1.00 82.82  ? 11  DA  D "C3'" 1 
ATOM   992  O  "O3'" . DA  C 3 11 ? -21.117 -3.974  12.378  1.00 90.20  ? 11  DA  D "O3'" 1 
ATOM   993  C  "C2'" . DA  C 3 11 ? -20.400 -2.273  10.837  1.00 74.54  ? 11  DA  D "C2'" 1 
ATOM   994  C  "C1'" . DA  C 3 11 ? -19.165 -3.104  10.581  1.00 70.82  ? 11  DA  D "C1'" 1 
ATOM   995  N  N9    . DA  C 3 11 ? -18.142 -2.396  9.841   1.00 68.11  ? 11  DA  D N9    1 
ATOM   996  C  C8    . DA  C 3 11 ? -18.334 -1.437  8.886   1.00 68.28  ? 11  DA  D C8    1 
ATOM   997  N  N7    . DA  C 3 11 ? -17.216 -0.974  8.369   1.00 65.84  ? 11  DA  D N7    1 
ATOM   998  C  C5    . DA  C 3 11 ? -16.232 -1.680  9.035   1.00 63.21  ? 11  DA  D C5    1 
ATOM   999  C  C6    . DA  C 3 11 ? -14.840 -1.648  8.947   1.00 61.55  ? 11  DA  D C6    1 
ATOM   1000 N  N6    . DA  C 3 11 ? -14.192 -0.836  8.113   1.00 62.60  ? 11  DA  D N6    1 
ATOM   1001 N  N1    . DA  C 3 11 ? -14.135 -2.474  9.752   1.00 59.62  ? 11  DA  D N1    1 
ATOM   1002 C  C2    . DA  C 3 11 ? -14.803 -3.280  10.587  1.00 61.26  ? 11  DA  D C2    1 
ATOM   1003 N  N3    . DA  C 3 11 ? -16.121 -3.398  10.763  1.00 62.99  ? 11  DA  D N3    1 
ATOM   1004 C  C4    . DA  C 3 11 ? -16.783 -2.562  9.944   1.00 65.38  ? 11  DA  D C4    1 
ATOM   1005 P  P     . DA  C 3 12 ? -22.023 -3.673  13.668  1.00 96.48  ? 12  DA  D P     1 
ATOM   1006 O  OP1   . DA  C 3 12 ? -22.719 -4.969  13.897  1.00 78.45  ? 12  DA  D OP1   1 
ATOM   1007 O  OP2   . DA  C 3 12 ? -22.735 -2.361  13.541  1.00 83.41  ? 12  DA  D OP2   1 
ATOM   1008 O  "O5'" . DA  C 3 12 ? -20.933 -3.475  14.810  1.00 87.10  ? 12  DA  D "O5'" 1 
ATOM   1009 C  "C5'" . DA  C 3 12 ? -19.874 -4.407  14.924  1.00 84.57  ? 12  DA  D "C5'" 1 
ATOM   1010 C  "C4'" . DA  C 3 12 ? -18.656 -3.726  15.492  1.00 83.84  ? 12  DA  D "C4'" 1 
ATOM   1011 O  "O4'" . DA  C 3 12 ? -17.886 -3.102  14.425  1.00 86.70  ? 12  DA  D "O4'" 1 
ATOM   1012 C  "C3'" . DA  C 3 12 ? -18.973 -2.611  16.477  1.00 83.80  ? 12  DA  D "C3'" 1 
ATOM   1013 O  "O3'" . DA  C 3 12 ? -18.145 -2.768  17.603  1.00 89.88  ? 12  DA  D "O3'" 1 
ATOM   1014 C  "C2'" . DA  C 3 12 ? -18.635 -1.339  15.686  1.00 78.34  ? 12  DA  D "C2'" 1 
ATOM   1015 C  "C1'" . DA  C 3 12 ? -17.479 -1.830  14.852  1.00 76.02  ? 12  DA  D "C1'" 1 
ATOM   1016 N  N9    . DA  C 3 12 ? -17.184 -1.000  13.683  1.00 72.92  ? 12  DA  D N9    1 
ATOM   1017 C  C8    . DA  C 3 12 ? -18.086 -0.367  12.864  1.00 72.43  ? 12  DA  D C8    1 
ATOM   1018 N  N7    . DA  C 3 12 ? -17.527 0.321   11.885  1.00 68.65  ? 12  DA  D N7    1 
ATOM   1019 C  C5    . DA  C 3 12 ? -16.164 0.125   12.074  1.00 66.45  ? 12  DA  D C5    1 
ATOM   1020 C  C6    . DA  C 3 12 ? -15.037 0.590   11.377  1.00 61.51  ? 12  DA  D C6    1 
ATOM   1021 N  N6    . DA  C 3 12 ? -15.116 1.373   10.307  1.00 61.50  ? 12  DA  D N6    1 
ATOM   1022 N  N1    . DA  C 3 12 ? -13.820 0.220   11.826  1.00 61.14  ? 12  DA  D N1    1 
ATOM   1023 C  C2    . DA  C 3 12 ? -13.738 -0.569  12.906  1.00 63.37  ? 12  DA  D C2    1 
ATOM   1024 N  N3    . DA  C 3 12 ? -14.725 -1.081  13.647  1.00 66.99  ? 12  DA  D N3    1 
ATOM   1025 C  C4    . DA  C 3 12 ? -15.929 -0.689  13.174  1.00 70.08  ? 12  DA  D C4    1 
ATOM   1026 P  P     . DG  C 3 13 ? -18.435 -1.959  18.956  1.00 87.49  ? 13  DG  D P     1 
ATOM   1027 O  OP1   . DG  C 3 13 ? -18.298 -2.978  20.022  1.00 83.40  ? 13  DG  D OP1   1 
ATOM   1028 O  OP2   . DG  C 3 13 ? -19.702 -1.204  18.786  1.00 80.37  ? 13  DG  D OP2   1 
ATOM   1029 O  "O5'" . DG  C 3 13 ? -17.192 -0.938  19.054  1.00 80.94  ? 13  DG  D "O5'" 1 
ATOM   1030 C  "C5'" . DG  C 3 13 ? -15.876 -1.465  19.168  1.00 79.98  ? 13  DG  D "C5'" 1 
ATOM   1031 C  "C4'" . DG  C 3 13 ? -14.850 -0.470  18.680  1.00 82.52  ? 13  DG  D "C4'" 1 
ATOM   1032 O  "O4'" . DG  C 3 13 ? -15.107 -0.145  17.307  1.00 81.16  ? 13  DG  D "O4'" 1 
ATOM   1033 C  "C3'" . DG  C 3 13 ? -14.854 0.857   19.419  1.00 83.97  ? 13  DG  D "C3'" 1 
ATOM   1034 O  "O3'" . DG  C 3 13 ? -13.784 0.884   20.351  1.00 94.64  ? 13  DG  D "O3'" 1 
ATOM   1035 C  "C2'" . DG  C 3 13 ? -14.643 1.910   18.320  1.00 84.37  ? 13  DG  D "C2'" 1 
ATOM   1036 C  "C1'" . DG  C 3 13 ? -14.534 1.106   17.030  1.00 78.44  ? 13  DG  D "C1'" 1 
ATOM   1037 N  N9    . DG  C 3 13 ? -15.291 1.724   15.951  1.00 73.92  ? 13  DG  D N9    1 
ATOM   1038 C  C8    . DG  C 3 13 ? -16.661 1.763   15.838  1.00 74.43  ? 13  DG  D C8    1 
ATOM   1039 N  N7    . DG  C 3 13 ? -17.077 2.394   14.776  1.00 71.13  ? 13  DG  D N7    1 
ATOM   1040 C  C5    . DG  C 3 13 ? -15.919 2.813   14.152  1.00 65.70  ? 13  DG  D C5    1 
ATOM   1041 C  C6    . DG  C 3 13 ? -15.764 3.537   12.961  1.00 66.16  ? 13  DG  D C6    1 
ATOM   1042 O  O6    . DG  C 3 13 ? -16.659 3.968   12.223  1.00 67.92  ? 13  DG  D O6    1 
ATOM   1043 N  N1    . DG  C 3 13 ? -14.415 3.759   12.655  1.00 64.04  ? 13  DG  D N1    1 
ATOM   1044 C  C2    . DG  C 3 13 ? -13.354 3.320   13.431  1.00 67.09  ? 13  DG  D C2    1 
ATOM   1045 N  N2    . DG  C 3 13 ? -12.122 3.627   12.986  1.00 60.52  ? 13  DG  D N2    1 
ATOM   1046 N  N3    . DG  C 3 13 ? -13.496 2.627   14.570  1.00 67.10  ? 13  DG  D N3    1 
ATOM   1047 C  C4    . DG  C 3 13 ? -14.802 2.416   14.864  1.00 67.52  ? 13  DG  D C4    1 
ATOM   1048 P  P     . DG  C 3 14 ? -13.357 2.268   21.063  1.00 106.29 ? 14  DG  D P     1 
ATOM   1049 O  OP1   . DG  C 3 14 ? -12.501 1.908   22.219  1.00 100.61 ? 14  DG  D OP1   1 
ATOM   1050 O  OP2   . DG  C 3 14 ? -14.570 3.109   21.231  1.00 90.54  ? 14  DG  D OP2   1 
ATOM   1051 O  "O5'" . DG  C 3 14 ? -12.415 2.998   19.999  1.00 88.49  ? 14  DG  D "O5'" 1 
ATOM   1052 C  "C5'" . DG  C 3 14 ? -11.176 2.434   19.655  1.00 85.94  ? 14  DG  D "C5'" 1 
ATOM   1053 C  "C4'" . DG  C 3 14 ? -10.357 3.443   18.893  1.00 86.54  ? 14  DG  D "C4'" 1 
ATOM   1054 O  "O4'" . DG  C 3 14 ? -11.039 3.775   17.661  1.00 80.72  ? 14  DG  D "O4'" 1 
ATOM   1055 C  "C3'" . DG  C 3 14 ? -10.147 4.766   19.623  1.00 89.63  ? 14  DG  D "C3'" 1 
ATOM   1056 O  "O3'" . DG  C 3 14 ? -8.840  5.219   19.393  1.00 92.87  ? 14  DG  D "O3'" 1 
ATOM   1057 C  "C2'" . DG  C 3 14 ? -11.181 5.698   18.988  1.00 84.90  ? 14  DG  D "C2'" 1 
ATOM   1058 C  "C1'" . DG  C 3 14 ? -11.209 5.177   17.563  1.00 81.49  ? 14  DG  D "C1'" 1 
ATOM   1059 N  N9    . DG  C 3 14 ? -12.466 5.432   16.863  1.00 72.29  ? 14  DG  D N9    1 
ATOM   1060 C  C8    . DG  C 3 14 ? -13.712 5.015   17.242  1.00 70.87  ? 14  DG  D C8    1 
ATOM   1061 N  N7    . DG  C 3 14 ? -14.649 5.369   16.412  1.00 67.81  ? 14  DG  D N7    1 
ATOM   1062 C  C5    . DG  C 3 14 ? -13.984 6.055   15.416  1.00 62.92  ? 14  DG  D C5    1 
ATOM   1063 C  C6    . DG  C 3 14 ? -14.494 6.661   14.255  1.00 62.49  ? 14  DG  D C6    1 
ATOM   1064 O  O6    . DG  C 3 14 ? -15.671 6.707   13.889  1.00 66.13  ? 14  DG  D O6    1 
ATOM   1065 N  N1    . DG  C 3 14 ? -13.490 7.257   13.485  1.00 59.32  ? 14  DG  D N1    1 
ATOM   1066 C  C2    . DG  C 3 14 ? -12.147 7.255   13.819  1.00 63.31  ? 14  DG  D C2    1 
ATOM   1067 N  N2    . DG  C 3 14 ? -11.315 7.873   12.962  1.00 58.48  ? 14  DG  D N2    1 
ATOM   1068 N  N3    . DG  C 3 14 ? -11.652 6.680   14.920  1.00 64.99  ? 14  DG  D N3    1 
ATOM   1069 C  C4    . DG  C 3 14 ? -12.634 6.099   15.667  1.00 66.61  ? 14  DG  D C4    1 
ATOM   1070 P  P     . DC  C 3 15 ? -8.270  6.465   20.227  1.00 106.69 ? 15  DC  D P     1 
ATOM   1071 O  OP1   . DC  C 3 15 ? -6.827  6.216   20.467  1.00 107.14 ? 15  DC  D OP1   1 
ATOM   1072 O  OP2   . DC  C 3 15 ? -9.169  6.696   21.390  1.00 94.36  ? 15  DC  D OP2   1 
ATOM   1073 O  "O5'" . DC  C 3 15 ? -8.388  7.667   19.181  1.00 94.59  ? 15  DC  D "O5'" 1 
ATOM   1074 C  "C5'" . DC  C 3 15 ? -7.802  7.517   17.886  1.00 92.90  ? 15  DC  D "C5'" 1 
ATOM   1075 C  "C4'" . DC  C 3 15 ? -8.114  8.712   16.989  1.00 92.22  ? 15  DC  D "C4'" 1 
ATOM   1076 O  "O4'" . DC  C 3 15 ? -9.457  8.586   16.433  1.00 85.00  ? 15  DC  D "O4'" 1 
ATOM   1077 C  "C3'" . DC  C 3 15 ? -8.082  10.085  17.683  1.00 89.79  ? 15  DC  D "C3'" 1 
ATOM   1078 O  "O3'" . DC  C 3 15 ? -7.439  11.036  16.836  1.00 90.11  ? 15  DC  D "O3'" 1 
ATOM   1079 C  "C2'" . DC  C 3 15 ? -9.565  10.406  17.843  1.00 80.49  ? 15  DC  D "C2'" 1 
ATOM   1080 C  "C1'" . DC  C 3 15 ? -10.086 9.840   16.545  1.00 76.02  ? 15  DC  D "C1'" 1 
ATOM   1081 N  N1    . DC  C 3 15 ? -11.536 9.639   16.491  1.00 69.46  ? 15  DC  D N1    1 
ATOM   1082 C  C2    . DC  C 3 15 ? -12.238 10.186  15.426  1.00 62.97  ? 15  DC  D C2    1 
ATOM   1083 O  O2    . DC  C 3 15 ? -11.609 10.854  14.582  1.00 64.59  ? 15  DC  D O2    1 
ATOM   1084 N  N3    . DC  C 3 15 ? -13.573 9.989   15.348  1.00 58.14  ? 15  DC  D N3    1 
ATOM   1085 C  C4    . DC  C 3 15 ? -14.189 9.270   16.282  1.00 62.50  ? 15  DC  D C4    1 
ATOM   1086 N  N4    . DC  C 3 15 ? -15.504 9.090   16.159  1.00 64.43  ? 15  DC  D N4    1 
ATOM   1087 C  C5    . DC  C 3 15 ? -13.483 8.688   17.379  1.00 66.60  ? 15  DC  D C5    1 
ATOM   1088 C  C6    . DC  C 3 15 ? -12.164 8.891   17.441  1.00 69.72  ? 15  DC  D C6    1 
HETATM 1089 ZN ZN    . ZN  D 4 .  ? -4.236  8.640   -6.617  1.00 71.27  ? 301 ZN  B ZN    1 
# 
loop_
_pdbx_poly_seq_scheme.asym_id 
_pdbx_poly_seq_scheme.entity_id 
_pdbx_poly_seq_scheme.seq_id 
_pdbx_poly_seq_scheme.mon_id 
_pdbx_poly_seq_scheme.ndb_seq_num 
_pdbx_poly_seq_scheme.pdb_seq_num 
_pdbx_poly_seq_scheme.auth_seq_num 
_pdbx_poly_seq_scheme.pdb_mon_id 
_pdbx_poly_seq_scheme.auth_mon_id 
_pdbx_poly_seq_scheme.pdb_strand_id 
_pdbx_poly_seq_scheme.pdb_ins_code 
_pdbx_poly_seq_scheme.hetero 
A 1 1  MET 1  177 ?   ?   ?   B . n 
A 1 2  ARG 2  178 ?   ?   ?   B . n 
A 1 3  GLU 3  179 ?   ?   ?   B . n 
A 1 4  GLN 4  180 ?   ?   ?   B . n 
A 1 5  ARG 5  181 ?   ?   ?   B . n 
A 1 6  LYS 6  182 ?   ?   ?   B . n 
A 1 7  GLY 7  183 ?   ?   ?   B . n 
A 1 8  GLU 8  184 ?   ?   ?   B . n 
A 1 9  ASP 9  185 185 ASP ASP B . n 
A 1 10 GLY 10 186 186 GLY GLY B . n 
A 1 11 TYR 11 187 187 TYR TYR B . n 
A 1 12 ASN 12 188 188 ASN ASN B . n 
A 1 13 TRP 13 189 189 TRP TRP B . n 
A 1 14 ARG 14 190 190 ARG ARG B . n 
A 1 15 LYS 15 191 191 LYS LYS B . n 
A 1 16 TYR 16 192 192 TYR TYR B . n 
A 1 17 GLY 17 193 193 GLY GLY B . n 
A 1 18 GLN 18 194 194 GLN GLN B . n 
A 1 19 LYS 19 195 195 LYS LYS B . n 
A 1 20 GLN 20 196 196 GLN GLN B . n 
A 1 21 VAL 21 197 197 VAL VAL B . n 
A 1 22 LYS 22 198 198 LYS LYS B . n 
A 1 23 GLY 23 199 199 GLY GLY B . n 
A 1 24 SER 24 200 200 SER SER B . n 
A 1 25 GLU 25 201 201 GLU GLU B . n 
A 1 26 ASN 26 202 202 ASN ASN B . n 
A 1 27 PRO 27 203 203 PRO PRO B . n 
A 1 28 ARG 28 204 204 ARG ARG B . n 
A 1 29 SER 29 205 205 SER SER B . n 
A 1 30 TYR 30 206 206 TYR TYR B . n 
A 1 31 TYR 31 207 207 TYR TYR B . n 
A 1 32 LYS 32 208 208 LYS LYS B . n 
A 1 33 CYS 33 209 209 CYS CYS B . n 
A 1 34 THR 34 210 210 THR THR B . n 
A 1 35 PHE 35 211 211 PHE PHE B . n 
A 1 36 PRO 36 212 212 PRO PRO B . n 
A 1 37 ASN 37 213 213 ASN ASN B . n 
A 1 38 CYS 38 214 214 CYS CYS B . n 
A 1 39 PRO 39 215 215 PRO PRO B . n 
A 1 40 THR 40 216 216 THR THR B . n 
A 1 41 LYS 41 217 217 LYS LYS B . n 
A 1 42 LYS 42 218 218 LYS LYS B . n 
A 1 43 LYS 43 219 219 LYS LYS B . n 
A 1 44 VAL 44 220 220 VAL VAL B . n 
A 1 45 GLU 45 221 221 GLU GLU B . n 
A 1 46 ARG 46 222 222 ARG ARG B . n 
A 1 47 SER 47 223 223 SER SER B . n 
A 1 48 LEU 48 224 224 LEU LEU B . n 
A 1 49 GLU 49 225 225 GLU GLU B . n 
A 1 50 GLY 50 226 226 GLY GLY B . n 
A 1 51 GLN 51 227 227 GLN GLN B . n 
A 1 52 ILE 52 228 228 ILE ILE B . n 
A 1 53 THR 53 229 229 THR THR B . n 
A 1 54 GLU 54 230 230 GLU GLU B . n 
A 1 55 ILE 55 231 231 ILE ILE B . n 
A 1 56 VAL 56 232 232 VAL VAL B . n 
A 1 57 TYR 57 233 233 TYR TYR B . n 
A 1 58 LYS 58 234 234 LYS LYS B . n 
A 1 59 GLY 59 235 235 GLY GLY B . n 
A 1 60 SER 60 236 236 SER SER B . n 
A 1 61 HIS 61 237 237 HIS HIS B . n 
A 1 62 ASN 62 238 238 ASN ASN B . n 
A 1 63 HIS 63 239 239 HIS HIS B . n 
A 1 64 PRO 64 240 240 PRO PRO B . n 
A 1 65 LYS 65 241 241 LYS LYS B . n 
A 1 66 PRO 66 242 242 PRO PRO B . n 
A 1 67 LEU 67 243 ?   ?   ?   B . n 
A 1 68 GLU 68 244 ?   ?   ?   B . n 
A 1 69 HIS 69 245 ?   ?   ?   B . n 
A 1 70 HIS 70 246 ?   ?   ?   B . n 
A 1 71 HIS 71 247 ?   ?   ?   B . n 
A 1 72 HIS 72 248 ?   ?   ?   B . n 
A 1 73 HIS 73 249 ?   ?   ?   B . n 
A 1 74 HIS 74 250 ?   ?   ?   B . n 
B 2 1  DA  1  1   1   DA  DA  C . n 
B 2 2  DG  2  2   2   DG  DG  C . n 
B 2 3  DC  3  3   3   DC  DC  C . n 
B 2 4  DC  4  4   4   DC  DC  C . n 
B 2 5  DT  5  5   5   DT  DT  C . n 
B 2 6  DT  6  6   6   DT  DT  C . n 
B 2 7  DT  7  7   7   DT  DT  C . n 
B 2 8  DG  8  8   8   DG  DG  C . n 
B 2 9  DA  9  9   9   DA  DA  C . n 
B 2 10 DC  10 10  10  DC  DC  C . n 
B 2 11 DC  11 11  11  DC  DC  C . n 
B 2 12 DA  12 12  12  DA  DA  C . n 
B 2 13 DG  13 13  13  DG  DG  C . n 
B 2 14 DC  14 14  14  DC  DC  C . n 
B 2 15 DG  15 15  15  DG  DG  C . n 
C 3 1  DT  1  1   1   DT  DT  D . n 
C 3 2  DC  2  2   2   DC  DC  D . n 
C 3 3  DG  3  3   3   DG  DG  D . n 
C 3 4  DC  4  4   4   DC  DC  D . n 
C 3 5  DT  5  5   5   DT  DT  D . n 
C 3 6  DG  6  6   6   DG  DG  D . n 
C 3 7  DG  7  7   7   DG  DG  D . n 
C 3 8  DT  8  8   8   DT  DT  D . n 
C 3 9  DC  9  9   9   DC  DC  D . n 
C 3 10 DA  10 10  10  DA  DA  D . n 
C 3 11 DA  11 11  11  DA  DA  D . n 
C 3 12 DA  12 12  12  DA  DA  D . n 
C 3 13 DG  13 13  13  DG  DG  D . n 
C 3 14 DG  14 14  14  DG  DG  D . n 
C 3 15 DC  15 15  15  DC  DC  D . n 
# 
_pdbx_nonpoly_scheme.asym_id         D 
_pdbx_nonpoly_scheme.entity_id       4 
_pdbx_nonpoly_scheme.mon_id          ZN 
_pdbx_nonpoly_scheme.ndb_seq_num     1 
_pdbx_nonpoly_scheme.pdb_seq_num     301 
_pdbx_nonpoly_scheme.auth_seq_num    301 
_pdbx_nonpoly_scheme.pdb_mon_id      ZN 
_pdbx_nonpoly_scheme.auth_mon_id     ZN 
_pdbx_nonpoly_scheme.pdb_strand_id   B 
_pdbx_nonpoly_scheme.pdb_ins_code    . 
# 
_pdbx_struct_assembly.id                   1 
_pdbx_struct_assembly.details              author_and_software_defined_assembly 
_pdbx_struct_assembly.method_details       PISA 
_pdbx_struct_assembly.oligomeric_details   trimeric 
_pdbx_struct_assembly.oligomeric_count     3 
# 
_pdbx_struct_assembly_gen.assembly_id       1 
_pdbx_struct_assembly_gen.oper_expression   1 
_pdbx_struct_assembly_gen.asym_id_list      A,B,C,D 
# 
loop_
_pdbx_struct_assembly_prop.biol_id 
_pdbx_struct_assembly_prop.type 
_pdbx_struct_assembly_prop.value 
_pdbx_struct_assembly_prop.details 
1 'ABSA (A^2)' 2590 ? 
1 MORE         -23  ? 
1 'SSA (A^2)'  8680 ? 
# 
_pdbx_struct_oper_list.id                   1 
_pdbx_struct_oper_list.type                 'identity operation' 
_pdbx_struct_oper_list.name                 1_555 
_pdbx_struct_oper_list.symmetry_operation   x,y,z 
_pdbx_struct_oper_list.matrix[1][1]         1.0000000000 
_pdbx_struct_oper_list.matrix[1][2]         0.0000000000 
_pdbx_struct_oper_list.matrix[1][3]         0.0000000000 
_pdbx_struct_oper_list.vector[1]            0.0000000000 
_pdbx_struct_oper_list.matrix[2][1]         0.0000000000 
_pdbx_struct_oper_list.matrix[2][2]         1.0000000000 
_pdbx_struct_oper_list.matrix[2][3]         0.0000000000 
_pdbx_struct_oper_list.vector[2]            0.0000000000 
_pdbx_struct_oper_list.matrix[3][1]         0.0000000000 
_pdbx_struct_oper_list.matrix[3][2]         0.0000000000 
_pdbx_struct_oper_list.matrix[3][3]         1.0000000000 
_pdbx_struct_oper_list.vector[3]            0.0000000000 
# 
loop_
_pdbx_struct_conn_angle.id 
_pdbx_struct_conn_angle.ptnr1_label_atom_id 
_pdbx_struct_conn_angle.ptnr1_label_alt_id 
_pdbx_struct_conn_angle.ptnr1_label_asym_id 
_pdbx_struct_conn_angle.ptnr1_label_comp_id 
_pdbx_struct_conn_angle.ptnr1_label_seq_id 
_pdbx_struct_conn_angle.ptnr1_auth_atom_id 
_pdbx_struct_conn_angle.ptnr1_auth_asym_id 
_pdbx_struct_conn_angle.ptnr1_auth_comp_id 
_pdbx_struct_conn_angle.ptnr1_auth_seq_id 
_pdbx_struct_conn_angle.ptnr1_PDB_ins_code 
_pdbx_struct_conn_angle.ptnr1_symmetry 
_pdbx_struct_conn_angle.ptnr2_label_atom_id 
_pdbx_struct_conn_angle.ptnr2_label_alt_id 
_pdbx_struct_conn_angle.ptnr2_label_asym_id 
_pdbx_struct_conn_angle.ptnr2_label_comp_id 
_pdbx_struct_conn_angle.ptnr2_label_seq_id 
_pdbx_struct_conn_angle.ptnr2_auth_atom_id 
_pdbx_struct_conn_angle.ptnr2_auth_asym_id 
_pdbx_struct_conn_angle.ptnr2_auth_comp_id 
_pdbx_struct_conn_angle.ptnr2_auth_seq_id 
_pdbx_struct_conn_angle.ptnr2_PDB_ins_code 
_pdbx_struct_conn_angle.ptnr2_symmetry 
_pdbx_struct_conn_angle.ptnr3_label_atom_id 
_pdbx_struct_conn_angle.ptnr3_label_alt_id 
_pdbx_struct_conn_angle.ptnr3_label_asym_id 
_pdbx_struct_conn_angle.ptnr3_label_comp_id 
_pdbx_struct_conn_angle.ptnr3_label_seq_id 
_pdbx_struct_conn_angle.ptnr3_auth_atom_id 
_pdbx_struct_conn_angle.ptnr3_auth_asym_id 
_pdbx_struct_conn_angle.ptnr3_auth_comp_id 
_pdbx_struct_conn_angle.ptnr3_auth_seq_id 
_pdbx_struct_conn_angle.ptnr3_PDB_ins_code 
_pdbx_struct_conn_angle.ptnr3_symmetry 
_pdbx_struct_conn_angle.value 
_pdbx_struct_conn_angle.value_esd 
1 SG  ? A CYS 33 ? B CYS 209 ? 1_555 ZN ? D ZN . ? B ZN 301 ? 1_555 SG  ? A CYS 38 ? B CYS 214 ? 1_555 108.2 ? 
2 SG  ? A CYS 33 ? B CYS 209 ? 1_555 ZN ? D ZN . ? B ZN 301 ? 1_555 ND1 ? A HIS 61 ? B HIS 237 ? 1_555 109.9 ? 
3 SG  ? A CYS 38 ? B CYS 214 ? 1_555 ZN ? D ZN . ? B ZN 301 ? 1_555 ND1 ? A HIS 61 ? B HIS 237 ? 1_555 111.6 ? 
4 SG  ? A CYS 33 ? B CYS 209 ? 1_555 ZN ? D ZN . ? B ZN 301 ? 1_555 NE2 ? A HIS 63 ? B HIS 239 ? 1_555 114.8 ? 
5 SG  ? A CYS 38 ? B CYS 214 ? 1_555 ZN ? D ZN . ? B ZN 301 ? 1_555 NE2 ? A HIS 63 ? B HIS 239 ? 1_555 100.6 ? 
6 ND1 ? A HIS 61 ? B HIS 237 ? 1_555 ZN ? D ZN . ? B ZN 301 ? 1_555 NE2 ? A HIS 63 ? B HIS 239 ? 1_555 111.3 ? 
# 
loop_
_pdbx_audit_revision_history.ordinal 
_pdbx_audit_revision_history.data_content_type 
_pdbx_audit_revision_history.major_revision 
_pdbx_audit_revision_history.minor_revision 
_pdbx_audit_revision_history.revision_date 
1 'Structure model' 1 0 2020-01-15 
2 'Structure model' 1 1 2023-11-22 
# 
_pdbx_audit_revision_details.ordinal             1 
_pdbx_audit_revision_details.revision_ordinal    1 
_pdbx_audit_revision_details.data_content_type   'Structure model' 
_pdbx_audit_revision_details.provider            repository 
_pdbx_audit_revision_details.type                'Initial release' 
_pdbx_audit_revision_details.description         ? 
_pdbx_audit_revision_details.details             ? 
# 
loop_
_pdbx_audit_revision_group.ordinal 
_pdbx_audit_revision_group.revision_ordinal 
_pdbx_audit_revision_group.data_content_type 
_pdbx_audit_revision_group.group 
1 2 'Structure model' 'Data collection'        
2 2 'Structure model' 'Database references'    
3 2 'Structure model' 'Refinement description' 
# 
loop_
_pdbx_audit_revision_category.ordinal 
_pdbx_audit_revision_category.revision_ordinal 
_pdbx_audit_revision_category.data_content_type 
_pdbx_audit_revision_category.category 
1 2 'Structure model' chem_comp_atom                
2 2 'Structure model' chem_comp_bond                
3 2 'Structure model' database_2                    
4 2 'Structure model' pdbx_initial_refinement_model 
# 
loop_
_pdbx_audit_revision_item.ordinal 
_pdbx_audit_revision_item.revision_ordinal 
_pdbx_audit_revision_item.data_content_type 
_pdbx_audit_revision_item.item 
1 2 'Structure model' '_database_2.pdbx_DOI'                
2 2 'Structure model' '_database_2.pdbx_database_accession' 
# 
loop_
_software.citation_id 
_software.classification 
_software.compiler_name 
_software.compiler_version 
_software.contact_author 
_software.contact_author_email 
_software.date 
_software.description 
_software.dependencies 
_software.hardware 
_software.language 
_software.location 
_software.mods 
_software.name 
_software.os 
_software.os_version 
_software.type 
_software.version 
_software.pdbx_ordinal 
? refinement       ? ? ? ? ? ? ? ? ? ? ? PHENIX ? ? ? . 1 
? 'data reduction' ? ? ? ? ? ? ? ? ? ? ? XDS    ? ? ? . 2 
? 'data scaling'   ? ? ? ? ? ? ? ? ? ? ? XSCALE ? ? ? . 3 
? phasing          ? ? ? ? ? ? ? ? ? ? ? PHASER ? ? ? . 4 
# 
loop_
_pdbx_validate_rmsd_bond.id 
_pdbx_validate_rmsd_bond.PDB_model_num 
_pdbx_validate_rmsd_bond.auth_atom_id_1 
_pdbx_validate_rmsd_bond.auth_asym_id_1 
_pdbx_validate_rmsd_bond.auth_comp_id_1 
_pdbx_validate_rmsd_bond.auth_seq_id_1 
_pdbx_validate_rmsd_bond.PDB_ins_code_1 
_pdbx_validate_rmsd_bond.label_alt_id_1 
_pdbx_validate_rmsd_bond.auth_atom_id_2 
_pdbx_validate_rmsd_bond.auth_asym_id_2 
_pdbx_validate_rmsd_bond.auth_comp_id_2 
_pdbx_validate_rmsd_bond.auth_seq_id_2 
_pdbx_validate_rmsd_bond.PDB_ins_code_2 
_pdbx_validate_rmsd_bond.label_alt_id_2 
_pdbx_validate_rmsd_bond.bond_value 
_pdbx_validate_rmsd_bond.bond_target_value 
_pdbx_validate_rmsd_bond.bond_deviation 
_pdbx_validate_rmsd_bond.bond_standard_deviation 
_pdbx_validate_rmsd_bond.linker_flag 
1 1 "O3'" C DG 13 ? ? "C3'" C DG 13 ? ? 1.383 1.419 -0.036 0.006 N 
2 1 "O3'" D DG 6  ? ? P     D DG 7  ? ? 1.510 1.607 -0.097 0.012 Y 
3 1 "O3'" D DG 7  ? ? P     D DT 8  ? ? 1.519 1.607 -0.088 0.012 Y 
4 1 "O3'" D DT 8  ? ? "C3'" D DT 8  ? ? 1.381 1.419 -0.038 0.006 N 
# 
loop_
_pdbx_validate_rmsd_angle.id 
_pdbx_validate_rmsd_angle.PDB_model_num 
_pdbx_validate_rmsd_angle.auth_atom_id_1 
_pdbx_validate_rmsd_angle.auth_asym_id_1 
_pdbx_validate_rmsd_angle.auth_comp_id_1 
_pdbx_validate_rmsd_angle.auth_seq_id_1 
_pdbx_validate_rmsd_angle.PDB_ins_code_1 
_pdbx_validate_rmsd_angle.label_alt_id_1 
_pdbx_validate_rmsd_angle.auth_atom_id_2 
_pdbx_validate_rmsd_angle.auth_asym_id_2 
_pdbx_validate_rmsd_angle.auth_comp_id_2 
_pdbx_validate_rmsd_angle.auth_seq_id_2 
_pdbx_validate_rmsd_angle.PDB_ins_code_2 
_pdbx_validate_rmsd_angle.label_alt_id_2 
_pdbx_validate_rmsd_angle.auth_atom_id_3 
_pdbx_validate_rmsd_angle.auth_asym_id_3 
_pdbx_validate_rmsd_angle.auth_comp_id_3 
_pdbx_validate_rmsd_angle.auth_seq_id_3 
_pdbx_validate_rmsd_angle.PDB_ins_code_3 
_pdbx_validate_rmsd_angle.label_alt_id_3 
_pdbx_validate_rmsd_angle.angle_value 
_pdbx_validate_rmsd_angle.angle_target_value 
_pdbx_validate_rmsd_angle.angle_deviation 
_pdbx_validate_rmsd_angle.angle_standard_deviation 
_pdbx_validate_rmsd_angle.linker_flag 
1 1 "O4'" C DA 12 ? ? "C1'" C DA 12 ? ? N9    C DA 12 ? ? 110.38 108.30 2.08  0.30 N 
2 1 "C3'" D DA 10 ? ? "C2'" D DA 10 ? ? "C1'" D DA 10 ? ? 97.58  102.40 -4.82 0.80 N 
3 1 "O4'" D DA 10 ? ? "C1'" D DA 10 ? ? N9    D DA 10 ? ? 110.73 108.30 2.43  0.30 N 
# 
loop_
_pdbx_validate_torsion.id 
_pdbx_validate_torsion.PDB_model_num 
_pdbx_validate_torsion.auth_comp_id 
_pdbx_validate_torsion.auth_asym_id 
_pdbx_validate_torsion.auth_seq_id 
_pdbx_validate_torsion.PDB_ins_code 
_pdbx_validate_torsion.label_alt_id 
_pdbx_validate_torsion.phi 
_pdbx_validate_torsion.psi 
1 1 GLU B 201 ? ? -55.61 -71.76 
2 1 ASN B 202 ? ? -35.53 129.54 
3 1 ASN B 213 ? ? 68.00  -11.87 
4 1 ASN B 238 ? ? -80.66 40.35  
# 
loop_
_pdbx_unobs_or_zero_occ_residues.id 
_pdbx_unobs_or_zero_occ_residues.PDB_model_num 
_pdbx_unobs_or_zero_occ_residues.polymer_flag 
_pdbx_unobs_or_zero_occ_residues.occupancy_flag 
_pdbx_unobs_or_zero_occ_residues.auth_asym_id 
_pdbx_unobs_or_zero_occ_residues.auth_comp_id 
_pdbx_unobs_or_zero_occ_residues.auth_seq_id 
_pdbx_unobs_or_zero_occ_residues.PDB_ins_code 
_pdbx_unobs_or_zero_occ_residues.label_asym_id 
_pdbx_unobs_or_zero_occ_residues.label_comp_id 
_pdbx_unobs_or_zero_occ_residues.label_seq_id 
1  1 Y 1 B MET 177 ? A MET 1  
2  1 Y 1 B ARG 178 ? A ARG 2  
3  1 Y 1 B GLU 179 ? A GLU 3  
4  1 Y 1 B GLN 180 ? A GLN 4  
5  1 Y 1 B ARG 181 ? A ARG 5  
6  1 Y 1 B LYS 182 ? A LYS 6  
7  1 Y 1 B GLY 183 ? A GLY 7  
8  1 Y 1 B GLU 184 ? A GLU 8  
9  1 Y 1 B LEU 243 ? A LEU 67 
10 1 Y 1 B GLU 244 ? A GLU 68 
11 1 Y 1 B HIS 245 ? A HIS 69 
12 1 Y 1 B HIS 246 ? A HIS 70 
13 1 Y 1 B HIS 247 ? A HIS 71 
14 1 Y 1 B HIS 248 ? A HIS 72 
15 1 Y 1 B HIS 249 ? A HIS 73 
16 1 Y 1 B HIS 250 ? A HIS 74 
# 
loop_
_chem_comp_atom.comp_id 
_chem_comp_atom.atom_id 
_chem_comp_atom.type_symbol 
_chem_comp_atom.pdbx_aromatic_flag 
_chem_comp_atom.pdbx_stereo_config 
_chem_comp_atom.pdbx_ordinal 
ARG N      N  N N 1   
ARG CA     C  N S 2   
ARG C      C  N N 3   
ARG O      O  N N 4   
ARG CB     C  N N 5   
ARG CG     C  N N 6   
ARG CD     C  N N 7   
ARG NE     N  N N 8   
ARG CZ     C  N N 9   
ARG NH1    N  N N 10  
ARG NH2    N  N N 11  
ARG OXT    O  N N 12  
ARG H      H  N N 13  
ARG H2     H  N N 14  
ARG HA     H  N N 15  
ARG HB2    H  N N 16  
ARG HB3    H  N N 17  
ARG HG2    H  N N 18  
ARG HG3    H  N N 19  
ARG HD2    H  N N 20  
ARG HD3    H  N N 21  
ARG HE     H  N N 22  
ARG HH11   H  N N 23  
ARG HH12   H  N N 24  
ARG HH21   H  N N 25  
ARG HH22   H  N N 26  
ARG HXT    H  N N 27  
ASN N      N  N N 28  
ASN CA     C  N S 29  
ASN C      C  N N 30  
ASN O      O  N N 31  
ASN CB     C  N N 32  
ASN CG     C  N N 33  
ASN OD1    O  N N 34  
ASN ND2    N  N N 35  
ASN OXT    O  N N 36  
ASN H      H  N N 37  
ASN H2     H  N N 38  
ASN HA     H  N N 39  
ASN HB2    H  N N 40  
ASN HB3    H  N N 41  
ASN HD21   H  N N 42  
ASN HD22   H  N N 43  
ASN HXT    H  N N 44  
ASP N      N  N N 45  
ASP CA     C  N S 46  
ASP C      C  N N 47  
ASP O      O  N N 48  
ASP CB     C  N N 49  
ASP CG     C  N N 50  
ASP OD1    O  N N 51  
ASP OD2    O  N N 52  
ASP OXT    O  N N 53  
ASP H      H  N N 54  
ASP H2     H  N N 55  
ASP HA     H  N N 56  
ASP HB2    H  N N 57  
ASP HB3    H  N N 58  
ASP HD2    H  N N 59  
ASP HXT    H  N N 60  
CYS N      N  N N 61  
CYS CA     C  N R 62  
CYS C      C  N N 63  
CYS O      O  N N 64  
CYS CB     C  N N 65  
CYS SG     S  N N 66  
CYS OXT    O  N N 67  
CYS H      H  N N 68  
CYS H2     H  N N 69  
CYS HA     H  N N 70  
CYS HB2    H  N N 71  
CYS HB3    H  N N 72  
CYS HG     H  N N 73  
CYS HXT    H  N N 74  
DA  OP3    O  N N 75  
DA  P      P  N N 76  
DA  OP1    O  N N 77  
DA  OP2    O  N N 78  
DA  "O5'"  O  N N 79  
DA  "C5'"  C  N N 80  
DA  "C4'"  C  N R 81  
DA  "O4'"  O  N N 82  
DA  "C3'"  C  N S 83  
DA  "O3'"  O  N N 84  
DA  "C2'"  C  N N 85  
DA  "C1'"  C  N R 86  
DA  N9     N  Y N 87  
DA  C8     C  Y N 88  
DA  N7     N  Y N 89  
DA  C5     C  Y N 90  
DA  C6     C  Y N 91  
DA  N6     N  N N 92  
DA  N1     N  Y N 93  
DA  C2     C  Y N 94  
DA  N3     N  Y N 95  
DA  C4     C  Y N 96  
DA  HOP3   H  N N 97  
DA  HOP2   H  N N 98  
DA  "H5'"  H  N N 99  
DA  "H5''" H  N N 100 
DA  "H4'"  H  N N 101 
DA  "H3'"  H  N N 102 
DA  "HO3'" H  N N 103 
DA  "H2'"  H  N N 104 
DA  "H2''" H  N N 105 
DA  "H1'"  H  N N 106 
DA  H8     H  N N 107 
DA  H61    H  N N 108 
DA  H62    H  N N 109 
DA  H2     H  N N 110 
DC  OP3    O  N N 111 
DC  P      P  N N 112 
DC  OP1    O  N N 113 
DC  OP2    O  N N 114 
DC  "O5'"  O  N N 115 
DC  "C5'"  C  N N 116 
DC  "C4'"  C  N R 117 
DC  "O4'"  O  N N 118 
DC  "C3'"  C  N S 119 
DC  "O3'"  O  N N 120 
DC  "C2'"  C  N N 121 
DC  "C1'"  C  N R 122 
DC  N1     N  N N 123 
DC  C2     C  N N 124 
DC  O2     O  N N 125 
DC  N3     N  N N 126 
DC  C4     C  N N 127 
DC  N4     N  N N 128 
DC  C5     C  N N 129 
DC  C6     C  N N 130 
DC  HOP3   H  N N 131 
DC  HOP2   H  N N 132 
DC  "H5'"  H  N N 133 
DC  "H5''" H  N N 134 
DC  "H4'"  H  N N 135 
DC  "H3'"  H  N N 136 
DC  "HO3'" H  N N 137 
DC  "H2'"  H  N N 138 
DC  "H2''" H  N N 139 
DC  "H1'"  H  N N 140 
DC  H41    H  N N 141 
DC  H42    H  N N 142 
DC  H5     H  N N 143 
DC  H6     H  N N 144 
DG  OP3    O  N N 145 
DG  P      P  N N 146 
DG  OP1    O  N N 147 
DG  OP2    O  N N 148 
DG  "O5'"  O  N N 149 
DG  "C5'"  C  N N 150 
DG  "C4'"  C  N R 151 
DG  "O4'"  O  N N 152 
DG  "C3'"  C  N S 153 
DG  "O3'"  O  N N 154 
DG  "C2'"  C  N N 155 
DG  "C1'"  C  N R 156 
DG  N9     N  Y N 157 
DG  C8     C  Y N 158 
DG  N7     N  Y N 159 
DG  C5     C  Y N 160 
DG  C6     C  N N 161 
DG  O6     O  N N 162 
DG  N1     N  N N 163 
DG  C2     C  N N 164 
DG  N2     N  N N 165 
DG  N3     N  N N 166 
DG  C4     C  Y N 167 
DG  HOP3   H  N N 168 
DG  HOP2   H  N N 169 
DG  "H5'"  H  N N 170 
DG  "H5''" H  N N 171 
DG  "H4'"  H  N N 172 
DG  "H3'"  H  N N 173 
DG  "HO3'" H  N N 174 
DG  "H2'"  H  N N 175 
DG  "H2''" H  N N 176 
DG  "H1'"  H  N N 177 
DG  H8     H  N N 178 
DG  H1     H  N N 179 
DG  H21    H  N N 180 
DG  H22    H  N N 181 
DT  OP3    O  N N 182 
DT  P      P  N N 183 
DT  OP1    O  N N 184 
DT  OP2    O  N N 185 
DT  "O5'"  O  N N 186 
DT  "C5'"  C  N N 187 
DT  "C4'"  C  N R 188 
DT  "O4'"  O  N N 189 
DT  "C3'"  C  N S 190 
DT  "O3'"  O  N N 191 
DT  "C2'"  C  N N 192 
DT  "C1'"  C  N R 193 
DT  N1     N  N N 194 
DT  C2     C  N N 195 
DT  O2     O  N N 196 
DT  N3     N  N N 197 
DT  C4     C  N N 198 
DT  O4     O  N N 199 
DT  C5     C  N N 200 
DT  C7     C  N N 201 
DT  C6     C  N N 202 
DT  HOP3   H  N N 203 
DT  HOP2   H  N N 204 
DT  "H5'"  H  N N 205 
DT  "H5''" H  N N 206 
DT  "H4'"  H  N N 207 
DT  "H3'"  H  N N 208 
DT  "HO3'" H  N N 209 
DT  "H2'"  H  N N 210 
DT  "H2''" H  N N 211 
DT  "H1'"  H  N N 212 
DT  H3     H  N N 213 
DT  H71    H  N N 214 
DT  H72    H  N N 215 
DT  H73    H  N N 216 
DT  H6     H  N N 217 
GLN N      N  N N 218 
GLN CA     C  N S 219 
GLN C      C  N N 220 
GLN O      O  N N 221 
GLN CB     C  N N 222 
GLN CG     C  N N 223 
GLN CD     C  N N 224 
GLN OE1    O  N N 225 
GLN NE2    N  N N 226 
GLN OXT    O  N N 227 
GLN H      H  N N 228 
GLN H2     H  N N 229 
GLN HA     H  N N 230 
GLN HB2    H  N N 231 
GLN HB3    H  N N 232 
GLN HG2    H  N N 233 
GLN HG3    H  N N 234 
GLN HE21   H  N N 235 
GLN HE22   H  N N 236 
GLN HXT    H  N N 237 
GLU N      N  N N 238 
GLU CA     C  N S 239 
GLU C      C  N N 240 
GLU O      O  N N 241 
GLU CB     C  N N 242 
GLU CG     C  N N 243 
GLU CD     C  N N 244 
GLU OE1    O  N N 245 
GLU OE2    O  N N 246 
GLU OXT    O  N N 247 
GLU H      H  N N 248 
GLU H2     H  N N 249 
GLU HA     H  N N 250 
GLU HB2    H  N N 251 
GLU HB3    H  N N 252 
GLU HG2    H  N N 253 
GLU HG3    H  N N 254 
GLU HE2    H  N N 255 
GLU HXT    H  N N 256 
GLY N      N  N N 257 
GLY CA     C  N N 258 
GLY C      C  N N 259 
GLY O      O  N N 260 
GLY OXT    O  N N 261 
GLY H      H  N N 262 
GLY H2     H  N N 263 
GLY HA2    H  N N 264 
GLY HA3    H  N N 265 
GLY HXT    H  N N 266 
HIS N      N  N N 267 
HIS CA     C  N S 268 
HIS C      C  N N 269 
HIS O      O  N N 270 
HIS CB     C  N N 271 
HIS CG     C  Y N 272 
HIS ND1    N  Y N 273 
HIS CD2    C  Y N 274 
HIS CE1    C  Y N 275 
HIS NE2    N  Y N 276 
HIS OXT    O  N N 277 
HIS H      H  N N 278 
HIS H2     H  N N 279 
HIS HA     H  N N 280 
HIS HB2    H  N N 281 
HIS HB3    H  N N 282 
HIS HD1    H  N N 283 
HIS HD2    H  N N 284 
HIS HE1    H  N N 285 
HIS HE2    H  N N 286 
HIS HXT    H  N N 287 
ILE N      N  N N 288 
ILE CA     C  N S 289 
ILE C      C  N N 290 
ILE O      O  N N 291 
ILE CB     C  N S 292 
ILE CG1    C  N N 293 
ILE CG2    C  N N 294 
ILE CD1    C  N N 295 
ILE OXT    O  N N 296 
ILE H      H  N N 297 
ILE H2     H  N N 298 
ILE HA     H  N N 299 
ILE HB     H  N N 300 
ILE HG12   H  N N 301 
ILE HG13   H  N N 302 
ILE HG21   H  N N 303 
ILE HG22   H  N N 304 
ILE HG23   H  N N 305 
ILE HD11   H  N N 306 
ILE HD12   H  N N 307 
ILE HD13   H  N N 308 
ILE HXT    H  N N 309 
LEU N      N  N N 310 
LEU CA     C  N S 311 
LEU C      C  N N 312 
LEU O      O  N N 313 
LEU CB     C  N N 314 
LEU CG     C  N N 315 
LEU CD1    C  N N 316 
LEU CD2    C  N N 317 
LEU OXT    O  N N 318 
LEU H      H  N N 319 
LEU H2     H  N N 320 
LEU HA     H  N N 321 
LEU HB2    H  N N 322 
LEU HB3    H  N N 323 
LEU HG     H  N N 324 
LEU HD11   H  N N 325 
LEU HD12   H  N N 326 
LEU HD13   H  N N 327 
LEU HD21   H  N N 328 
LEU HD22   H  N N 329 
LEU HD23   H  N N 330 
LEU HXT    H  N N 331 
LYS N      N  N N 332 
LYS CA     C  N S 333 
LYS C      C  N N 334 
LYS O      O  N N 335 
LYS CB     C  N N 336 
LYS CG     C  N N 337 
LYS CD     C  N N 338 
LYS CE     C  N N 339 
LYS NZ     N  N N 340 
LYS OXT    O  N N 341 
LYS H      H  N N 342 
LYS H2     H  N N 343 
LYS HA     H  N N 344 
LYS HB2    H  N N 345 
LYS HB3    H  N N 346 
LYS HG2    H  N N 347 
LYS HG3    H  N N 348 
LYS HD2    H  N N 349 
LYS HD3    H  N N 350 
LYS HE2    H  N N 351 
LYS HE3    H  N N 352 
LYS HZ1    H  N N 353 
LYS HZ2    H  N N 354 
LYS HZ3    H  N N 355 
LYS HXT    H  N N 356 
MET N      N  N N 357 
MET CA     C  N S 358 
MET C      C  N N 359 
MET O      O  N N 360 
MET CB     C  N N 361 
MET CG     C  N N 362 
MET SD     S  N N 363 
MET CE     C  N N 364 
MET OXT    O  N N 365 
MET H      H  N N 366 
MET H2     H  N N 367 
MET HA     H  N N 368 
MET HB2    H  N N 369 
MET HB3    H  N N 370 
MET HG2    H  N N 371 
MET HG3    H  N N 372 
MET HE1    H  N N 373 
MET HE2    H  N N 374 
MET HE3    H  N N 375 
MET HXT    H  N N 376 
PHE N      N  N N 377 
PHE CA     C  N S 378 
PHE C      C  N N 379 
PHE O      O  N N 380 
PHE CB     C  N N 381 
PHE CG     C  Y N 382 
PHE CD1    C  Y N 383 
PHE CD2    C  Y N 384 
PHE CE1    C  Y N 385 
PHE CE2    C  Y N 386 
PHE CZ     C  Y N 387 
PHE OXT    O  N N 388 
PHE H      H  N N 389 
PHE H2     H  N N 390 
PHE HA     H  N N 391 
PHE HB2    H  N N 392 
PHE HB3    H  N N 393 
PHE HD1    H  N N 394 
PHE HD2    H  N N 395 
PHE HE1    H  N N 396 
PHE HE2    H  N N 397 
PHE HZ     H  N N 398 
PHE HXT    H  N N 399 
PRO N      N  N N 400 
PRO CA     C  N S 401 
PRO C      C  N N 402 
PRO O      O  N N 403 
PRO CB     C  N N 404 
PRO CG     C  N N 405 
PRO CD     C  N N 406 
PRO OXT    O  N N 407 
PRO H      H  N N 408 
PRO HA     H  N N 409 
PRO HB2    H  N N 410 
PRO HB3    H  N N 411 
PRO HG2    H  N N 412 
PRO HG3    H  N N 413 
PRO HD2    H  N N 414 
PRO HD3    H  N N 415 
PRO HXT    H  N N 416 
SER N      N  N N 417 
SER CA     C  N S 418 
SER C      C  N N 419 
SER O      O  N N 420 
SER CB     C  N N 421 
SER OG     O  N N 422 
SER OXT    O  N N 423 
SER H      H  N N 424 
SER H2     H  N N 425 
SER HA     H  N N 426 
SER HB2    H  N N 427 
SER HB3    H  N N 428 
SER HG     H  N N 429 
SER HXT    H  N N 430 
THR N      N  N N 431 
THR CA     C  N S 432 
THR C      C  N N 433 
THR O      O  N N 434 
THR CB     C  N R 435 
THR OG1    O  N N 436 
THR CG2    C  N N 437 
THR OXT    O  N N 438 
THR H      H  N N 439 
THR H2     H  N N 440 
THR HA     H  N N 441 
THR HB     H  N N 442 
THR HG1    H  N N 443 
THR HG21   H  N N 444 
THR HG22   H  N N 445 
THR HG23   H  N N 446 
THR HXT    H  N N 447 
TRP N      N  N N 448 
TRP CA     C  N S 449 
TRP C      C  N N 450 
TRP O      O  N N 451 
TRP CB     C  N N 452 
TRP CG     C  Y N 453 
TRP CD1    C  Y N 454 
TRP CD2    C  Y N 455 
TRP NE1    N  Y N 456 
TRP CE2    C  Y N 457 
TRP CE3    C  Y N 458 
TRP CZ2    C  Y N 459 
TRP CZ3    C  Y N 460 
TRP CH2    C  Y N 461 
TRP OXT    O  N N 462 
TRP H      H  N N 463 
TRP H2     H  N N 464 
TRP HA     H  N N 465 
TRP HB2    H  N N 466 
TRP HB3    H  N N 467 
TRP HD1    H  N N 468 
TRP HE1    H  N N 469 
TRP HE3    H  N N 470 
TRP HZ2    H  N N 471 
TRP HZ3    H  N N 472 
TRP HH2    H  N N 473 
TRP HXT    H  N N 474 
TYR N      N  N N 475 
TYR CA     C  N S 476 
TYR C      C  N N 477 
TYR O      O  N N 478 
TYR CB     C  N N 479 
TYR CG     C  Y N 480 
TYR CD1    C  Y N 481 
TYR CD2    C  Y N 482 
TYR CE1    C  Y N 483 
TYR CE2    C  Y N 484 
TYR CZ     C  Y N 485 
TYR OH     O  N N 486 
TYR OXT    O  N N 487 
TYR H      H  N N 488 
TYR H2     H  N N 489 
TYR HA     H  N N 490 
TYR HB2    H  N N 491 
TYR HB3    H  N N 492 
TYR HD1    H  N N 493 
TYR HD2    H  N N 494 
TYR HE1    H  N N 495 
TYR HE2    H  N N 496 
TYR HH     H  N N 497 
TYR HXT    H  N N 498 
VAL N      N  N N 499 
VAL CA     C  N S 500 
VAL C      C  N N 501 
VAL O      O  N N 502 
VAL CB     C  N N 503 
VAL CG1    C  N N 504 
VAL CG2    C  N N 505 
VAL OXT    O  N N 506 
VAL H      H  N N 507 
VAL H2     H  N N 508 
VAL HA     H  N N 509 
VAL HB     H  N N 510 
VAL HG11   H  N N 511 
VAL HG12   H  N N 512 
VAL HG13   H  N N 513 
VAL HG21   H  N N 514 
VAL HG22   H  N N 515 
VAL HG23   H  N N 516 
VAL HXT    H  N N 517 
ZN  ZN     ZN N N 518 
# 
loop_
_chem_comp_bond.comp_id 
_chem_comp_bond.atom_id_1 
_chem_comp_bond.atom_id_2 
_chem_comp_bond.value_order 
_chem_comp_bond.pdbx_aromatic_flag 
_chem_comp_bond.pdbx_stereo_config 
_chem_comp_bond.pdbx_ordinal 
ARG N     CA     sing N N 1   
ARG N     H      sing N N 2   
ARG N     H2     sing N N 3   
ARG CA    C      sing N N 4   
ARG CA    CB     sing N N 5   
ARG CA    HA     sing N N 6   
ARG C     O      doub N N 7   
ARG C     OXT    sing N N 8   
ARG CB    CG     sing N N 9   
ARG CB    HB2    sing N N 10  
ARG CB    HB3    sing N N 11  
ARG CG    CD     sing N N 12  
ARG CG    HG2    sing N N 13  
ARG CG    HG3    sing N N 14  
ARG CD    NE     sing N N 15  
ARG CD    HD2    sing N N 16  
ARG CD    HD3    sing N N 17  
ARG NE    CZ     sing N N 18  
ARG NE    HE     sing N N 19  
ARG CZ    NH1    sing N N 20  
ARG CZ    NH2    doub N N 21  
ARG NH1   HH11   sing N N 22  
ARG NH1   HH12   sing N N 23  
ARG NH2   HH21   sing N N 24  
ARG NH2   HH22   sing N N 25  
ARG OXT   HXT    sing N N 26  
ASN N     CA     sing N N 27  
ASN N     H      sing N N 28  
ASN N     H2     sing N N 29  
ASN CA    C      sing N N 30  
ASN CA    CB     sing N N 31  
ASN CA    HA     sing N N 32  
ASN C     O      doub N N 33  
ASN C     OXT    sing N N 34  
ASN CB    CG     sing N N 35  
ASN CB    HB2    sing N N 36  
ASN CB    HB3    sing N N 37  
ASN CG    OD1    doub N N 38  
ASN CG    ND2    sing N N 39  
ASN ND2   HD21   sing N N 40  
ASN ND2   HD22   sing N N 41  
ASN OXT   HXT    sing N N 42  
ASP N     CA     sing N N 43  
ASP N     H      sing N N 44  
ASP N     H2     sing N N 45  
ASP CA    C      sing N N 46  
ASP CA    CB     sing N N 47  
ASP CA    HA     sing N N 48  
ASP C     O      doub N N 49  
ASP C     OXT    sing N N 50  
ASP CB    CG     sing N N 51  
ASP CB    HB2    sing N N 52  
ASP CB    HB3    sing N N 53  
ASP CG    OD1    doub N N 54  
ASP CG    OD2    sing N N 55  
ASP OD2   HD2    sing N N 56  
ASP OXT   HXT    sing N N 57  
CYS N     CA     sing N N 58  
CYS N     H      sing N N 59  
CYS N     H2     sing N N 60  
CYS CA    C      sing N N 61  
CYS CA    CB     sing N N 62  
CYS CA    HA     sing N N 63  
CYS C     O      doub N N 64  
CYS C     OXT    sing N N 65  
CYS CB    SG     sing N N 66  
CYS CB    HB2    sing N N 67  
CYS CB    HB3    sing N N 68  
CYS SG    HG     sing N N 69  
CYS OXT   HXT    sing N N 70  
DA  OP3   P      sing N N 71  
DA  OP3   HOP3   sing N N 72  
DA  P     OP1    doub N N 73  
DA  P     OP2    sing N N 74  
DA  P     "O5'"  sing N N 75  
DA  OP2   HOP2   sing N N 76  
DA  "O5'" "C5'"  sing N N 77  
DA  "C5'" "C4'"  sing N N 78  
DA  "C5'" "H5'"  sing N N 79  
DA  "C5'" "H5''" sing N N 80  
DA  "C4'" "O4'"  sing N N 81  
DA  "C4'" "C3'"  sing N N 82  
DA  "C4'" "H4'"  sing N N 83  
DA  "O4'" "C1'"  sing N N 84  
DA  "C3'" "O3'"  sing N N 85  
DA  "C3'" "C2'"  sing N N 86  
DA  "C3'" "H3'"  sing N N 87  
DA  "O3'" "HO3'" sing N N 88  
DA  "C2'" "C1'"  sing N N 89  
DA  "C2'" "H2'"  sing N N 90  
DA  "C2'" "H2''" sing N N 91  
DA  "C1'" N9     sing N N 92  
DA  "C1'" "H1'"  sing N N 93  
DA  N9    C8     sing Y N 94  
DA  N9    C4     sing Y N 95  
DA  C8    N7     doub Y N 96  
DA  C8    H8     sing N N 97  
DA  N7    C5     sing Y N 98  
DA  C5    C6     sing Y N 99  
DA  C5    C4     doub Y N 100 
DA  C6    N6     sing N N 101 
DA  C6    N1     doub Y N 102 
DA  N6    H61    sing N N 103 
DA  N6    H62    sing N N 104 
DA  N1    C2     sing Y N 105 
DA  C2    N3     doub Y N 106 
DA  C2    H2     sing N N 107 
DA  N3    C4     sing Y N 108 
DC  OP3   P      sing N N 109 
DC  OP3   HOP3   sing N N 110 
DC  P     OP1    doub N N 111 
DC  P     OP2    sing N N 112 
DC  P     "O5'"  sing N N 113 
DC  OP2   HOP2   sing N N 114 
DC  "O5'" "C5'"  sing N N 115 
DC  "C5'" "C4'"  sing N N 116 
DC  "C5'" "H5'"  sing N N 117 
DC  "C5'" "H5''" sing N N 118 
DC  "C4'" "O4'"  sing N N 119 
DC  "C4'" "C3'"  sing N N 120 
DC  "C4'" "H4'"  sing N N 121 
DC  "O4'" "C1'"  sing N N 122 
DC  "C3'" "O3'"  sing N N 123 
DC  "C3'" "C2'"  sing N N 124 
DC  "C3'" "H3'"  sing N N 125 
DC  "O3'" "HO3'" sing N N 126 
DC  "C2'" "C1'"  sing N N 127 
DC  "C2'" "H2'"  sing N N 128 
DC  "C2'" "H2''" sing N N 129 
DC  "C1'" N1     sing N N 130 
DC  "C1'" "H1'"  sing N N 131 
DC  N1    C2     sing N N 132 
DC  N1    C6     sing N N 133 
DC  C2    O2     doub N N 134 
DC  C2    N3     sing N N 135 
DC  N3    C4     doub N N 136 
DC  C4    N4     sing N N 137 
DC  C4    C5     sing N N 138 
DC  N4    H41    sing N N 139 
DC  N4    H42    sing N N 140 
DC  C5    C6     doub N N 141 
DC  C5    H5     sing N N 142 
DC  C6    H6     sing N N 143 
DG  OP3   P      sing N N 144 
DG  OP3   HOP3   sing N N 145 
DG  P     OP1    doub N N 146 
DG  P     OP2    sing N N 147 
DG  P     "O5'"  sing N N 148 
DG  OP2   HOP2   sing N N 149 
DG  "O5'" "C5'"  sing N N 150 
DG  "C5'" "C4'"  sing N N 151 
DG  "C5'" "H5'"  sing N N 152 
DG  "C5'" "H5''" sing N N 153 
DG  "C4'" "O4'"  sing N N 154 
DG  "C4'" "C3'"  sing N N 155 
DG  "C4'" "H4'"  sing N N 156 
DG  "O4'" "C1'"  sing N N 157 
DG  "C3'" "O3'"  sing N N 158 
DG  "C3'" "C2'"  sing N N 159 
DG  "C3'" "H3'"  sing N N 160 
DG  "O3'" "HO3'" sing N N 161 
DG  "C2'" "C1'"  sing N N 162 
DG  "C2'" "H2'"  sing N N 163 
DG  "C2'" "H2''" sing N N 164 
DG  "C1'" N9     sing N N 165 
DG  "C1'" "H1'"  sing N N 166 
DG  N9    C8     sing Y N 167 
DG  N9    C4     sing Y N 168 
DG  C8    N7     doub Y N 169 
DG  C8    H8     sing N N 170 
DG  N7    C5     sing Y N 171 
DG  C5    C6     sing N N 172 
DG  C5    C4     doub Y N 173 
DG  C6    O6     doub N N 174 
DG  C6    N1     sing N N 175 
DG  N1    C2     sing N N 176 
DG  N1    H1     sing N N 177 
DG  C2    N2     sing N N 178 
DG  C2    N3     doub N N 179 
DG  N2    H21    sing N N 180 
DG  N2    H22    sing N N 181 
DG  N3    C4     sing N N 182 
DT  OP3   P      sing N N 183 
DT  OP3   HOP3   sing N N 184 
DT  P     OP1    doub N N 185 
DT  P     OP2    sing N N 186 
DT  P     "O5'"  sing N N 187 
DT  OP2   HOP2   sing N N 188 
DT  "O5'" "C5'"  sing N N 189 
DT  "C5'" "C4'"  sing N N 190 
DT  "C5'" "H5'"  sing N N 191 
DT  "C5'" "H5''" sing N N 192 
DT  "C4'" "O4'"  sing N N 193 
DT  "C4'" "C3'"  sing N N 194 
DT  "C4'" "H4'"  sing N N 195 
DT  "O4'" "C1'"  sing N N 196 
DT  "C3'" "O3'"  sing N N 197 
DT  "C3'" "C2'"  sing N N 198 
DT  "C3'" "H3'"  sing N N 199 
DT  "O3'" "HO3'" sing N N 200 
DT  "C2'" "C1'"  sing N N 201 
DT  "C2'" "H2'"  sing N N 202 
DT  "C2'" "H2''" sing N N 203 
DT  "C1'" N1     sing N N 204 
DT  "C1'" "H1'"  sing N N 205 
DT  N1    C2     sing N N 206 
DT  N1    C6     sing N N 207 
DT  C2    O2     doub N N 208 
DT  C2    N3     sing N N 209 
DT  N3    C4     sing N N 210 
DT  N3    H3     sing N N 211 
DT  C4    O4     doub N N 212 
DT  C4    C5     sing N N 213 
DT  C5    C7     sing N N 214 
DT  C5    C6     doub N N 215 
DT  C7    H71    sing N N 216 
DT  C7    H72    sing N N 217 
DT  C7    H73    sing N N 218 
DT  C6    H6     sing N N 219 
GLN N     CA     sing N N 220 
GLN N     H      sing N N 221 
GLN N     H2     sing N N 222 
GLN CA    C      sing N N 223 
GLN CA    CB     sing N N 224 
GLN CA    HA     sing N N 225 
GLN C     O      doub N N 226 
GLN C     OXT    sing N N 227 
GLN CB    CG     sing N N 228 
GLN CB    HB2    sing N N 229 
GLN CB    HB3    sing N N 230 
GLN CG    CD     sing N N 231 
GLN CG    HG2    sing N N 232 
GLN CG    HG3    sing N N 233 
GLN CD    OE1    doub N N 234 
GLN CD    NE2    sing N N 235 
GLN NE2   HE21   sing N N 236 
GLN NE2   HE22   sing N N 237 
GLN OXT   HXT    sing N N 238 
GLU N     CA     sing N N 239 
GLU N     H      sing N N 240 
GLU N     H2     sing N N 241 
GLU CA    C      sing N N 242 
GLU CA    CB     sing N N 243 
GLU CA    HA     sing N N 244 
GLU C     O      doub N N 245 
GLU C     OXT    sing N N 246 
GLU CB    CG     sing N N 247 
GLU CB    HB2    sing N N 248 
GLU CB    HB3    sing N N 249 
GLU CG    CD     sing N N 250 
GLU CG    HG2    sing N N 251 
GLU CG    HG3    sing N N 252 
GLU CD    OE1    doub N N 253 
GLU CD    OE2    sing N N 254 
GLU OE2   HE2    sing N N 255 
GLU OXT   HXT    sing N N 256 
GLY N     CA     sing N N 257 
GLY N     H      sing N N 258 
GLY N     H2     sing N N 259 
GLY CA    C      sing N N 260 
GLY CA    HA2    sing N N 261 
GLY CA    HA3    sing N N 262 
GLY C     O      doub N N 263 
GLY C     OXT    sing N N 264 
GLY OXT   HXT    sing N N 265 
HIS N     CA     sing N N 266 
HIS N     H      sing N N 267 
HIS N     H2     sing N N 268 
HIS CA    C      sing N N 269 
HIS CA    CB     sing N N 270 
HIS CA    HA     sing N N 271 
HIS C     O      doub N N 272 
HIS C     OXT    sing N N 273 
HIS CB    CG     sing N N 274 
HIS CB    HB2    sing N N 275 
HIS CB    HB3    sing N N 276 
HIS CG    ND1    sing Y N 277 
HIS CG    CD2    doub Y N 278 
HIS ND1   CE1    doub Y N 279 
HIS ND1   HD1    sing N N 280 
HIS CD2   NE2    sing Y N 281 
HIS CD2   HD2    sing N N 282 
HIS CE1   NE2    sing Y N 283 
HIS CE1   HE1    sing N N 284 
HIS NE2   HE2    sing N N 285 
HIS OXT   HXT    sing N N 286 
ILE N     CA     sing N N 287 
ILE N     H      sing N N 288 
ILE N     H2     sing N N 289 
ILE CA    C      sing N N 290 
ILE CA    CB     sing N N 291 
ILE CA    HA     sing N N 292 
ILE C     O      doub N N 293 
ILE C     OXT    sing N N 294 
ILE CB    CG1    sing N N 295 
ILE CB    CG2    sing N N 296 
ILE CB    HB     sing N N 297 
ILE CG1   CD1    sing N N 298 
ILE CG1   HG12   sing N N 299 
ILE CG1   HG13   sing N N 300 
ILE CG2   HG21   sing N N 301 
ILE CG2   HG22   sing N N 302 
ILE CG2   HG23   sing N N 303 
ILE CD1   HD11   sing N N 304 
ILE CD1   HD12   sing N N 305 
ILE CD1   HD13   sing N N 306 
ILE OXT   HXT    sing N N 307 
LEU N     CA     sing N N 308 
LEU N     H      sing N N 309 
LEU N     H2     sing N N 310 
LEU CA    C      sing N N 311 
LEU CA    CB     sing N N 312 
LEU CA    HA     sing N N 313 
LEU C     O      doub N N 314 
LEU C     OXT    sing N N 315 
LEU CB    CG     sing N N 316 
LEU CB    HB2    sing N N 317 
LEU CB    HB3    sing N N 318 
LEU CG    CD1    sing N N 319 
LEU CG    CD2    sing N N 320 
LEU CG    HG     sing N N 321 
LEU CD1   HD11   sing N N 322 
LEU CD1   HD12   sing N N 323 
LEU CD1   HD13   sing N N 324 
LEU CD2   HD21   sing N N 325 
LEU CD2   HD22   sing N N 326 
LEU CD2   HD23   sing N N 327 
LEU OXT   HXT    sing N N 328 
LYS N     CA     sing N N 329 
LYS N     H      sing N N 330 
LYS N     H2     sing N N 331 
LYS CA    C      sing N N 332 
LYS CA    CB     sing N N 333 
LYS CA    HA     sing N N 334 
LYS C     O      doub N N 335 
LYS C     OXT    sing N N 336 
LYS CB    CG     sing N N 337 
LYS CB    HB2    sing N N 338 
LYS CB    HB3    sing N N 339 
LYS CG    CD     sing N N 340 
LYS CG    HG2    sing N N 341 
LYS CG    HG3    sing N N 342 
LYS CD    CE     sing N N 343 
LYS CD    HD2    sing N N 344 
LYS CD    HD3    sing N N 345 
LYS CE    NZ     sing N N 346 
LYS CE    HE2    sing N N 347 
LYS CE    HE3    sing N N 348 
LYS NZ    HZ1    sing N N 349 
LYS NZ    HZ2    sing N N 350 
LYS NZ    HZ3    sing N N 351 
LYS OXT   HXT    sing N N 352 
MET N     CA     sing N N 353 
MET N     H      sing N N 354 
MET N     H2     sing N N 355 
MET CA    C      sing N N 356 
MET CA    CB     sing N N 357 
MET CA    HA     sing N N 358 
MET C     O      doub N N 359 
MET C     OXT    sing N N 360 
MET CB    CG     sing N N 361 
MET CB    HB2    sing N N 362 
MET CB    HB3    sing N N 363 
MET CG    SD     sing N N 364 
MET CG    HG2    sing N N 365 
MET CG    HG3    sing N N 366 
MET SD    CE     sing N N 367 
MET CE    HE1    sing N N 368 
MET CE    HE2    sing N N 369 
MET CE    HE3    sing N N 370 
MET OXT   HXT    sing N N 371 
PHE N     CA     sing N N 372 
PHE N     H      sing N N 373 
PHE N     H2     sing N N 374 
PHE CA    C      sing N N 375 
PHE CA    CB     sing N N 376 
PHE CA    HA     sing N N 377 
PHE C     O      doub N N 378 
PHE C     OXT    sing N N 379 
PHE CB    CG     sing N N 380 
PHE CB    HB2    sing N N 381 
PHE CB    HB3    sing N N 382 
PHE CG    CD1    doub Y N 383 
PHE CG    CD2    sing Y N 384 
PHE CD1   CE1    sing Y N 385 
PHE CD1   HD1    sing N N 386 
PHE CD2   CE2    doub Y N 387 
PHE CD2   HD2    sing N N 388 
PHE CE1   CZ     doub Y N 389 
PHE CE1   HE1    sing N N 390 
PHE CE2   CZ     sing Y N 391 
PHE CE2   HE2    sing N N 392 
PHE CZ    HZ     sing N N 393 
PHE OXT   HXT    sing N N 394 
PRO N     CA     sing N N 395 
PRO N     CD     sing N N 396 
PRO N     H      sing N N 397 
PRO CA    C      sing N N 398 
PRO CA    CB     sing N N 399 
PRO CA    HA     sing N N 400 
PRO C     O      doub N N 401 
PRO C     OXT    sing N N 402 
PRO CB    CG     sing N N 403 
PRO CB    HB2    sing N N 404 
PRO CB    HB3    sing N N 405 
PRO CG    CD     sing N N 406 
PRO CG    HG2    sing N N 407 
PRO CG    HG3    sing N N 408 
PRO CD    HD2    sing N N 409 
PRO CD    HD3    sing N N 410 
PRO OXT   HXT    sing N N 411 
SER N     CA     sing N N 412 
SER N     H      sing N N 413 
SER N     H2     sing N N 414 
SER CA    C      sing N N 415 
SER CA    CB     sing N N 416 
SER CA    HA     sing N N 417 
SER C     O      doub N N 418 
SER C     OXT    sing N N 419 
SER CB    OG     sing N N 420 
SER CB    HB2    sing N N 421 
SER CB    HB3    sing N N 422 
SER OG    HG     sing N N 423 
SER OXT   HXT    sing N N 424 
THR N     CA     sing N N 425 
THR N     H      sing N N 426 
THR N     H2     sing N N 427 
THR CA    C      sing N N 428 
THR CA    CB     sing N N 429 
THR CA    HA     sing N N 430 
THR C     O      doub N N 431 
THR C     OXT    sing N N 432 
THR CB    OG1    sing N N 433 
THR CB    CG2    sing N N 434 
THR CB    HB     sing N N 435 
THR OG1   HG1    sing N N 436 
THR CG2   HG21   sing N N 437 
THR CG2   HG22   sing N N 438 
THR CG2   HG23   sing N N 439 
THR OXT   HXT    sing N N 440 
TRP N     CA     sing N N 441 
TRP N     H      sing N N 442 
TRP N     H2     sing N N 443 
TRP CA    C      sing N N 444 
TRP CA    CB     sing N N 445 
TRP CA    HA     sing N N 446 
TRP C     O      doub N N 447 
TRP C     OXT    sing N N 448 
TRP CB    CG     sing N N 449 
TRP CB    HB2    sing N N 450 
TRP CB    HB3    sing N N 451 
TRP CG    CD1    doub Y N 452 
TRP CG    CD2    sing Y N 453 
TRP CD1   NE1    sing Y N 454 
TRP CD1   HD1    sing N N 455 
TRP CD2   CE2    doub Y N 456 
TRP CD2   CE3    sing Y N 457 
TRP NE1   CE2    sing Y N 458 
TRP NE1   HE1    sing N N 459 
TRP CE2   CZ2    sing Y N 460 
TRP CE3   CZ3    doub Y N 461 
TRP CE3   HE3    sing N N 462 
TRP CZ2   CH2    doub Y N 463 
TRP CZ2   HZ2    sing N N 464 
TRP CZ3   CH2    sing Y N 465 
TRP CZ3   HZ3    sing N N 466 
TRP CH2   HH2    sing N N 467 
TRP OXT   HXT    sing N N 468 
TYR N     CA     sing N N 469 
TYR N     H      sing N N 470 
TYR N     H2     sing N N 471 
TYR CA    C      sing N N 472 
TYR CA    CB     sing N N 473 
TYR CA    HA     sing N N 474 
TYR C     O      doub N N 475 
TYR C     OXT    sing N N 476 
TYR CB    CG     sing N N 477 
TYR CB    HB2    sing N N 478 
TYR CB    HB3    sing N N 479 
TYR CG    CD1    doub Y N 480 
TYR CG    CD2    sing Y N 481 
TYR CD1   CE1    sing Y N 482 
TYR CD1   HD1    sing N N 483 
TYR CD2   CE2    doub Y N 484 
TYR CD2   HD2    sing N N 485 
TYR CE1   CZ     doub Y N 486 
TYR CE1   HE1    sing N N 487 
TYR CE2   CZ     sing Y N 488 
TYR CE2   HE2    sing N N 489 
TYR CZ    OH     sing N N 490 
TYR OH    HH     sing N N 491 
TYR OXT   HXT    sing N N 492 
VAL N     CA     sing N N 493 
VAL N     H      sing N N 494 
VAL N     H2     sing N N 495 
VAL CA    C      sing N N 496 
VAL CA    CB     sing N N 497 
VAL CA    HA     sing N N 498 
VAL C     O      doub N N 499 
VAL C     OXT    sing N N 500 
VAL CB    CG1    sing N N 501 
VAL CB    CG2    sing N N 502 
VAL CB    HB     sing N N 503 
VAL CG1   HG11   sing N N 504 
VAL CG1   HG12   sing N N 505 
VAL CG1   HG13   sing N N 506 
VAL CG2   HG21   sing N N 507 
VAL CG2   HG22   sing N N 508 
VAL CG2   HG23   sing N N 509 
VAL OXT   HXT    sing N N 510 
# 
loop_
_ndb_struct_conf_na.entry_id 
_ndb_struct_conf_na.feature 
6J4G 'double helix'        
6J4G 'b-form double helix' 
# 
loop_
_ndb_struct_na_base_pair.model_number 
_ndb_struct_na_base_pair.i_label_asym_id 
_ndb_struct_na_base_pair.i_label_comp_id 
_ndb_struct_na_base_pair.i_label_seq_id 
_ndb_struct_na_base_pair.i_symmetry 
_ndb_struct_na_base_pair.j_label_asym_id 
_ndb_struct_na_base_pair.j_label_comp_id 
_ndb_struct_na_base_pair.j_label_seq_id 
_ndb_struct_na_base_pair.j_symmetry 
_ndb_struct_na_base_pair.shear 
_ndb_struct_na_base_pair.stretch 
_ndb_struct_na_base_pair.stagger 
_ndb_struct_na_base_pair.buckle 
_ndb_struct_na_base_pair.propeller 
_ndb_struct_na_base_pair.opening 
_ndb_struct_na_base_pair.pair_number 
_ndb_struct_na_base_pair.pair_name 
_ndb_struct_na_base_pair.i_auth_asym_id 
_ndb_struct_na_base_pair.i_auth_seq_id 
_ndb_struct_na_base_pair.i_PDB_ins_code 
_ndb_struct_na_base_pair.j_auth_asym_id 
_ndb_struct_na_base_pair.j_auth_seq_id 
_ndb_struct_na_base_pair.j_PDB_ins_code 
_ndb_struct_na_base_pair.hbond_type_28 
_ndb_struct_na_base_pair.hbond_type_12 
1 B DG 2  1_555 C DC 15 1_555 0.055  -0.327 0.549  8.252   -6.667  -1.585 1  C_DG2:DC15_D C 2  ? D 15 ? 19 1 
1 B DC 3  1_555 C DG 14 1_555 0.243  -0.262 0.323  6.882   -10.730 0.037  2  C_DC3:DG14_D C 3  ? D 14 ? 19 1 
1 B DC 4  1_555 C DG 13 1_555 -0.965 -0.092 0.667  -4.290  -13.592 4.916  3  C_DC4:DG13_D C 4  ? D 13 ? 19 1 
1 B DT 5  1_555 C DA 12 1_555 -0.186 -0.001 0.431  -6.867  -14.359 -5.071 4  C_DT5:DA12_D C 5  ? D 12 ? 20 1 
1 B DT 6  1_555 C DA 11 1_555 -0.456 -0.185 0.320  -13.255 -21.613 -0.224 5  C_DT6:DA11_D C 6  ? D 11 ? 20 1 
1 B DT 7  1_555 C DA 10 1_555 -0.171 -0.235 0.092  -14.871 -10.547 -0.589 6  C_DT7:DA10_D C 7  ? D 10 ? 20 1 
1 B DG 8  1_555 C DC 9  1_555 -0.440 -0.300 0.056  2.394   -5.294  -0.714 7  C_DG8:DC9_D  C 8  ? D 9  ? 19 1 
1 B DA 9  1_555 C DT 8  1_555 0.023  -0.172 0.197  9.153   -6.975  -2.298 8  C_DA9:DT8_D  C 9  ? D 8  ? 20 1 
1 B DC 10 1_555 C DG 7  1_555 0.384  -0.095 0.115  6.185   -12.867 0.331  9  C_DC10:DG7_D C 10 ? D 7  ? 19 1 
1 B DC 11 1_555 C DG 6  1_555 0.475  -0.010 0.549  -8.052  -12.397 6.915  10 C_DC11:DG6_D C 11 ? D 6  ? 19 1 
1 B DA 12 1_555 C DT 5  1_555 0.773  -0.543 -0.156 -0.683  -5.566  -4.706 11 C_DA12:DT5_D C 12 ? D 5  ? 20 1 
1 B DG 13 1_555 C DC 4  1_555 0.314  -0.313 0.221  6.474   -7.219  -5.934 12 C_DG13:DC4_D C 13 ? D 4  ? 19 1 
1 B DC 14 1_555 C DG 3  1_555 -0.720 -0.273 -0.059 -0.793  -10.429 -4.779 13 C_DC14:DG3_D C 14 ? D 3  ? 19 1 
1 B DG 15 1_555 C DC 2  1_555 0.095  -0.322 0.061  0.891   -12.924 -5.435 14 C_DG15:DC2_D C 15 ? D 2  ? 19 1 
# 
loop_
_ndb_struct_na_base_pair_step.model_number 
_ndb_struct_na_base_pair_step.i_label_asym_id_1 
_ndb_struct_na_base_pair_step.i_label_comp_id_1 
_ndb_struct_na_base_pair_step.i_label_seq_id_1 
_ndb_struct_na_base_pair_step.i_symmetry_1 
_ndb_struct_na_base_pair_step.j_label_asym_id_1 
_ndb_struct_na_base_pair_step.j_label_comp_id_1 
_ndb_struct_na_base_pair_step.j_label_seq_id_1 
_ndb_struct_na_base_pair_step.j_symmetry_1 
_ndb_struct_na_base_pair_step.i_label_asym_id_2 
_ndb_struct_na_base_pair_step.i_label_comp_id_2 
_ndb_struct_na_base_pair_step.i_label_seq_id_2 
_ndb_struct_na_base_pair_step.i_symmetry_2 
_ndb_struct_na_base_pair_step.j_label_asym_id_2 
_ndb_struct_na_base_pair_step.j_label_comp_id_2 
_ndb_struct_na_base_pair_step.j_label_seq_id_2 
_ndb_struct_na_base_pair_step.j_symmetry_2 
_ndb_struct_na_base_pair_step.shift 
_ndb_struct_na_base_pair_step.slide 
_ndb_struct_na_base_pair_step.rise 
_ndb_struct_na_base_pair_step.tilt 
_ndb_struct_na_base_pair_step.roll 
_ndb_struct_na_base_pair_step.twist 
_ndb_struct_na_base_pair_step.x_displacement 
_ndb_struct_na_base_pair_step.y_displacement 
_ndb_struct_na_base_pair_step.helical_rise 
_ndb_struct_na_base_pair_step.inclination 
_ndb_struct_na_base_pair_step.tip 
_ndb_struct_na_base_pair_step.helical_twist 
_ndb_struct_na_base_pair_step.step_number 
_ndb_struct_na_base_pair_step.step_name 
_ndb_struct_na_base_pair_step.i_auth_asym_id_1 
_ndb_struct_na_base_pair_step.i_auth_seq_id_1 
_ndb_struct_na_base_pair_step.i_PDB_ins_code_1 
_ndb_struct_na_base_pair_step.j_auth_asym_id_1 
_ndb_struct_na_base_pair_step.j_auth_seq_id_1 
_ndb_struct_na_base_pair_step.j_PDB_ins_code_1 
_ndb_struct_na_base_pair_step.i_auth_asym_id_2 
_ndb_struct_na_base_pair_step.i_auth_seq_id_2 
_ndb_struct_na_base_pair_step.i_PDB_ins_code_2 
_ndb_struct_na_base_pair_step.j_auth_asym_id_2 
_ndb_struct_na_base_pair_step.j_auth_seq_id_2 
_ndb_struct_na_base_pair_step.j_PDB_ins_code_2 
1 B DG 2  1_555 C DC 15 1_555 B DC 3  1_555 C DG 14 1_555 0.198  -0.775 3.239 3.431  2.871  32.455 -1.861 0.231  3.165 5.107  
-6.102 32.754 1  CC_DG2DC3:DG14DC15_DD C 2  ? D 15 ? C 3  ? D 14 ? 
1 B DC 3  1_555 C DG 14 1_555 B DC 4  1_555 C DG 13 1_555 0.557  -0.864 3.381 -2.235 4.774  30.514 -2.549 -1.479 3.165 8.985  
4.207  30.956 2  CC_DC3DC4:DG13DG14_DD C 3  ? D 14 ? C 4  ? D 13 ? 
1 B DC 4  1_555 C DG 13 1_555 B DT 5  1_555 C DA 12 1_555 -0.969 -0.413 3.413 2.236  3.413  39.198 -1.029 1.709  3.308 5.070  
-3.322 39.401 3  CC_DC4DT5:DA12DG13_DD C 4  ? D 13 ? C 5  ? D 12 ? 
1 B DT 5  1_555 C DA 12 1_555 B DT 6  1_555 C DA 11 1_555 -0.015 -0.292 3.274 0.948  2.046  35.893 -0.764 0.159  3.252 3.316  
-1.537 35.961 4  CC_DT5DT6:DA11DA12_DD C 5  ? D 12 ? C 6  ? D 11 ? 
1 B DT 6  1_555 C DA 11 1_555 B DT 7  1_555 C DA 10 1_555 0.681  0.520  3.360 1.942  5.940  37.907 0.017  -0.783 3.429 9.068  
-2.964 38.400 5  CC_DT6DT7:DA10DA11_DD C 6  ? D 11 ? C 7  ? D 10 ? 
1 B DT 7  1_555 C DA 10 1_555 B DG 8  1_555 C DC 9  1_555 -0.765 0.838  2.977 -3.608 6.163  26.111 0.296  0.760  3.163 13.328 
7.802  27.053 6  CC_DT7DG8:DC9DA10_DD  C 7  ? D 10 ? C 8  ? D 9  ? 
1 B DG 8  1_555 C DC 9  1_555 B DA 9  1_555 C DT 8  1_555 0.247  -0.073 3.110 -3.112 -4.476 39.346 0.387  -0.708 3.072 -6.609 
4.596  39.708 7  CC_DG8DA9:DT8DC9_DD   C 8  ? D 9  ? C 9  ? D 8  ? 
1 B DA 9  1_555 C DT 8  1_555 B DC 10 1_555 C DG 7  1_555 -0.187 -0.757 3.450 -1.328 -0.753 37.219 -1.079 0.107  3.469 -1.179 
2.080  37.250 8  CC_DA9DC10:DG7DT8_DD  C 9  ? D 8  ? C 10 ? D 7  ? 
1 B DC 10 1_555 C DG 7  1_555 B DC 11 1_555 C DG 6  1_555 -0.120 -0.524 3.572 -2.887 3.980  39.271 -1.281 -0.191 3.504 5.893  
4.276  39.566 9  CC_DC10DC11:DG6DG7_DD C 10 ? D 7  ? C 11 ? D 6  ? 
1 B DC 11 1_555 C DG 6  1_555 B DA 12 1_555 C DT 5  1_555 -0.719 0.490  3.188 1.671  4.938  36.165 0.114  1.373  3.190 7.903  
-2.674 36.526 10 CC_DC11DA12:DT5DG6_DD C 11 ? D 6  ? C 12 ? D 5  ? 
1 B DA 12 1_555 C DT 5  1_555 B DG 13 1_555 C DC 4  1_555 -0.209 0.070  3.097 -4.210 2.656  30.542 -0.358 -0.384 3.092 5.000  
7.926  30.935 11 CC_DA12DG13:DC4DT5_DD C 12 ? D 5  ? C 13 ? D 4  ? 
1 B DG 13 1_555 C DC 4  1_555 B DC 14 1_555 C DG 3  1_555 0.574  0.529  3.423 4.351  2.291  31.463 0.519  -0.201 3.497 4.193  
-7.963 31.835 12 CC_DG13DC14:DG3DC4_DD C 13 ? D 4  ? C 14 ? D 3  ? 
1 B DC 14 1_555 C DG 3  1_555 B DG 15 1_555 C DC 2  1_555 -0.554 0.838  3.363 -1.443 6.525  36.786 0.402  0.665  3.474 10.235 
2.263  37.367 13 CC_DC14DG15:DC2DG3_DD C 14 ? D 3  ? C 15 ? D 2  ? 
# 
_pdbx_audit_support.funding_organization   'National Natural Science Foundation of China' 
_pdbx_audit_support.country                China 
_pdbx_audit_support.grant_number           31670740 
_pdbx_audit_support.ordinal                1 
# 
_pdbx_entity_nonpoly.entity_id   4 
_pdbx_entity_nonpoly.name        'ZINC ION' 
_pdbx_entity_nonpoly.comp_id     ZN 
# 
_pdbx_initial_refinement_model.id               1 
_pdbx_initial_refinement_model.entity_id_list   ? 
_pdbx_initial_refinement_model.type             'experimental model' 
_pdbx_initial_refinement_model.source_name      PDB 
_pdbx_initial_refinement_model.accession_code   2AYD 
_pdbx_initial_refinement_model.details          ? 
# 
_pdbx_struct_assembly_auth_evidence.id                     1 
_pdbx_struct_assembly_auth_evidence.assembly_id            1 
_pdbx_struct_assembly_auth_evidence.experimental_support   'gel filtration' 
_pdbx_struct_assembly_auth_evidence.details                ? 
# 
